data_3IIK
# 
_entry.id   3IIK 
# 
_audit_conform.dict_name       mmcif_pdbx.dic 
_audit_conform.dict_version    5.378 
_audit_conform.dict_location   http://mmcif.pdb.org/dictionaries/ascii/mmcif_pdbx.dic 
# 
loop_
_database_2.database_id 
_database_2.database_code 
_database_2.pdbx_database_accession 
_database_2.pdbx_DOI 
PDB   3IIK         pdb_00003iik 10.2210/pdb3iik/pdb 
RCSB  RCSB054455   ?            ?                   
WWPDB D_1000054455 ?            ?                   
# 
loop_
_pdbx_database_related.db_name 
_pdbx_database_related.db_id 
_pdbx_database_related.details 
_pdbx_database_related.content_type 
PDB 1RKB 'The structure of adrenal gland protein AD-004'                        unspecified 
PDB 3IIJ 'The structure of hCINAP-ADP complex at 1.76 angstroms resolution.'    unspecified 
PDB 3IIL 'The structure of hCINAP-MgADP-Pi complex at 2.0 angstroms resolution' unspecified 
PDB 3IIM 'The structure of hCINAP-dADP complex at 2.0 angstroms resolution'     unspecified 
# 
_pdbx_database_status.status_code                     REL 
_pdbx_database_status.entry_id                        3IIK 
_pdbx_database_status.recvd_initial_deposition_date   2009-08-02 
_pdbx_database_status.deposit_site                    RCSB 
_pdbx_database_status.process_site                    RCSB 
_pdbx_database_status.status_code_sf                  REL 
_pdbx_database_status.status_code_mr                  ? 
_pdbx_database_status.SG_entry                        ? 
_pdbx_database_status.status_code_cs                  ? 
_pdbx_database_status.pdb_format_compatible           Y 
_pdbx_database_status.status_code_nmr_data            ? 
_pdbx_database_status.methods_development_category    ? 
# 
loop_
_audit_author.name 
_audit_author.pdbx_ordinal 
'Zographos, S.E.' 1 
'Drakou, C.E.'    2 
'Leonidas, D.D.'  3 
# 
_citation.id                        primary 
_citation.title                     
'hCINAP is an atypical mammalian nuclear adenylate kinase with an ATPase motif: Structural and functional studies.' 
_citation.journal_abbrev            Proteins 
_citation.journal_volume            80 
_citation.page_first                206 
_citation.page_last                 220 
_citation.year                      2012 
_citation.journal_id_ASTM           PSFGEY 
_citation.country                   US 
_citation.journal_id_ISSN           0887-3585 
_citation.journal_id_CSD            0867 
_citation.book_publisher            ? 
_citation.pdbx_database_id_PubMed   22038794 
_citation.pdbx_database_id_DOI      10.1002/prot.23186 
# 
loop_
_citation_author.citation_id 
_citation_author.name 
_citation_author.ordinal 
_citation_author.identifier_ORCID 
primary 'Drakou, C.E.'      1 ? 
primary 'Malekkou, A.'      2 ? 
primary 'Hayes, J.M.'       3 ? 
primary 'Lederer, C.W.'     4 ? 
primary 'Leonidas, D.D.'    5 ? 
primary 'Oikonomakos, N.G.' 6 ? 
primary 'Lamond, A.I.'      7 ? 
primary 'Santama, N.'       8 ? 
primary 'Zographos, S.E.'   9 ? 
# 
_cell.entry_id           3IIK 
_cell.length_a           98.670 
_cell.length_b           98.670 
_cell.length_c           57.650 
_cell.angle_alpha        90.00 
_cell.angle_beta         90.00 
_cell.angle_gamma        120.00 
_cell.Z_PDB              6 
_cell.pdbx_unique_axis   ? 
_cell.length_a_esd       ? 
_cell.length_b_esd       ? 
_cell.length_c_esd       ? 
_cell.angle_alpha_esd    ? 
_cell.angle_beta_esd     ? 
_cell.angle_gamma_esd    ? 
# 
_symmetry.entry_id                         3IIK 
_symmetry.space_group_name_H-M             'P 61' 
_symmetry.pdbx_full_space_group_name_H-M   ? 
_symmetry.cell_setting                     ? 
_symmetry.Int_Tables_number                169 
_symmetry.space_group_name_Hall            ? 
# 
loop_
_entity.id 
_entity.type 
_entity.src_method 
_entity.pdbx_description 
_entity.formula_weight 
_entity.pdbx_number_of_molecules 
_entity.pdbx_ec 
_entity.pdbx_mutation 
_entity.pdbx_fragment 
_entity.details 
1 polymer     man 'Coilin-interacting nuclear ATPase protein' 20867.262 1   2.7.4.3 ? ? ? 
2 non-polymer syn 'SULFATE ION'                               96.063    5   ?       ? ? ? 
3 water       nat water                                       18.015    199 ?       ? ? ? 
# 
_entity_name_com.entity_id   1 
_entity_name_com.name        
;Coilin-interacting nuclear ATPase protein, TAF9 RNA polymerase II, TATA box binding protein (TBP)-associated factor, 32kDa, isoform CRA_b, human adenylate kinase 6
;
# 
_entity_poly.entity_id                      1 
_entity_poly.type                           'polypeptide(L)' 
_entity_poly.nstd_linkage                   no 
_entity_poly.nstd_monomer                   no 
_entity_poly.pdbx_seq_one_letter_code       
;GPLGSPEFMLLPNILLTGTPGVGKTTLGKELASKSGLKYINVGDLAREEQLYDGYDEEYDCPILDEDRVVDELDNQMREG
GVIVDYHGCDFFPERWFHIVFVLRTDTNVLYERLETRGYNEKKLTDNIQCEIFQVLYEEATASYKEEIVHQLPSNKPEEL
ENNVDQILKWIEQWIKDHNS
;
_entity_poly.pdbx_seq_one_letter_code_can   
;GPLGSPEFMLLPNILLTGTPGVGKTTLGKELASKSGLKYINVGDLAREEQLYDGYDEEYDCPILDEDRVVDELDNQMREG
GVIVDYHGCDFFPERWFHIVFVLRTDTNVLYERLETRGYNEKKLTDNIQCEIFQVLYEEATASYKEEIVHQLPSNKPEEL
ENNVDQILKWIEQWIKDHNS
;
_entity_poly.pdbx_strand_id                 A 
_entity_poly.pdbx_target_identifier         ? 
# 
loop_
_entity_poly_seq.entity_id 
_entity_poly_seq.num 
_entity_poly_seq.mon_id 
_entity_poly_seq.hetero 
1 1   GLY n 
1 2   PRO n 
1 3   LEU n 
1 4   GLY n 
1 5   SER n 
1 6   PRO n 
1 7   GLU n 
1 8   PHE n 
1 9   MET n 
1 10  LEU n 
1 11  LEU n 
1 12  PRO n 
1 13  ASN n 
1 14  ILE n 
1 15  LEU n 
1 16  LEU n 
1 17  THR n 
1 18  GLY n 
1 19  THR n 
1 20  PRO n 
1 21  GLY n 
1 22  VAL n 
1 23  GLY n 
1 24  LYS n 
1 25  THR n 
1 26  THR n 
1 27  LEU n 
1 28  GLY n 
1 29  LYS n 
1 30  GLU n 
1 31  LEU n 
1 32  ALA n 
1 33  SER n 
1 34  LYS n 
1 35  SER n 
1 36  GLY n 
1 37  LEU n 
1 38  LYS n 
1 39  TYR n 
1 40  ILE n 
1 41  ASN n 
1 42  VAL n 
1 43  GLY n 
1 44  ASP n 
1 45  LEU n 
1 46  ALA n 
1 47  ARG n 
1 48  GLU n 
1 49  GLU n 
1 50  GLN n 
1 51  LEU n 
1 52  TYR n 
1 53  ASP n 
1 54  GLY n 
1 55  TYR n 
1 56  ASP n 
1 57  GLU n 
1 58  GLU n 
1 59  TYR n 
1 60  ASP n 
1 61  CYS n 
1 62  PRO n 
1 63  ILE n 
1 64  LEU n 
1 65  ASP n 
1 66  GLU n 
1 67  ASP n 
1 68  ARG n 
1 69  VAL n 
1 70  VAL n 
1 71  ASP n 
1 72  GLU n 
1 73  LEU n 
1 74  ASP n 
1 75  ASN n 
1 76  GLN n 
1 77  MET n 
1 78  ARG n 
1 79  GLU n 
1 80  GLY n 
1 81  GLY n 
1 82  VAL n 
1 83  ILE n 
1 84  VAL n 
1 85  ASP n 
1 86  TYR n 
1 87  HIS n 
1 88  GLY n 
1 89  CYS n 
1 90  ASP n 
1 91  PHE n 
1 92  PHE n 
1 93  PRO n 
1 94  GLU n 
1 95  ARG n 
1 96  TRP n 
1 97  PHE n 
1 98  HIS n 
1 99  ILE n 
1 100 VAL n 
1 101 PHE n 
1 102 VAL n 
1 103 LEU n 
1 104 ARG n 
1 105 THR n 
1 106 ASP n 
1 107 THR n 
1 108 ASN n 
1 109 VAL n 
1 110 LEU n 
1 111 TYR n 
1 112 GLU n 
1 113 ARG n 
1 114 LEU n 
1 115 GLU n 
1 116 THR n 
1 117 ARG n 
1 118 GLY n 
1 119 TYR n 
1 120 ASN n 
1 121 GLU n 
1 122 LYS n 
1 123 LYS n 
1 124 LEU n 
1 125 THR n 
1 126 ASP n 
1 127 ASN n 
1 128 ILE n 
1 129 GLN n 
1 130 CYS n 
1 131 GLU n 
1 132 ILE n 
1 133 PHE n 
1 134 GLN n 
1 135 VAL n 
1 136 LEU n 
1 137 TYR n 
1 138 GLU n 
1 139 GLU n 
1 140 ALA n 
1 141 THR n 
1 142 ALA n 
1 143 SER n 
1 144 TYR n 
1 145 LYS n 
1 146 GLU n 
1 147 GLU n 
1 148 ILE n 
1 149 VAL n 
1 150 HIS n 
1 151 GLN n 
1 152 LEU n 
1 153 PRO n 
1 154 SER n 
1 155 ASN n 
1 156 LYS n 
1 157 PRO n 
1 158 GLU n 
1 159 GLU n 
1 160 LEU n 
1 161 GLU n 
1 162 ASN n 
1 163 ASN n 
1 164 VAL n 
1 165 ASP n 
1 166 GLN n 
1 167 ILE n 
1 168 LEU n 
1 169 LYS n 
1 170 TRP n 
1 171 ILE n 
1 172 GLU n 
1 173 GLN n 
1 174 TRP n 
1 175 ILE n 
1 176 LYS n 
1 177 ASP n 
1 178 HIS n 
1 179 ASN n 
1 180 SER n 
# 
_entity_src_gen.entity_id                          1 
_entity_src_gen.pdbx_src_id                        1 
_entity_src_gen.pdbx_alt_source_flag               sample 
_entity_src_gen.pdbx_seq_type                      ? 
_entity_src_gen.pdbx_beg_seq_num                   ? 
_entity_src_gen.pdbx_end_seq_num                   ? 
_entity_src_gen.gene_src_common_name               human 
_entity_src_gen.gene_src_genus                     ? 
_entity_src_gen.pdbx_gene_src_gene                 'CINAP, TAF9, hCG_37060' 
_entity_src_gen.gene_src_species                   ? 
_entity_src_gen.gene_src_strain                    ? 
_entity_src_gen.gene_src_tissue                    ? 
_entity_src_gen.gene_src_tissue_fraction           ? 
_entity_src_gen.gene_src_details                   ? 
_entity_src_gen.pdbx_gene_src_fragment             ? 
_entity_src_gen.pdbx_gene_src_scientific_name      'Homo sapiens' 
_entity_src_gen.pdbx_gene_src_ncbi_taxonomy_id     9606 
_entity_src_gen.pdbx_gene_src_variant              ? 
_entity_src_gen.pdbx_gene_src_cell_line            ? 
_entity_src_gen.pdbx_gene_src_atcc                 ? 
_entity_src_gen.pdbx_gene_src_organ                ? 
_entity_src_gen.pdbx_gene_src_organelle            ? 
_entity_src_gen.pdbx_gene_src_cell                 ? 
_entity_src_gen.pdbx_gene_src_cellular_location    ? 
_entity_src_gen.host_org_common_name               ? 
_entity_src_gen.pdbx_host_org_scientific_name      'Escherichia coli' 
_entity_src_gen.pdbx_host_org_ncbi_taxonomy_id     562 
_entity_src_gen.host_org_genus                     ? 
_entity_src_gen.pdbx_host_org_gene                 ? 
_entity_src_gen.pdbx_host_org_organ                ? 
_entity_src_gen.host_org_species                   ? 
_entity_src_gen.pdbx_host_org_tissue               ? 
_entity_src_gen.pdbx_host_org_tissue_fraction      ? 
_entity_src_gen.pdbx_host_org_strain               ? 
_entity_src_gen.pdbx_host_org_variant              ? 
_entity_src_gen.pdbx_host_org_cell_line            ? 
_entity_src_gen.pdbx_host_org_atcc                 ? 
_entity_src_gen.pdbx_host_org_culture_collection   ? 
_entity_src_gen.pdbx_host_org_cell                 ? 
_entity_src_gen.pdbx_host_org_organelle            ? 
_entity_src_gen.pdbx_host_org_cellular_location    ? 
_entity_src_gen.pdbx_host_org_vector_type          PLASMID 
_entity_src_gen.pdbx_host_org_vector               ? 
_entity_src_gen.host_org_details                   ? 
_entity_src_gen.expression_system_id               ? 
_entity_src_gen.plasmid_name                       pGEX-6P-3 
_entity_src_gen.plasmid_details                    ? 
_entity_src_gen.pdbx_description                   ? 
# 
_struct_ref.id                         1 
_struct_ref.db_name                    UNP 
_struct_ref.db_code                    Q5F2S9_HUMAN 
_struct_ref.pdbx_db_accession          Q5F2S9 
_struct_ref.entity_id                  1 
_struct_ref.pdbx_seq_one_letter_code   
;MLLPNILLTGTPGVGKTTLGKELASKSGLKYINVGDLAREEQLYDGYDEEYDCPILDEDRVVDELDNQMREGGVIVDYHG
CDFFPERWFHIVFVLRTDTNVLYERLETRGYNEKKLTDNIQCEIFQVLYEEATASYKEEIVHQLPSNKPEELENNVDQIL
KWIEQWIKDHNS
;
_struct_ref.pdbx_align_begin           1 
_struct_ref.pdbx_db_isoform            ? 
# 
_struct_ref_seq.align_id                      1 
_struct_ref_seq.ref_id                        1 
_struct_ref_seq.pdbx_PDB_id_code              3IIK 
_struct_ref_seq.pdbx_strand_id                A 
_struct_ref_seq.seq_align_beg                 9 
_struct_ref_seq.pdbx_seq_align_beg_ins_code   ? 
_struct_ref_seq.seq_align_end                 180 
_struct_ref_seq.pdbx_seq_align_end_ins_code   ? 
_struct_ref_seq.pdbx_db_accession             Q5F2S9 
_struct_ref_seq.db_align_beg                  1 
_struct_ref_seq.pdbx_db_align_beg_ins_code    ? 
_struct_ref_seq.db_align_end                  172 
_struct_ref_seq.pdbx_db_align_end_ins_code    ? 
_struct_ref_seq.pdbx_auth_seq_align_beg       1 
_struct_ref_seq.pdbx_auth_seq_align_end       172 
# 
loop_
_struct_ref_seq_dif.align_id 
_struct_ref_seq_dif.pdbx_pdb_id_code 
_struct_ref_seq_dif.mon_id 
_struct_ref_seq_dif.pdbx_pdb_strand_id 
_struct_ref_seq_dif.seq_num 
_struct_ref_seq_dif.pdbx_pdb_ins_code 
_struct_ref_seq_dif.pdbx_seq_db_name 
_struct_ref_seq_dif.pdbx_seq_db_accession_code 
_struct_ref_seq_dif.db_mon_id 
_struct_ref_seq_dif.pdbx_seq_db_seq_num 
_struct_ref_seq_dif.details 
_struct_ref_seq_dif.pdbx_auth_seq_num 
_struct_ref_seq_dif.pdbx_ordinal 
1 3IIK GLY A 1 ? UNP Q5F2S9 ? ? 'expression tag' -7 1 
1 3IIK PRO A 2 ? UNP Q5F2S9 ? ? 'expression tag' -6 2 
1 3IIK LEU A 3 ? UNP Q5F2S9 ? ? 'expression tag' -5 3 
1 3IIK GLY A 4 ? UNP Q5F2S9 ? ? 'expression tag' -4 4 
1 3IIK SER A 5 ? UNP Q5F2S9 ? ? 'expression tag' -3 5 
1 3IIK PRO A 6 ? UNP Q5F2S9 ? ? 'expression tag' -2 6 
1 3IIK GLU A 7 ? UNP Q5F2S9 ? ? 'expression tag' -1 7 
1 3IIK PHE A 8 ? UNP Q5F2S9 ? ? 'expression tag' 0  8 
# 
loop_
_chem_comp.id 
_chem_comp.type 
_chem_comp.mon_nstd_flag 
_chem_comp.name 
_chem_comp.pdbx_synonyms 
_chem_comp.formula 
_chem_comp.formula_weight 
ALA 'L-peptide linking' y ALANINE         ? 'C3 H7 N O2'     89.093  
ARG 'L-peptide linking' y ARGININE        ? 'C6 H15 N4 O2 1' 175.209 
ASN 'L-peptide linking' y ASPARAGINE      ? 'C4 H8 N2 O3'    132.118 
ASP 'L-peptide linking' y 'ASPARTIC ACID' ? 'C4 H7 N O4'     133.103 
CYS 'L-peptide linking' y CYSTEINE        ? 'C3 H7 N O2 S'   121.158 
GLN 'L-peptide linking' y GLUTAMINE       ? 'C5 H10 N2 O3'   146.144 
GLU 'L-peptide linking' y 'GLUTAMIC ACID' ? 'C5 H9 N O4'     147.129 
GLY 'peptide linking'   y GLYCINE         ? 'C2 H5 N O2'     75.067  
HIS 'L-peptide linking' y HISTIDINE       ? 'C6 H10 N3 O2 1' 156.162 
HOH non-polymer         . WATER           ? 'H2 O'           18.015  
ILE 'L-peptide linking' y ISOLEUCINE      ? 'C6 H13 N O2'    131.173 
LEU 'L-peptide linking' y LEUCINE         ? 'C6 H13 N O2'    131.173 
LYS 'L-peptide linking' y LYSINE          ? 'C6 H15 N2 O2 1' 147.195 
MET 'L-peptide linking' y METHIONINE      ? 'C5 H11 N O2 S'  149.211 
PHE 'L-peptide linking' y PHENYLALANINE   ? 'C9 H11 N O2'    165.189 
PRO 'L-peptide linking' y PROLINE         ? 'C5 H9 N O2'     115.130 
SER 'L-peptide linking' y SERINE          ? 'C3 H7 N O3'     105.093 
SO4 non-polymer         . 'SULFATE ION'   ? 'O4 S -2'        96.063  
THR 'L-peptide linking' y THREONINE       ? 'C4 H9 N O3'     119.119 
TRP 'L-peptide linking' y TRYPTOPHAN      ? 'C11 H12 N2 O2'  204.225 
TYR 'L-peptide linking' y TYROSINE        ? 'C9 H11 N O3'    181.189 
VAL 'L-peptide linking' y VALINE          ? 'C5 H11 N O2'    117.146 
# 
_exptl.entry_id          3IIK 
_exptl.method            'X-RAY DIFFRACTION' 
_exptl.crystals_number   1 
# 
_exptl_crystal.id                    1 
_exptl_crystal.density_meas          ? 
_exptl_crystal.density_Matthews      3.88 
_exptl_crystal.density_percent_sol   68.32 
_exptl_crystal.description           ? 
_exptl_crystal.F_000                 ? 
_exptl_crystal.preparation           ? 
# 
_exptl_crystal_grow.crystal_id      1 
_exptl_crystal_grow.method          'VAPOR DIFFUSION, HANGING DROP' 
_exptl_crystal_grow.temp            293 
_exptl_crystal_grow.temp_details    ? 
_exptl_crystal_grow.pH              7.5 
_exptl_crystal_grow.pdbx_details    
'0.1 M HEPES pH 7.5, 1.5 M Li2SO4, 0.2 M NaCl, 0.5 mM DTT, VAPOR DIFFUSION, HANGING DROP, temperature 293K' 
_exptl_crystal_grow.pdbx_pH_range   ? 
# 
_diffrn.id                     1 
_diffrn.ambient_temp           100 
_diffrn.ambient_temp_details   ? 
_diffrn.crystal_id             1 
# 
_diffrn_detector.diffrn_id              1 
_diffrn_detector.detector               CCD 
_diffrn_detector.type                   'MARMOSAIC 225 mm CCD' 
_diffrn_detector.pdbx_collection_date   2007-11-17 
_diffrn_detector.details                'Rh Coated mirrors' 
# 
_diffrn_radiation.diffrn_id                        1 
_diffrn_radiation.wavelength_id                    1 
_diffrn_radiation.pdbx_monochromatic_or_laue_m_l   M 
_diffrn_radiation.monochromator                    'double crystal monochromator with sagittal focussing' 
_diffrn_radiation.pdbx_diffrn_protocol             'SINGLE WAVELENGTH' 
_diffrn_radiation.pdbx_scattering_type             x-ray 
# 
_diffrn_radiation_wavelength.id           1 
_diffrn_radiation_wavelength.wavelength   1.04498 
_diffrn_radiation_wavelength.wt           1.0 
# 
_diffrn_source.diffrn_id                   1 
_diffrn_source.source                      SYNCHROTRON 
_diffrn_source.type                        'SRS BEAMLINE PX10.1' 
_diffrn_source.pdbx_synchrotron_site       SRS 
_diffrn_source.pdbx_synchrotron_beamline   PX10.1 
_diffrn_source.pdbx_wavelength             ? 
_diffrn_source.pdbx_wavelength_list        1.04498 
# 
_reflns.entry_id                     3IIK 
_reflns.observed_criterion_sigma_I   2 
_reflns.observed_criterion_sigma_F   ? 
_reflns.d_resolution_low             85.4 
_reflns.d_resolution_high            1.95 
_reflns.number_obs                   23444 
_reflns.number_all                   23468 
_reflns.percent_possible_obs         99.9 
_reflns.pdbx_Rmerge_I_obs            ? 
_reflns.pdbx_Rsym_value              0.05 
_reflns.pdbx_netI_over_sigmaI        25.8 
_reflns.B_iso_Wilson_estimate        34.2 
_reflns.pdbx_redundancy              8 
_reflns.R_free_details               ? 
_reflns.limit_h_max                  ? 
_reflns.limit_h_min                  ? 
_reflns.limit_k_max                  ? 
_reflns.limit_k_min                  ? 
_reflns.limit_l_max                  ? 
_reflns.limit_l_min                  ? 
_reflns.observed_criterion_F_max     ? 
_reflns.observed_criterion_F_min     ? 
_reflns.pdbx_chi_squared             ? 
_reflns.pdbx_scaling_rejects         ? 
_reflns.pdbx_ordinal                 1 
_reflns.pdbx_diffrn_id               1 
# 
_reflns_shell.d_res_high             1.95 
_reflns_shell.d_res_low              2.06 
_reflns_shell.percent_possible_all   100 
_reflns_shell.Rmerge_I_obs           ? 
_reflns_shell.pdbx_Rsym_value        0.449 
_reflns_shell.meanI_over_sigI_obs    4.5 
_reflns_shell.pdbx_redundancy        8 
_reflns_shell.percent_possible_obs   ? 
_reflns_shell.number_unique_all      ? 
_reflns_shell.number_measured_all    ? 
_reflns_shell.number_measured_obs    ? 
_reflns_shell.number_unique_obs      ? 
_reflns_shell.pdbx_chi_squared       ? 
_reflns_shell.pdbx_ordinal           1 
_reflns_shell.pdbx_diffrn_id         1 
# 
_refine.entry_id                                 3IIK 
_refine.pdbx_TLS_residual_ADP_flag               'LIKELY RESIDUAL' 
_refine.ls_number_reflns_obs                     22238 
_refine.ls_number_reflns_all                     23444 
_refine.pdbx_ls_sigma_I                          ? 
_refine.pdbx_ls_sigma_F                          2 
_refine.pdbx_data_cutoff_high_absF               ? 
_refine.pdbx_data_cutoff_low_absF                ? 
_refine.pdbx_data_cutoff_high_rms_absF           ? 
_refine.ls_d_res_low                             24.89 
_refine.ls_d_res_high                            1.95 
_refine.ls_percent_reflns_obs                    99.87 
_refine.ls_R_factor_obs                          0.18107 
_refine.ls_R_factor_all                          0.18107 
_refine.ls_R_factor_R_work                       0.17977 
_refine.ls_R_factor_R_free                       0.20559 
_refine.ls_R_factor_R_free_error                 ? 
_refine.ls_R_factor_R_free_error_details         ? 
_refine.ls_percent_reflns_R_free                 5.1 
_refine.ls_number_reflns_R_free                  1202 
_refine.ls_number_parameters                     ? 
_refine.ls_number_restraints                     ? 
_refine.occupancy_min                            ? 
_refine.occupancy_max                            ? 
_refine.correlation_coeff_Fo_to_Fc               0.963 
_refine.correlation_coeff_Fo_to_Fc_free          0.955 
_refine.B_iso_mean                               21.198 
_refine.aniso_B[1][1]                            0.01 
_refine.aniso_B[2][2]                            0.01 
_refine.aniso_B[3][3]                            -0.02 
_refine.aniso_B[1][2]                            0.01 
_refine.aniso_B[1][3]                            0.00 
_refine.aniso_B[2][3]                            0.00 
_refine.solvent_model_details                    MASK 
_refine.solvent_model_param_ksol                 ? 
_refine.solvent_model_param_bsol                 ? 
_refine.pdbx_solvent_vdw_probe_radii             1.40 
_refine.pdbx_solvent_ion_probe_radii             0.80 
_refine.pdbx_solvent_shrinkage_radii             0.80 
_refine.pdbx_ls_cross_valid_method               THROUGHOUT 
_refine.details                                  'HYDROGENS HAVE BEEN ADDED IN THE RIDING POSITIONS' 
_refine.pdbx_starting_model                      1RKB 
_refine.pdbx_method_to_determine_struct          'MOLECULAR REPLACEMENT' 
_refine.pdbx_isotropic_thermal_model             ? 
_refine.pdbx_stereochemistry_target_values       'MAXIMUM LIKELIHOOD' 
_refine.pdbx_stereochem_target_val_spec_case     ? 
_refine.pdbx_R_Free_selection_details            RANDOM 
_refine.pdbx_overall_ESU_R                       0.118 
_refine.pdbx_overall_ESU_R_Free                  0.112 
_refine.overall_SU_ML                            0.076 
_refine.overall_SU_B                             5.601 
_refine.ls_redundancy_reflns_obs                 ? 
_refine.B_iso_min                                ? 
_refine.B_iso_max                                ? 
_refine.overall_SU_R_Cruickshank_DPI             ? 
_refine.overall_SU_R_free                        ? 
_refine.ls_wR_factor_R_free                      ? 
_refine.ls_wR_factor_R_work                      ? 
_refine.overall_FOM_free_R_set                   ? 
_refine.overall_FOM_work_R_set                   ? 
_refine.pdbx_overall_phase_error                 ? 
_refine.pdbx_refine_id                           'X-RAY DIFFRACTION' 
_refine.pdbx_diffrn_id                           1 
_refine.pdbx_overall_SU_R_free_Cruickshank_DPI   ? 
_refine.pdbx_overall_SU_R_Blow_DPI               ? 
_refine.pdbx_overall_SU_R_free_Blow_DPI          ? 
# 
_refine_hist.pdbx_refine_id                   'X-RAY DIFFRACTION' 
_refine_hist.cycle_id                         LAST 
_refine_hist.pdbx_number_atoms_protein        1441 
_refine_hist.pdbx_number_atoms_nucleic_acid   0 
_refine_hist.pdbx_number_atoms_ligand         25 
_refine_hist.number_atoms_solvent             199 
_refine_hist.number_atoms_total               1665 
_refine_hist.d_res_high                       1.95 
_refine_hist.d_res_low                        24.89 
# 
loop_
_refine_ls_restr.type 
_refine_ls_restr.dev_ideal 
_refine_ls_restr.dev_ideal_target 
_refine_ls_restr.weight 
_refine_ls_restr.number 
_refine_ls_restr.pdbx_refine_id 
_refine_ls_restr.pdbx_restraint_function 
r_bond_refined_d       0.009  0.022  ? 1521 'X-RAY DIFFRACTION' ? 
r_angle_refined_deg    1.113  1.978  ? 2074 'X-RAY DIFFRACTION' ? 
r_dihedral_angle_1_deg 4.896  5.000  ? 184  'X-RAY DIFFRACTION' ? 
r_dihedral_angle_2_deg 38.816 25.765 ? 85   'X-RAY DIFFRACTION' ? 
r_dihedral_angle_3_deg 13.523 15.000 ? 267  'X-RAY DIFFRACTION' ? 
r_dihedral_angle_4_deg 10.399 15.000 ? 7    'X-RAY DIFFRACTION' ? 
r_chiral_restr         0.084  0.200  ? 221  'X-RAY DIFFRACTION' ? 
r_gen_planes_refined   0.004  0.021  ? 1171 'X-RAY DIFFRACTION' ? 
r_mcbond_it            0.499  1.500  ? 886  'X-RAY DIFFRACTION' ? 
r_mcangle_it           0.946  2.000  ? 1445 'X-RAY DIFFRACTION' ? 
r_scbond_it            1.583  3.000  ? 635  'X-RAY DIFFRACTION' ? 
r_scangle_it           2.659  4.500  ? 624  'X-RAY DIFFRACTION' ? 
# 
_refine_ls_shell.pdbx_total_number_of_bins_used   20 
_refine_ls_shell.d_res_high                       1.950 
_refine_ls_shell.d_res_low                        2.00 
_refine_ls_shell.number_reflns_R_work             1648 
_refine_ls_shell.R_factor_R_work                  0.231 
_refine_ls_shell.percent_reflns_obs               100.00 
_refine_ls_shell.R_factor_R_free                  0.288 
_refine_ls_shell.R_factor_R_free_error            ? 
_refine_ls_shell.percent_reflns_R_free            ? 
_refine_ls_shell.number_reflns_R_free             89 
_refine_ls_shell.number_reflns_all                ? 
_refine_ls_shell.R_factor_all                     ? 
_refine_ls_shell.number_reflns_obs                ? 
_refine_ls_shell.redundancy_reflns_obs            ? 
_refine_ls_shell.pdbx_refine_id                   'X-RAY DIFFRACTION' 
# 
_struct.entry_id                  3IIK 
_struct.title                     'The structure of hCINAP-SO4 complex at 1.95 angstroms resolution' 
_struct.pdbx_model_details        ? 
_struct.pdbx_CASP_flag            ? 
_struct.pdbx_model_type_details   ? 
# 
_struct_keywords.entry_id        3IIK 
_struct_keywords.pdbx_keywords   'PROTEIN BINDING, TRANSFERASE' 
_struct_keywords.text            'Alpha and beta proteins (a/b), PROTEIN BINDING, TRANSFERASE, phosphotransferase' 
# 
loop_
_struct_asym.id 
_struct_asym.pdbx_blank_PDB_chainid_flag 
_struct_asym.pdbx_modified 
_struct_asym.entity_id 
_struct_asym.details 
A N N 1 ? 
B N N 2 ? 
C N N 2 ? 
D N N 2 ? 
E N N 2 ? 
F N N 2 ? 
G N N 3 ? 
# 
_struct_biol.id        1 
_struct_biol.details   ? 
# 
loop_
_struct_conf.conf_type_id 
_struct_conf.id 
_struct_conf.pdbx_PDB_helix_id 
_struct_conf.beg_label_comp_id 
_struct_conf.beg_label_asym_id 
_struct_conf.beg_label_seq_id 
_struct_conf.pdbx_beg_PDB_ins_code 
_struct_conf.end_label_comp_id 
_struct_conf.end_label_asym_id 
_struct_conf.end_label_seq_id 
_struct_conf.pdbx_end_PDB_ins_code 
_struct_conf.beg_auth_comp_id 
_struct_conf.beg_auth_asym_id 
_struct_conf.beg_auth_seq_id 
_struct_conf.end_auth_comp_id 
_struct_conf.end_auth_asym_id 
_struct_conf.end_auth_seq_id 
_struct_conf.pdbx_PDB_helix_class 
_struct_conf.details 
_struct_conf.pdbx_PDB_helix_length 
HELX_P HELX_P1 1 GLY A 23  ? GLY A 36  ? GLY A 15  GLY A 28  1 ? 14 
HELX_P HELX_P2 2 VAL A 42  ? GLN A 50  ? VAL A 34  GLN A 42  1 ? 9  
HELX_P HELX_P3 3 ASP A 65  ? GLY A 80  ? ASP A 57  GLY A 72  1 ? 16 
HELX_P HELX_P4 4 PRO A 93  ? PHE A 97  ? PRO A 85  PHE A 89  5 ? 5  
HELX_P HELX_P5 5 ASP A 106 ? ARG A 117 ? ASP A 98  ARG A 109 1 ? 12 
HELX_P HELX_P6 6 ASN A 120 ? PHE A 133 ? ASN A 112 PHE A 125 1 ? 14 
HELX_P HELX_P7 7 GLN A 134 ? TYR A 144 ? GLN A 126 TYR A 136 1 ? 11 
HELX_P HELX_P8 8 LYS A 145 ? GLU A 147 ? LYS A 137 GLU A 139 5 ? 3  
HELX_P HELX_P9 9 LYS A 156 ? HIS A 178 ? LYS A 148 HIS A 170 1 ? 23 
# 
_struct_conf_type.id          HELX_P 
_struct_conf_type.criteria    ? 
_struct_conf_type.reference   ? 
# 
loop_
_struct_sheet.id 
_struct_sheet.type 
_struct_sheet.number_strands 
_struct_sheet.details 
A ? 5 ? 
B ? 2 ? 
# 
loop_
_struct_sheet_order.sheet_id 
_struct_sheet_order.range_id_1 
_struct_sheet_order.range_id_2 
_struct_sheet_order.offset 
_struct_sheet_order.sense 
A 1 2 ? parallel      
A 2 3 ? parallel      
A 3 4 ? parallel      
A 4 5 ? parallel      
B 1 2 ? anti-parallel 
# 
loop_
_struct_sheet_range.sheet_id 
_struct_sheet_range.id 
_struct_sheet_range.beg_label_comp_id 
_struct_sheet_range.beg_label_asym_id 
_struct_sheet_range.beg_label_seq_id 
_struct_sheet_range.pdbx_beg_PDB_ins_code 
_struct_sheet_range.end_label_comp_id 
_struct_sheet_range.end_label_asym_id 
_struct_sheet_range.end_label_seq_id 
_struct_sheet_range.pdbx_end_PDB_ins_code 
_struct_sheet_range.beg_auth_comp_id 
_struct_sheet_range.beg_auth_asym_id 
_struct_sheet_range.beg_auth_seq_id 
_struct_sheet_range.end_auth_comp_id 
_struct_sheet_range.end_auth_asym_id 
_struct_sheet_range.end_auth_seq_id 
A 1 LYS A 38  ? ASN A 41  ? LYS A 30  ASN A 33  
A 2 VAL A 82  ? ASP A 85  ? VAL A 74  ASP A 77  
A 3 ILE A 14  ? THR A 17  ? ILE A 6   THR A 9   
A 4 ILE A 99  ? ARG A 104 ? ILE A 91  ARG A 96  
A 5 VAL A 149 ? PRO A 153 ? VAL A 141 PRO A 145 
B 1 TYR A 52  ? ASP A 56  ? TYR A 44  ASP A 48  
B 2 CYS A 61  ? LEU A 64  ? CYS A 53  LEU A 56  
# 
loop_
_pdbx_struct_sheet_hbond.sheet_id 
_pdbx_struct_sheet_hbond.range_id_1 
_pdbx_struct_sheet_hbond.range_id_2 
_pdbx_struct_sheet_hbond.range_1_label_atom_id 
_pdbx_struct_sheet_hbond.range_1_label_comp_id 
_pdbx_struct_sheet_hbond.range_1_label_asym_id 
_pdbx_struct_sheet_hbond.range_1_label_seq_id 
_pdbx_struct_sheet_hbond.range_1_PDB_ins_code 
_pdbx_struct_sheet_hbond.range_1_auth_atom_id 
_pdbx_struct_sheet_hbond.range_1_auth_comp_id 
_pdbx_struct_sheet_hbond.range_1_auth_asym_id 
_pdbx_struct_sheet_hbond.range_1_auth_seq_id 
_pdbx_struct_sheet_hbond.range_2_label_atom_id 
_pdbx_struct_sheet_hbond.range_2_label_comp_id 
_pdbx_struct_sheet_hbond.range_2_label_asym_id 
_pdbx_struct_sheet_hbond.range_2_label_seq_id 
_pdbx_struct_sheet_hbond.range_2_PDB_ins_code 
_pdbx_struct_sheet_hbond.range_2_auth_atom_id 
_pdbx_struct_sheet_hbond.range_2_auth_comp_id 
_pdbx_struct_sheet_hbond.range_2_auth_asym_id 
_pdbx_struct_sheet_hbond.range_2_auth_seq_id 
A 1 2 N ILE A 40  ? N ILE A 32 O ILE A 83  ? O ILE A 75  
A 2 3 O VAL A 84  ? O VAL A 76 N LEU A 16  ? N LEU A 8   
A 3 4 N LEU A 15  ? N LEU A 7  O PHE A 101 ? O PHE A 93  
A 4 5 N ARG A 104 ? N ARG A 96 O LEU A 152 ? O LEU A 144 
B 1 2 N GLY A 54  ? N GLY A 46 O ILE A 63  ? O ILE A 55  
# 
loop_
_struct_site.id 
_struct_site.pdbx_evidence_code 
_struct_site.pdbx_auth_asym_id 
_struct_site.pdbx_auth_comp_id 
_struct_site.pdbx_auth_seq_id 
_struct_site.pdbx_auth_ins_code 
_struct_site.pdbx_num_residues 
_struct_site.details 
AC1 Software A SO4 173 ? 10 'BINDING SITE FOR RESIDUE SO4 A 173' 
AC2 Software A SO4 174 ? 6  'BINDING SITE FOR RESIDUE SO4 A 174' 
AC3 Software A SO4 175 ? 6  'BINDING SITE FOR RESIDUE SO4 A 175' 
AC4 Software A SO4 176 ? 6  'BINDING SITE FOR RESIDUE SO4 A 176' 
AC5 Software A SO4 177 ? 5  'BINDING SITE FOR RESIDUE SO4 A 177' 
# 
loop_
_struct_site_gen.id 
_struct_site_gen.site_id 
_struct_site_gen.pdbx_num_res 
_struct_site_gen.label_comp_id 
_struct_site_gen.label_asym_id 
_struct_site_gen.label_seq_id 
_struct_site_gen.pdbx_auth_ins_code 
_struct_site_gen.auth_comp_id 
_struct_site_gen.auth_asym_id 
_struct_site_gen.auth_seq_id 
_struct_site_gen.label_atom_id 
_struct_site_gen.label_alt_id 
_struct_site_gen.symmetry 
_struct_site_gen.details 
1  AC1 10 PRO A 20  ? PRO A 12  . ? 1_555 ? 
2  AC1 10 GLY A 21  ? GLY A 13  . ? 1_555 ? 
3  AC1 10 VAL A 22  ? VAL A 14  . ? 1_555 ? 
4  AC1 10 GLY A 23  ? GLY A 15  . ? 1_555 ? 
5  AC1 10 LYS A 24  ? LYS A 16  . ? 1_555 ? 
6  AC1 10 THR A 25  ? THR A 17  . ? 1_555 ? 
7  AC1 10 ARG A 117 ? ARG A 109 . ? 1_555 ? 
8  AC1 10 HOH G .   ? HOH A 208 . ? 1_555 ? 
9  AC1 10 HOH G .   ? HOH A 212 . ? 1_555 ? 
10 AC1 10 HOH G .   ? HOH A 218 . ? 1_555 ? 
11 AC2 6  GLY A 43  ? GLY A 35  . ? 1_555 ? 
12 AC2 6  ARG A 47  ? ARG A 39  . ? 1_555 ? 
13 AC2 6  HIS A 87  ? HIS A 79  . ? 1_555 ? 
14 AC2 6  HOH G .   ? HOH A 204 . ? 1_555 ? 
15 AC2 6  HOH G .   ? HOH A 207 . ? 1_555 ? 
16 AC2 6  HOH G .   ? HOH A 231 . ? 1_555 ? 
17 AC3 6  TYR A 137 ? TYR A 129 . ? 1_555 ? 
18 AC3 6  VAL A 149 ? VAL A 141 . ? 1_555 ? 
19 AC3 6  HIS A 150 ? HIS A 142 . ? 1_555 ? 
20 AC3 6  GLN A 151 ? GLN A 143 . ? 1_555 ? 
21 AC3 6  HOH G .   ? HOH A 340 . ? 1_555 ? 
22 AC3 6  HOH G .   ? HOH A 341 . ? 1_555 ? 
23 AC4 6  LYS A 145 ? LYS A 137 . ? 1_555 ? 
24 AC4 6  GLU A 146 ? GLU A 138 . ? 1_555 ? 
25 AC4 6  GLU A 147 ? GLU A 139 . ? 1_555 ? 
26 AC4 6  HOH G .   ? HOH A 249 . ? 1_555 ? 
27 AC4 6  HOH G .   ? HOH A 299 . ? 1_555 ? 
28 AC4 6  HOH G .   ? HOH A 342 . ? 1_555 ? 
29 AC5 5  ARG A 113 ? ARG A 105 . ? 1_555 ? 
30 AC5 5  ASN A 155 ? ASN A 147 . ? 1_555 ? 
31 AC5 5  LYS A 156 ? LYS A 148 . ? 1_555 ? 
32 AC5 5  PRO A 157 ? PRO A 149 . ? 1_555 ? 
33 AC5 5  HOH G .   ? HOH A 363 . ? 1_555 ? 
# 
_atom_sites.entry_id                    3IIK 
_atom_sites.fract_transf_matrix[1][1]   -0.00863255 
_atom_sites.fract_transf_matrix[1][2]   0.00450809 
_atom_sites.fract_transf_matrix[1][3]   -0.00648911 
_atom_sites.fract_transf_matrix[2][1]   0.00125083 
_atom_sites.fract_transf_matrix[2][2]   0.01056474 
_atom_sites.fract_transf_matrix[2][3]   -0.00487668 
_atom_sites.fract_transf_matrix[3][1]   0.00681077 
_atom_sites.fract_transf_matrix[3][2]   -0.00734364 
_atom_sites.fract_transf_matrix[3][3]   -0.01416221 
_atom_sites.fract_transf_vector[1]      -0.404226 
_atom_sites.fract_transf_vector[2]      -0.044771 
_atom_sites.fract_transf_vector[3]      0.011476 
# 
loop_
_atom_type.symbol 
C 
N 
O 
S 
# 
loop_
_atom_site.group_PDB 
_atom_site.id 
_atom_site.type_symbol 
_atom_site.label_atom_id 
_atom_site.label_alt_id 
_atom_site.label_comp_id 
_atom_site.label_asym_id 
_atom_site.label_entity_id 
_atom_site.label_seq_id 
_atom_site.pdbx_PDB_ins_code 
_atom_site.Cartn_x 
_atom_site.Cartn_y 
_atom_site.Cartn_z 
_atom_site.occupancy 
_atom_site.B_iso_or_equiv 
_atom_site.pdbx_formal_charge 
_atom_site.auth_seq_id 
_atom_site.auth_comp_id 
_atom_site.auth_asym_id 
_atom_site.auth_atom_id 
_atom_site.pdbx_PDB_model_num 
ATOM   1    N N   . PRO A 1 6   ? 3.043   23.694  -3.827  1.00 22.21  ? -2  PRO A N   1 
ATOM   2    C CA  . PRO A 1 6   ? 2.917   22.813  -2.662  1.00 22.34  ? -2  PRO A CA  1 
ATOM   3    C C   . PRO A 1 6   ? 3.677   23.338  -1.445  1.00 22.27  ? -2  PRO A C   1 
ATOM   4    O O   . PRO A 1 6   ? 3.425   22.900  -0.312  1.00 22.11  ? -2  PRO A O   1 
ATOM   5    C CB  . PRO A 1 6   ? 3.536   21.497  -3.148  1.00 22.41  ? -2  PRO A CB  1 
ATOM   6    C CG  . PRO A 1 6   ? 4.509   21.898  -4.210  1.00 22.39  ? -2  PRO A CG  1 
ATOM   7    C CD  . PRO A 1 6   ? 3.984   23.168  -4.836  1.00 22.47  ? -2  PRO A CD  1 
ATOM   8    N N   . GLU A 1 7   ? 4.584   24.283  -1.705  1.00 21.96  ? -1  GLU A N   1 
ATOM   9    C CA  . GLU A 1 7   ? 5.516   24.817  -0.719  1.00 21.73  ? -1  GLU A CA  1 
ATOM   10   C C   . GLU A 1 7   ? 4.832   25.311  0.551   1.00 21.13  ? -1  GLU A C   1 
ATOM   11   O O   . GLU A 1 7   ? 3.822   26.019  0.503   1.00 21.17  ? -1  GLU A O   1 
ATOM   12   C CB  . GLU A 1 7   ? 6.357   25.937  -1.341  1.00 22.00  ? -1  GLU A CB  1 
ATOM   13   C CG  . GLU A 1 7   ? 7.733   26.099  -0.714  1.00 23.35  ? -1  GLU A CG  1 
ATOM   14   C CD  . GLU A 1 7   ? 8.650   24.917  -0.985  1.00 24.74  ? -1  GLU A CD  1 
ATOM   15   O OE1 . GLU A 1 7   ? 9.301   24.900  -2.057  1.00 25.49  ? -1  GLU A OE1 1 
ATOM   16   O OE2 . GLU A 1 7   ? 8.725   24.013  -0.120  1.00 24.83  ? -1  GLU A OE2 1 
ATOM   17   N N   . PHE A 1 8   ? 5.392   24.916  1.688   1.00 20.28  ? 0   PHE A N   1 
ATOM   18   C CA  . PHE A 1 8   ? 4.900   25.348  2.994   1.00 19.44  ? 0   PHE A CA  1 
ATOM   19   C C   . PHE A 1 8   ? 3.441   24.946  3.281   1.00 18.30  ? 0   PHE A C   1 
ATOM   20   O O   . PHE A 1 8   ? 2.736   25.635  4.021   1.00 18.14  ? 0   PHE A O   1 
ATOM   21   C CB  . PHE A 1 8   ? 5.124   26.859  3.189   1.00 19.98  ? 0   PHE A CB  1 
ATOM   22   C CG  . PHE A 1 8   ? 6.477   27.348  2.721   1.00 20.94  ? 0   PHE A CG  1 
ATOM   23   C CD1 . PHE A 1 8   ? 6.575   28.441  1.862   1.00 22.30  ? 0   PHE A CD1 1 
ATOM   24   C CD2 . PHE A 1 8   ? 7.656   26.720  3.137   1.00 22.35  ? 0   PHE A CD2 1 
ATOM   25   C CE1 . PHE A 1 8   ? 7.819   28.906  1.430   1.00 22.67  ? 0   PHE A CE1 1 
ATOM   26   C CE2 . PHE A 1 8   ? 8.906   27.173  2.708   1.00 22.24  ? 0   PHE A CE2 1 
ATOM   27   C CZ  . PHE A 1 8   ? 8.989   28.270  1.853   1.00 23.06  ? 0   PHE A CZ  1 
ATOM   28   N N   . MET A 1 9   ? 2.988   23.849  2.675   1.00 16.75  ? 1   MET A N   1 
ATOM   29   C CA  . MET A 1 9   ? 1.746   23.198  3.096   1.00 15.54  ? 1   MET A CA  1 
ATOM   30   C C   . MET A 1 9   ? 2.108   21.916  3.847   1.00 14.69  ? 1   MET A C   1 
ATOM   31   O O   . MET A 1 9   ? 2.974   21.163  3.403   1.00 14.00  ? 1   MET A O   1 
ATOM   32   C CB  . MET A 1 9   ? 0.853   22.840  1.899   1.00 16.07  ? 1   MET A CB  1 
ATOM   33   C CG  . MET A 1 9   ? 0.332   24.032  1.071   1.00 16.02  ? 1   MET A CG  1 
ATOM   34   S SD  . MET A 1 9   ? -0.769  25.102  2.022   1.00 17.62  ? 1   MET A SD  1 
ATOM   35   C CE  . MET A 1 9   ? -2.234  24.110  2.161   1.00 14.22  ? 1   MET A CE  1 
ATOM   36   N N   . LEU A 1 10  ? 1.466   21.679  4.989   1.00 13.59  ? 2   LEU A N   1 
ATOM   37   C CA  . LEU A 1 10  ? 1.522   20.374  5.633   1.00 13.50  ? 2   LEU A CA  1 
ATOM   38   C C   . LEU A 1 10  ? 0.724   19.409  4.773   1.00 12.80  ? 2   LEU A C   1 
ATOM   39   O O   . LEU A 1 10  ? -0.422  19.683  4.435   1.00 11.59  ? 2   LEU A O   1 
ATOM   40   C CB  . LEU A 1 10  ? 0.901   20.432  7.029   1.00 13.71  ? 2   LEU A CB  1 
ATOM   41   C CG  . LEU A 1 10  ? 1.761   20.220  8.271   1.00 16.66  ? 2   LEU A CG  1 
ATOM   42   C CD1 . LEU A 1 10  ? 2.966   21.143  8.299   1.00 19.01  ? 2   LEU A CD1 1 
ATOM   43   C CD2 . LEU A 1 10  ? 0.899   20.399  9.514   1.00 18.72  ? 2   LEU A CD2 1 
ATOM   44   N N   . LEU A 1 11  ? 1.337   18.281  4.429   1.00 13.82  ? 3   LEU A N   1 
ATOM   45   C CA  . LEU A 1 11  ? 0.678   17.258  3.606   1.00 13.79  ? 3   LEU A CA  1 
ATOM   46   C C   . LEU A 1 11  ? 0.651   15.894  4.306   1.00 14.23  ? 3   LEU A C   1 
ATOM   47   O O   . LEU A 1 11  ? 1.587   15.562  5.032   1.00 14.13  ? 3   LEU A O   1 
ATOM   48   C CB  . LEU A 1 11  ? 1.411   17.125  2.276   1.00 14.37  ? 3   LEU A CB  1 
ATOM   49   C CG  . LEU A 1 11  ? 1.550   18.410  1.461   1.00 15.30  ? 3   LEU A CG  1 
ATOM   50   C CD1 . LEU A 1 11  ? 2.540   18.213  0.299   1.00 17.22  ? 3   LEU A CD1 1 
ATOM   51   C CD2 . LEU A 1 11  ? 0.181   18.877  0.975   1.00 16.91  ? 3   LEU A CD2 1 
ATOM   52   N N   . PRO A 1 12  ? -0.414  15.103  4.066   1.00 13.53  ? 4   PRO A N   1 
ATOM   53   C CA  . PRO A 1 12  ? -0.575  13.833  4.740   1.00 13.98  ? 4   PRO A CA  1 
ATOM   54   C C   . PRO A 1 12  ? 0.251   12.747  4.082   1.00 13.75  ? 4   PRO A C   1 
ATOM   55   O O   . PRO A 1 12  ? 0.655   12.894  2.928   1.00 13.42  ? 4   PRO A O   1 
ATOM   56   C CB  . PRO A 1 12  ? -2.058  13.515  4.539   1.00 13.49  ? 4   PRO A CB  1 
ATOM   57   C CG  . PRO A 1 12  ? -2.434  14.189  3.279   1.00 13.83  ? 4   PRO A CG  1 
ATOM   58   C CD  . PRO A 1 12  ? -1.507  15.371  3.106   1.00 13.98  ? 4   PRO A CD  1 
ATOM   59   N N   . ASN A 1 13  ? 0.500   11.678  4.827   1.00 13.63  ? 5   ASN A N   1 
ATOM   60   C CA  . ASN A 1 13  ? 1.017   10.440  4.269   1.00 13.28  ? 5   ASN A CA  1 
ATOM   61   C C   . ASN A 1 13  ? -0.054  9.380   4.289   1.00 13.30  ? 5   ASN A C   1 
ATOM   62   O O   . ASN A 1 13  ? -0.817  9.263   5.252   1.00 12.91  ? 5   ASN A O   1 
ATOM   63   C CB  . ASN A 1 13  ? 2.212   9.933   5.067   1.00 13.42  ? 5   ASN A CB  1 
ATOM   64   C CG  . ASN A 1 13  ? 3.371   10.882  5.032   1.00 14.11  ? 5   ASN A CG  1 
ATOM   65   O OD1 . ASN A 1 13  ? 3.610   11.559  4.018   1.00 13.93  ? 5   ASN A OD1 1 
ATOM   66   N ND2 . ASN A 1 13  ? 4.115   10.946  6.142   1.00 12.14  ? 5   ASN A ND2 1 
ATOM   67   N N   . ILE A 1 14  ? -0.083  8.586   3.226   1.00 12.74  ? 6   ILE A N   1 
ATOM   68   C CA  . ILE A 1 14  ? -1.116  7.581   3.041   1.00 12.60  ? 6   ILE A CA  1 
ATOM   69   C C   . ILE A 1 14  ? -0.423  6.250   2.816   1.00 12.61  ? 6   ILE A C   1 
ATOM   70   O O   . ILE A 1 14  ? 0.527   6.155   2.023   1.00 12.76  ? 6   ILE A O   1 
ATOM   71   C CB  . ILE A 1 14  ? -1.984  7.926   1.805   1.00 12.46  ? 6   ILE A CB  1 
ATOM   72   C CG1 . ILE A 1 14  ? -2.776  9.225   2.042   1.00 12.33  ? 6   ILE A CG1 1 
ATOM   73   C CG2 . ILE A 1 14  ? -2.925  6.779   1.445   1.00 12.18  ? 6   ILE A CG2 1 
ATOM   74   C CD1 . ILE A 1 14  ? -3.235  9.888   0.706   1.00 13.33  ? 6   ILE A CD1 1 
ATOM   75   N N   . LEU A 1 15  ? -0.887  5.221   3.518   1.00 12.33  ? 7   LEU A N   1 
ATOM   76   C CA  . LEU A 1 15  ? -0.444  3.872   3.208   1.00 12.14  ? 7   LEU A CA  1 
ATOM   77   C C   . LEU A 1 15  ? -1.492  3.130   2.408   1.00 12.08  ? 7   LEU A C   1 
ATOM   78   O O   . LEU A 1 15  ? -2.644  3.096   2.791   1.00 13.16  ? 7   LEU A O   1 
ATOM   79   C CB  . LEU A 1 15  ? -0.130  3.082   4.483   1.00 12.00  ? 7   LEU A CB  1 
ATOM   80   C CG  . LEU A 1 15  ? 0.261   1.615   4.260   1.00 11.81  ? 7   LEU A CG  1 
ATOM   81   C CD1 . LEU A 1 15  ? 1.582   1.482   3.462   1.00 11.74  ? 7   LEU A CD1 1 
ATOM   82   C CD2 . LEU A 1 15  ? 0.390   0.966   5.623   1.00 13.43  ? 7   LEU A CD2 1 
ATOM   83   N N   . LEU A 1 16  ? -1.075  2.534   1.294   1.00 11.75  ? 8   LEU A N   1 
ATOM   84   C CA  . LEU A 1 16  ? -1.916  1.606   0.537   1.00 12.03  ? 8   LEU A CA  1 
ATOM   85   C C   . LEU A 1 16  ? -1.310  0.233   0.746   1.00 12.91  ? 8   LEU A C   1 
ATOM   86   O O   . LEU A 1 16  ? -0.146  -0.022  0.378   1.00 12.59  ? 8   LEU A O   1 
ATOM   87   C CB  . LEU A 1 16  ? -1.939  1.949   -0.965  1.00 12.06  ? 8   LEU A CB  1 
ATOM   88   C CG  . LEU A 1 16  ? -2.328  3.384   -1.352  1.00 12.63  ? 8   LEU A CG  1 
ATOM   89   C CD1 . LEU A 1 16  ? -2.338  3.523   -2.873  1.00 14.18  ? 8   LEU A CD1 1 
ATOM   90   C CD2 . LEU A 1 16  ? -3.703  3.789   -0.737  1.00 11.43  ? 8   LEU A CD2 1 
ATOM   91   N N   . THR A 1 17  ? -2.075  -0.633  1.390   1.00 13.24  ? 9   THR A N   1 
ATOM   92   C CA  . THR A 1 17  ? -1.618  -1.983  1.660   1.00 13.92  ? 9   THR A CA  1 
ATOM   93   C C   . THR A 1 17  ? -2.693  -2.995  1.247   1.00 14.34  ? 9   THR A C   1 
ATOM   94   O O   . THR A 1 17  ? -3.762  -2.614  0.764   1.00 14.52  ? 9   THR A O   1 
ATOM   95   C CB  . THR A 1 17  ? -1.100  -2.158  3.122   1.00 14.36  ? 9   THR A CB  1 
ATOM   96   O OG1 . THR A 1 17  ? -0.381  -3.394  3.223   1.00 14.67  ? 9   THR A OG1 1 
ATOM   97   C CG2 . THR A 1 17  ? -2.247  -2.137  4.138   1.00 13.97  ? 9   THR A CG2 1 
ATOM   98   N N   . GLY A 1 18  ? -2.387  -4.275  1.406   1.00 14.66  ? 10  GLY A N   1 
ATOM   99   C CA  . GLY A 1 18  ? -3.251  -5.321  0.907   1.00 14.61  ? 10  GLY A CA  1 
ATOM   100  C C   . GLY A 1 18  ? -2.418  -6.290  0.102   1.00 14.43  ? 10  GLY A C   1 
ATOM   101  O O   . GLY A 1 18  ? -1.286  -5.985  -0.288  1.00 14.78  ? 10  GLY A O   1 
ATOM   102  N N   . THR A 1 19  ? -2.994  -7.460  -0.139  1.00 15.03  ? 11  THR A N   1 
ATOM   103  C CA  . THR A 1 19  ? -2.366  -8.553  -0.876  1.00 14.31  ? 11  THR A CA  1 
ATOM   104  C C   . THR A 1 19  ? -1.890  -8.098  -2.267  1.00 14.64  ? 11  THR A C   1 
ATOM   105  O O   . THR A 1 19  ? -2.544  -7.257  -2.901  1.00 15.25  ? 11  THR A O   1 
ATOM   106  C CB  . THR A 1 19  ? -3.407  -9.684  -1.065  1.00 14.26  ? 11  THR A CB  1 
ATOM   107  O OG1 . THR A 1 19  ? -4.060  -9.949  0.190   1.00 13.93  ? 11  THR A OG1 1 
ATOM   108  C CG2 . THR A 1 19  ? -2.752  -10.970 -1.583  1.00 12.82  ? 11  THR A CG2 1 
ATOM   109  N N   . PRO A 1 20  ? -0.750  -8.642  -2.752  1.00 15.16  ? 12  PRO A N   1 
ATOM   110  C CA  . PRO A 1 20  ? -0.394  -8.397  -4.156  1.00 15.23  ? 12  PRO A CA  1 
ATOM   111  C C   . PRO A 1 20  ? -1.570  -8.744  -5.058  1.00 15.89  ? 12  PRO A C   1 
ATOM   112  O O   . PRO A 1 20  ? -2.252  -9.757  -4.824  1.00 15.89  ? 12  PRO A O   1 
ATOM   113  C CB  . PRO A 1 20  ? 0.762   -9.364  -4.392  1.00 15.18  ? 12  PRO A CB  1 
ATOM   114  C CG  . PRO A 1 20  ? 1.411   -9.462  -3.044  1.00 15.79  ? 12  PRO A CG  1 
ATOM   115  C CD  . PRO A 1 20  ? 0.258   -9.474  -2.075  1.00 14.90  ? 12  PRO A CD  1 
ATOM   116  N N   . GLY A 1 21  ? -1.825  -7.883  -6.047  1.00 16.20  ? 13  GLY A N   1 
ATOM   117  C CA  . GLY A 1 21  ? -2.910  -8.062  -7.006  1.00 15.75  ? 13  GLY A CA  1 
ATOM   118  C C   . GLY A 1 21  ? -4.154  -7.227  -6.746  1.00 16.70  ? 13  GLY A C   1 
ATOM   119  O O   . GLY A 1 21  ? -5.005  -7.101  -7.633  1.00 17.13  ? 13  GLY A O   1 
ATOM   120  N N   . VAL A 1 22  ? -4.280  -6.658  -5.546  1.00 15.41  ? 14  VAL A N   1 
ATOM   121  C CA  . VAL A 1 22  ? -5.502  -5.929  -5.200  1.00 15.90  ? 14  VAL A CA  1 
ATOM   122  C C   . VAL A 1 22  ? -5.667  -4.563  -5.896  1.00 16.03  ? 14  VAL A C   1 
ATOM   123  O O   . VAL A 1 22  ? -6.774  -4.028  -5.936  1.00 16.73  ? 14  VAL A O   1 
ATOM   124  C CB  . VAL A 1 22  ? -5.723  -5.796  -3.666  1.00 15.33  ? 14  VAL A CB  1 
ATOM   125  C CG1 . VAL A 1 22  ? -5.871  -7.192  -3.036  1.00 14.84  ? 14  VAL A CG1 1 
ATOM   126  C CG2 . VAL A 1 22  ? -4.600  -4.970  -2.984  1.00 15.19  ? 14  VAL A CG2 1 
ATOM   127  N N   . GLY A 1 23  ? -4.582  -4.016  -6.442  1.00 15.66  ? 15  GLY A N   1 
ATOM   128  C CA  . GLY A 1 23  ? -4.660  -2.746  -7.177  1.00 15.48  ? 15  GLY A CA  1 
ATOM   129  C C   . GLY A 1 23  ? -3.980  -1.566  -6.508  1.00 15.26  ? 15  GLY A C   1 
ATOM   130  O O   . GLY A 1 23  ? -4.269  -0.411  -6.855  1.00 15.42  ? 15  GLY A O   1 
ATOM   131  N N   . LYS A 1 24  ? -3.081  -1.839  -5.564  1.00 14.49  ? 16  LYS A N   1 
ATOM   132  C CA  . LYS A 1 24  ? -2.383  -0.759  -4.829  1.00 14.42  ? 16  LYS A CA  1 
ATOM   133  C C   . LYS A 1 24  ? -1.603  0.175   -5.763  1.00 14.69  ? 16  LYS A C   1 
ATOM   134  O O   . LYS A 1 24  ? -1.670  1.401   -5.626  1.00 14.73  ? 16  LYS A O   1 
ATOM   135  C CB  . LYS A 1 24  ? -1.421  -1.314  -3.771  1.00 14.08  ? 16  LYS A CB  1 
ATOM   136  C CG  . LYS A 1 24  ? -2.046  -2.246  -2.704  1.00 13.19  ? 16  LYS A CG  1 
ATOM   137  C CD  . LYS A 1 24  ? -0.942  -2.737  -1.735  1.00 12.43  ? 16  LYS A CD  1 
ATOM   138  C CE  . LYS A 1 24  ? 0.119   -3.633  -2.420  1.00 14.54  ? 16  LYS A CE  1 
ATOM   139  N NZ  . LYS A 1 24  ? -0.437  -4.960  -2.802  1.00 13.82  ? 16  LYS A NZ  1 
ATOM   140  N N   . THR A 1 25  ? -0.874  -0.412  -6.706  1.00 14.67  ? 17  THR A N   1 
ATOM   141  C CA  . THR A 1 25  ? 0.009   0.363   -7.577  1.00 15.43  ? 17  THR A CA  1 
ATOM   142  C C   . THR A 1 25  ? -0.789  1.238   -8.516  1.00 15.96  ? 17  THR A C   1 
ATOM   143  O O   . THR A 1 25  ? -0.486  2.428   -8.662  1.00 16.10  ? 17  THR A O   1 
ATOM   144  C CB  . THR A 1 25  ? 0.991   -0.553  -8.328  1.00 15.30  ? 17  THR A CB  1 
ATOM   145  O OG1 . THR A 1 25  ? 1.822   -1.209  -7.358  1.00 15.04  ? 17  THR A OG1 1 
ATOM   146  C CG2 . THR A 1 25  ? 1.879   0.253   -9.313  1.00 16.43  ? 17  THR A CG2 1 
ATOM   147  N N   . THR A 1 26  ? -1.815  0.657   -9.139  1.00 16.13  ? 18  THR A N   1 
ATOM   148  C CA  . THR A 1 26  ? -2.681  1.426   -10.032 1.00 16.83  ? 18  THR A CA  1 
ATOM   149  C C   . THR A 1 26  ? -3.304  2.590   -9.272  1.00 16.59  ? 18  THR A C   1 
ATOM   150  O O   . THR A 1 26  ? -3.317  3.742   -9.762  1.00 16.41  ? 18  THR A O   1 
ATOM   151  C CB  . THR A 1 26  ? -3.758  0.529   -10.661 1.00 17.14  ? 18  THR A CB  1 
ATOM   152  O OG1 . THR A 1 26  ? -3.104  -0.500  -11.408 1.00 18.18  ? 18  THR A OG1 1 
ATOM   153  C CG2 . THR A 1 26  ? -4.666  1.329   -11.599 1.00 18.18  ? 18  THR A CG2 1 
ATOM   154  N N   . LEU A 1 27  ? -3.793  2.301   -8.065  1.00 15.40  ? 19  LEU A N   1 
ATOM   155  C CA  . LEU A 1 27  ? -4.411  3.333   -7.249  1.00 15.43  ? 19  LEU A CA  1 
ATOM   156  C C   . LEU A 1 27  ? -3.404  4.414   -6.818  1.00 15.30  ? 19  LEU A C   1 
ATOM   157  O O   . LEU A 1 27  ? -3.677  5.609   -6.974  1.00 15.29  ? 19  LEU A O   1 
ATOM   158  C CB  . LEU A 1 27  ? -5.130  2.729   -6.024  1.00 15.25  ? 19  LEU A CB  1 
ATOM   159  C CG  . LEU A 1 27  ? -5.700  3.756   -5.026  1.00 15.39  ? 19  LEU A CG  1 
ATOM   160  C CD1 . LEU A 1 27  ? -6.738  4.664   -5.676  1.00 14.75  ? 19  LEU A CD1 1 
ATOM   161  C CD2 . LEU A 1 27  ? -6.295  3.071   -3.782  1.00 15.20  ? 19  LEU A CD2 1 
ATOM   162  N N   . GLY A 1 28  ? -2.256  3.998   -6.289  1.00 14.73  ? 20  GLY A N   1 
ATOM   163  C CA  . GLY A 1 28  ? -1.249  4.949   -5.816  1.00 15.54  ? 20  GLY A CA  1 
ATOM   164  C C   . GLY A 1 28  ? -0.753  5.873   -6.919  1.00 16.17  ? 20  GLY A C   1 
ATOM   165  O O   . GLY A 1 28  ? -0.588  7.072   -6.706  1.00 15.42  ? 20  GLY A O   1 
ATOM   166  N N   . LYS A 1 29  ? -0.529  5.312   -8.104  1.00 16.59  ? 21  LYS A N   1 
ATOM   167  C CA  . LYS A 1 29  ? -0.025  6.100   -9.230  1.00 17.33  ? 21  LYS A CA  1 
ATOM   168  C C   . LYS A 1 29  ? -1.044  7.121   -9.701  1.00 17.61  ? 21  LYS A C   1 
ATOM   169  O O   . LYS A 1 29  ? -0.689  8.276   -9.983  1.00 17.86  ? 21  LYS A O   1 
ATOM   170  C CB  . LYS A 1 29  ? 0.424   5.191   -10.376 1.00 17.52  ? 21  LYS A CB  1 
ATOM   171  C CG  . LYS A 1 29  ? 1.774   4.553   -10.116 1.00 17.99  ? 21  LYS A CG  1 
ATOM   172  C CD  . LYS A 1 29  ? 2.196   3.637   -11.262 1.00 21.55  ? 21  LYS A CD  1 
ATOM   173  C CE  . LYS A 1 29  ? 3.614   3.131   -11.031 1.00 24.26  ? 21  LYS A CE  1 
ATOM   174  N NZ  . LYS A 1 29  ? 4.124   2.332   -12.197 1.00 26.64  ? 21  LYS A NZ  1 
ATOM   175  N N   . GLU A 1 30  ? -2.309  6.705   -9.758  1.00 17.98  ? 22  GLU A N   1 
ATOM   176  C CA  . GLU A 1 30  ? -3.387  7.602   -10.150 1.00 18.35  ? 22  GLU A CA  1 
ATOM   177  C C   . GLU A 1 30  ? -3.585  8.711   -9.102  1.00 18.36  ? 22  GLU A C   1 
ATOM   178  O O   . GLU A 1 30  ? -3.755  9.890   -9.453  1.00 18.02  ? 22  GLU A O   1 
ATOM   179  C CB  . GLU A 1 30  ? -4.680  6.822   -10.456 1.00 18.43  ? 22  GLU A CB  1 
ATOM   180  C CG  . GLU A 1 30  ? -5.745  7.688   -11.079 1.00 20.64  ? 22  GLU A CG  1 
ATOM   181  C CD  . GLU A 1 30  ? -6.938  6.927   -11.602 1.00 22.18  ? 22  GLU A CD  1 
ATOM   182  O OE1 . GLU A 1 30  ? -6.807  5.752   -12.007 1.00 23.21  ? 22  GLU A OE1 1 
ATOM   183  O OE2 . GLU A 1 30  ? -8.021  7.537   -11.628 1.00 24.63  ? 22  GLU A OE2 1 
ATOM   184  N N   . LEU A 1 31  ? -3.524  8.340   -7.822  1.00 17.89  ? 23  LEU A N   1 
ATOM   185  C CA  . LEU A 1 31  ? -3.557  9.320   -6.740  1.00 17.98  ? 23  LEU A CA  1 
ATOM   186  C C   . LEU A 1 31  ? -2.420  10.327  -6.798  1.00 17.94  ? 23  LEU A C   1 
ATOM   187  O O   . LEU A 1 31  ? -2.666  11.520  -6.603  1.00 18.46  ? 23  LEU A O   1 
ATOM   188  C CB  . LEU A 1 31  ? -3.564  8.649   -5.366  1.00 18.42  ? 23  LEU A CB  1 
ATOM   189  C CG  . LEU A 1 31  ? -4.852  8.002   -4.873  1.00 18.71  ? 23  LEU A CG  1 
ATOM   190  C CD1 . LEU A 1 31  ? -4.532  7.246   -3.590  1.00 19.21  ? 23  LEU A CD1 1 
ATOM   191  C CD2 . LEU A 1 31  ? -5.958  9.022   -4.663  1.00 19.10  ? 23  LEU A CD2 1 
ATOM   192  N N   . ALA A 1 32  ? -1.190  9.866   -7.048  1.00 17.26  ? 24  ALA A N   1 
ATOM   193  C CA  . ALA A 1 32  ? -0.049  10.792  -7.192  1.00 17.62  ? 24  ALA A CA  1 
ATOM   194  C C   . ALA A 1 32  ? -0.286  11.799  -8.326  1.00 17.64  ? 24  ALA A C   1 
ATOM   195  O O   . ALA A 1 32  ? -0.089  13.009  -8.152  1.00 17.71  ? 24  ALA A O   1 
ATOM   196  C CB  . ALA A 1 32  ? 1.245   10.029  -7.437  1.00 17.55  ? 24  ALA A CB  1 
ATOM   197  N N   . SER A 1 33  ? -0.731  11.296  -9.477  1.00 17.51  ? 25  SER A N   1 
ATOM   198  C CA  A SER A 1 33  ? -0.960  12.142  -10.651 0.50 17.58  ? 25  SER A CA  1 
ATOM   199  C CA  B SER A 1 33  ? -0.964  12.137  -10.653 0.50 17.87  ? 25  SER A CA  1 
ATOM   200  C C   . SER A 1 33  ? -2.020  13.202  -10.370 1.00 17.68  ? 25  SER A C   1 
ATOM   201  O O   . SER A 1 33  ? -1.904  14.355  -10.818 1.00 17.59  ? 25  SER A O   1 
ATOM   202  C CB  A SER A 1 33  ? -1.379  11.292  -11.853 0.50 17.37  ? 25  SER A CB  1 
ATOM   203  C CB  B SER A 1 33  ? -1.421  11.275  -11.824 0.50 17.71  ? 25  SER A CB  1 
ATOM   204  O OG  A SER A 1 33  ? -0.360  10.380  -12.215 0.50 16.59  ? 25  SER A OG  1 
ATOM   205  O OG  B SER A 1 33  ? -2.723  10.776  -11.576 0.50 18.72  ? 25  SER A OG  1 
ATOM   206  N N   . LYS A 1 34  ? -3.047  12.809  -9.625  1.00 17.44  ? 26  LYS A N   1 
ATOM   207  C CA  . LYS A 1 34  ? -4.201  13.661  -9.387  1.00 17.52  ? 26  LYS A CA  1 
ATOM   208  C C   . LYS A 1 34  ? -4.146  14.496  -8.116  1.00 17.85  ? 26  LYS A C   1 
ATOM   209  O O   . LYS A 1 34  ? -5.054  15.290  -7.864  1.00 18.76  ? 26  LYS A O   1 
ATOM   210  C CB  . LYS A 1 34  ? -5.484  12.827  -9.449  1.00 17.01  ? 26  LYS A CB  1 
ATOM   211  C CG  . LYS A 1 34  ? -5.729  12.268  -10.842 1.00 16.98  ? 26  LYS A CG  1 
ATOM   212  C CD  . LYS A 1 34  ? -6.861  11.257  -10.903 1.00 15.87  ? 26  LYS A CD  1 
ATOM   213  C CE  . LYS A 1 34  ? -7.129  10.868  -12.362 1.00 15.23  ? 26  LYS A CE  1 
ATOM   214  N NZ  . LYS A 1 34  ? -8.278  9.930   -12.500 1.00 14.84  ? 26  LYS A NZ  1 
ATOM   215  N N   . SER A 1 35  ? -3.091  14.328  -7.318  1.00 17.67  ? 27  SER A N   1 
ATOM   216  C CA  . SER A 1 35  ? -2.957  15.090  -6.075  1.00 17.24  ? 27  SER A CA  1 
ATOM   217  C C   . SER A 1 35  ? -1.625  15.815  -5.964  1.00 17.40  ? 27  SER A C   1 
ATOM   218  O O   . SER A 1 35  ? -1.484  16.719  -5.157  1.00 17.60  ? 27  SER A O   1 
ATOM   219  C CB  . SER A 1 35  ? -3.142  14.174  -4.856  1.00 17.52  ? 27  SER A CB  1 
ATOM   220  O OG  . SER A 1 35  ? -2.006  13.337  -4.712  1.00 16.17  ? 27  SER A OG  1 
ATOM   221  N N   . GLY A 1 36  ? -0.651  15.405  -6.771  1.00 17.99  ? 28  GLY A N   1 
ATOM   222  C CA  . GLY A 1 36  ? 0.715   15.906  -6.663  1.00 18.16  ? 28  GLY A CA  1 
ATOM   223  C C   . GLY A 1 36  ? 1.514   15.315  -5.508  1.00 18.60  ? 28  GLY A C   1 
ATOM   224  O O   . GLY A 1 36  ? 2.684   15.645  -5.334  1.00 18.67  ? 28  GLY A O   1 
ATOM   225  N N   . LEU A 1 37  ? 0.899   14.437  -4.717  1.00 18.25  ? 29  LEU A N   1 
ATOM   226  C CA  . LEU A 1 37  ? 1.651   13.715  -3.695  1.00 18.29  ? 29  LEU A CA  1 
ATOM   227  C C   . LEU A 1 37  ? 2.610   12.758  -4.374  1.00 17.78  ? 29  LEU A C   1 
ATOM   228  O O   . LEU A 1 37  ? 2.388   12.360  -5.517  1.00 17.62  ? 29  LEU A O   1 
ATOM   229  C CB  . LEU A 1 37  ? 0.717   12.970  -2.722  1.00 18.65  ? 29  LEU A CB  1 
ATOM   230  C CG  . LEU A 1 37  ? 0.227   13.758  -1.497  1.00 20.51  ? 29  LEU A CG  1 
ATOM   231  C CD1 . LEU A 1 37  ? -0.498  15.035  -1.829  1.00 23.02  ? 29  LEU A CD1 1 
ATOM   232  C CD2 . LEU A 1 37  ? -0.631  12.873  -0.584  1.00 20.85  ? 29  LEU A CD2 1 
ATOM   233  N N   . LYS A 1 38  ? 3.693   12.431  -3.677  1.00 17.52  ? 30  LYS A N   1 
ATOM   234  C CA  . LYS A 1 38  ? 4.724   11.545  -4.184  1.00 17.80  ? 30  LYS A CA  1 
ATOM   235  C C   . LYS A 1 38  ? 4.270   10.099  -3.978  1.00 17.86  ? 30  LYS A C   1 
ATOM   236  O O   . LYS A 1 38  ? 3.840   9.736   -2.878  1.00 17.47  ? 30  LYS A O   1 
ATOM   237  C CB  . LYS A 1 38  ? 6.034   11.799  -3.431  1.00 17.89  ? 30  LYS A CB  1 
ATOM   238  C CG  . LYS A 1 38  ? 7.102   10.718  -3.662  1.00 21.63  ? 30  LYS A CG  1 
ATOM   239  C CD  . LYS A 1 38  ? 8.454   11.335  -4.064  1.00 25.17  ? 30  LYS A CD  1 
ATOM   240  C CE  . LYS A 1 38  ? 9.357   10.307  -4.717  1.00 26.58  ? 30  LYS A CE  1 
ATOM   241  N NZ  . LYS A 1 38  ? 8.550   9.344   -5.544  1.00 28.90  ? 30  LYS A NZ  1 
ATOM   242  N N   . TYR A 1 39  ? 4.345   9.292   -5.033  1.00 16.88  ? 31  TYR A N   1 
ATOM   243  C CA  . TYR A 1 39  ? 3.998   7.887   -4.915  1.00 16.36  ? 31  TYR A CA  1 
ATOM   244  C C   . TYR A 1 39  ? 5.264   7.072   -4.725  1.00 16.05  ? 31  TYR A C   1 
ATOM   245  O O   . TYR A 1 39  ? 6.232   7.227   -5.482  1.00 14.99  ? 31  TYR A O   1 
ATOM   246  C CB  . TYR A 1 39  ? 3.229   7.399   -6.147  1.00 15.96  ? 31  TYR A CB  1 
ATOM   247  C CG  . TYR A 1 39  ? 3.188   5.895   -6.271  1.00 16.50  ? 31  TYR A CG  1 
ATOM   248  C CD1 . TYR A 1 39  ? 4.016   5.227   -7.172  1.00 17.27  ? 31  TYR A CD1 1 
ATOM   249  C CD2 . TYR A 1 39  ? 2.333   5.136   -5.467  1.00 16.92  ? 31  TYR A CD2 1 
ATOM   250  C CE1 . TYR A 1 39  ? 3.995   3.845   -7.277  1.00 17.61  ? 31  TYR A CE1 1 
ATOM   251  C CE2 . TYR A 1 39  ? 2.295   3.759   -5.572  1.00 15.95  ? 31  TYR A CE2 1 
ATOM   252  C CZ  . TYR A 1 39  ? 3.120   3.119   -6.471  1.00 18.31  ? 31  TYR A CZ  1 
ATOM   253  O OH  . TYR A 1 39  ? 3.080   1.754   -6.562  1.00 17.62  ? 31  TYR A OH  1 
ATOM   254  N N   . ILE A 1 40  ? 5.267   6.205   -3.714  1.00 15.27  ? 32  ILE A N   1 
ATOM   255  C CA  . ILE A 1 40  ? 6.393   5.297   -3.519  1.00 15.22  ? 32  ILE A CA  1 
ATOM   256  C C   . ILE A 1 40  ? 5.951   3.826   -3.515  1.00 15.73  ? 32  ILE A C   1 
ATOM   257  O O   . ILE A 1 40  ? 5.182   3.390   -2.650  1.00 15.60  ? 32  ILE A O   1 
ATOM   258  C CB  . ILE A 1 40  ? 7.208   5.631   -2.256  1.00 15.21  ? 32  ILE A CB  1 
ATOM   259  C CG1 . ILE A 1 40  ? 7.850   7.016   -2.421  1.00 17.13  ? 32  ILE A CG1 1 
ATOM   260  C CG2 . ILE A 1 40  ? 8.285   4.527   -1.998  1.00 15.27  ? 32  ILE A CG2 1 
ATOM   261  C CD1 . ILE A 1 40  ? 8.714   7.468   -1.290  1.00 21.00  ? 32  ILE A CD1 1 
ATOM   262  N N   . ASN A 1 41  ? 6.447   3.083   -4.499  1.00 14.49  ? 33  ASN A N   1 
ATOM   263  C CA  . ASN A 1 41  ? 6.282   1.642   -4.535  1.00 14.86  ? 33  ASN A CA  1 
ATOM   264  C C   . ASN A 1 41  ? 7.455   1.060   -3.748  1.00 14.71  ? 33  ASN A C   1 
ATOM   265  O O   . ASN A 1 41  ? 8.601   1.165   -4.176  1.00 13.63  ? 33  ASN A O   1 
ATOM   266  C CB  . ASN A 1 41  ? 6.306   1.149   -5.986  1.00 14.50  ? 33  ASN A CB  1 
ATOM   267  C CG  . ASN A 1 41  ? 5.999   -0.337  -6.104  1.00 14.30  ? 33  ASN A CG  1 
ATOM   268  O OD1 . ASN A 1 41  ? 6.748   -1.170  -5.628  1.00 13.97  ? 33  ASN A OD1 1 
ATOM   269  N ND2 . ASN A 1 41  ? 4.892   -0.663  -6.749  1.00 13.52  ? 33  ASN A ND2 1 
ATOM   270  N N   . VAL A 1 42  ? 7.170   0.474   -2.589  1.00 14.24  ? 34  VAL A N   1 
ATOM   271  C CA  . VAL A 1 42  ? 8.243   -0.038  -1.733  1.00 14.85  ? 34  VAL A CA  1 
ATOM   272  C C   . VAL A 1 42  ? 9.046   -1.167  -2.388  1.00 15.01  ? 34  VAL A C   1 
ATOM   273  O O   . VAL A 1 42  ? 10.270  -1.195  -2.265  1.00 14.84  ? 34  VAL A O   1 
ATOM   274  C CB  . VAL A 1 42  ? 7.721   -0.436  -0.334  1.00 14.88  ? 34  VAL A CB  1 
ATOM   275  C CG1 . VAL A 1 42  ? 8.781   -1.184  0.480   1.00 15.03  ? 34  VAL A CG1 1 
ATOM   276  C CG2 . VAL A 1 42  ? 7.281   0.830   0.404   1.00 13.81  ? 34  VAL A CG2 1 
ATOM   277  N N   . GLY A 1 43  ? 8.363   -2.075  -3.083  1.00 14.51  ? 35  GLY A N   1 
ATOM   278  C CA  . GLY A 1 43  ? 9.052   -3.101  -3.879  1.00 14.83  ? 35  GLY A CA  1 
ATOM   279  C C   . GLY A 1 43  ? 10.041  -2.521  -4.895  1.00 14.76  ? 35  GLY A C   1 
ATOM   280  O O   . GLY A 1 43  ? 11.181  -2.985  -4.990  1.00 14.71  ? 35  GLY A O   1 
ATOM   281  N N   . ASP A 1 44  ? 9.609   -1.510  -5.648  1.00 14.87  ? 36  ASP A N   1 
ATOM   282  C CA  . ASP A 1 44  ? 10.465  -0.863  -6.646  1.00 15.56  ? 36  ASP A CA  1 
ATOM   283  C C   . ASP A 1 44  ? 11.610  -0.128  -5.978  1.00 15.97  ? 36  ASP A C   1 
ATOM   284  O O   . ASP A 1 44  ? 12.721  -0.134  -6.484  1.00 15.47  ? 36  ASP A O   1 
ATOM   285  C CB  . ASP A 1 44  ? 9.684   0.141   -7.497  1.00 16.11  ? 36  ASP A CB  1 
ATOM   286  C CG  . ASP A 1 44  ? 8.649   -0.510  -8.383  1.00 17.59  ? 36  ASP A CG  1 
ATOM   287  O OD1 . ASP A 1 44  ? 7.765   0.219   -8.877  1.00 20.65  ? 36  ASP A OD1 1 
ATOM   288  O OD2 . ASP A 1 44  ? 8.702   -1.735  -8.590  1.00 19.53  ? 36  ASP A OD2 1 
ATOM   289  N N   . LEU A 1 45  ? 11.325  0.540   -4.857  1.00 16.32  ? 37  LEU A N   1 
ATOM   290  C CA  . LEU A 1 45  ? 12.354  1.254   -4.106  1.00 17.00  ? 37  LEU A CA  1 
ATOM   291  C C   . LEU A 1 45  ? 13.450  0.298   -3.631  1.00 17.05  ? 37  LEU A C   1 
ATOM   292  O O   . LEU A 1 45  ? 14.647  0.581   -3.772  1.00 16.92  ? 37  LEU A O   1 
ATOM   293  C CB  . LEU A 1 45  ? 11.732  1.963   -2.902  1.00 17.43  ? 37  LEU A CB  1 
ATOM   294  C CG  . LEU A 1 45  ? 12.720  2.703   -1.989  1.00 19.29  ? 37  LEU A CG  1 
ATOM   295  C CD1 . LEU A 1 45  ? 13.238  3.981   -2.637  1.00 19.86  ? 37  LEU A CD1 1 
ATOM   296  C CD2 . LEU A 1 45  ? 12.051  3.006   -0.660  1.00 21.01  ? 37  LEU A CD2 1 
ATOM   297  N N   . ALA A 1 46  ? 13.027  -0.841  -3.090  1.00 17.07  ? 38  ALA A N   1 
ATOM   298  C CA  . ALA A 1 46  ? 13.944  -1.864  -2.613  1.00 17.81  ? 38  ALA A CA  1 
ATOM   299  C C   . ALA A 1 46  ? 14.794  -2.397  -3.755  1.00 18.74  ? 38  ALA A C   1 
ATOM   300  O O   . ALA A 1 46  ? 15.972  -2.715  -3.554  1.00 19.01  ? 38  ALA A O   1 
ATOM   301  C CB  . ALA A 1 46  ? 13.176  -3.003  -1.969  1.00 17.52  ? 38  ALA A CB  1 
ATOM   302  N N   . ARG A 1 47  ? 14.193  -2.504  -4.938  1.00 19.03  ? 39  ARG A N   1 
ATOM   303  C CA  . ARG A 1 47  ? 14.899  -2.979  -6.131  1.00 20.48  ? 39  ARG A CA  1 
ATOM   304  C C   . ARG A 1 47  ? 15.904  -1.927  -6.597  1.00 20.40  ? 39  ARG A C   1 
ATOM   305  O O   . ARG A 1 47  ? 17.058  -2.240  -6.901  1.00 20.07  ? 39  ARG A O   1 
ATOM   306  C CB  . ARG A 1 47  ? 13.892  -3.275  -7.240  1.00 20.80  ? 39  ARG A CB  1 
ATOM   307  C CG  . ARG A 1 47  ? 14.451  -4.053  -8.431  1.00 24.46  ? 39  ARG A CG  1 
ATOM   308  C CD  . ARG A 1 47  ? 13.357  -4.834  -9.169  1.00 29.31  ? 39  ARG A CD  1 
ATOM   309  N NE  . ARG A 1 47  ? 12.560  -5.673  -8.270  1.00 32.80  ? 39  ARG A NE  1 
ATOM   310  C CZ  . ARG A 1 47  ? 11.305  -5.409  -7.901  1.00 34.04  ? 39  ARG A CZ  1 
ATOM   311  N NH1 . ARG A 1 47  ? 10.682  -4.335  -8.363  1.00 34.66  ? 39  ARG A NH1 1 
ATOM   312  N NH2 . ARG A 1 47  ? 10.667  -6.225  -7.068  1.00 34.43  ? 39  ARG A NH2 1 
ATOM   313  N N   . GLU A 1 48  ? 15.451  -0.677  -6.647  1.00 20.16  ? 40  GLU A N   1 
ATOM   314  C CA  . GLU A 1 48  ? 16.275  0.413   -7.160  1.00 20.60  ? 40  GLU A CA  1 
ATOM   315  C C   . GLU A 1 48  ? 17.456  0.680   -6.242  1.00 19.96  ? 40  GLU A C   1 
ATOM   316  O O   . GLU A 1 48  ? 18.587  0.849   -6.699  1.00 19.85  ? 40  GLU A O   1 
ATOM   317  C CB  . GLU A 1 48  ? 15.434  1.678   -7.349  1.00 20.98  ? 40  GLU A CB  1 
ATOM   318  C CG  . GLU A 1 48  ? 14.496  1.641   -8.565  1.00 24.29  ? 40  GLU A CG  1 
ATOM   319  C CD  . GLU A 1 48  ? 15.231  1.538   -9.903  1.00 27.92  ? 40  GLU A CD  1 
ATOM   320  O OE1 . GLU A 1 48  ? 16.372  2.064   -10.030 1.00 29.44  ? 40  GLU A OE1 1 
ATOM   321  O OE2 . GLU A 1 48  ? 14.656  0.925   -10.835 1.00 29.52  ? 40  GLU A OE2 1 
ATOM   322  N N   . GLU A 1 49  ? 17.192  0.678   -4.941  1.00 19.38  ? 41  GLU A N   1 
ATOM   323  C CA  . GLU A 1 49  ? 18.213  0.983   -3.951  1.00 19.11  ? 41  GLU A CA  1 
ATOM   324  C C   . GLU A 1 49  ? 18.887  -0.259  -3.358  1.00 18.93  ? 41  GLU A C   1 
ATOM   325  O O   . GLU A 1 49  ? 19.767  -0.135  -2.509  1.00 18.35  ? 41  GLU A O   1 
ATOM   326  C CB  . GLU A 1 49  ? 17.626  1.881   -2.854  1.00 19.29  ? 41  GLU A CB  1 
ATOM   327  C CG  . GLU A 1 49  ? 16.960  3.163   -3.412  1.00 19.52  ? 41  GLU A CG  1 
ATOM   328  C CD  . GLU A 1 49  ? 17.904  4.004   -4.253  1.00 21.86  ? 41  GLU A CD  1 
ATOM   329  O OE1 . GLU A 1 49  ? 17.447  4.614   -5.242  1.00 22.02  ? 41  GLU A OE1 1 
ATOM   330  O OE2 . GLU A 1 49  ? 19.104  4.051   -3.926  1.00 21.63  ? 41  GLU A OE2 1 
ATOM   331  N N   . GLN A 1 50  ? 18.469  -1.436  -3.831  1.00 18.78  ? 42  GLN A N   1 
ATOM   332  C CA  . GLN A 1 50  ? 19.082  -2.732  -3.484  1.00 18.97  ? 42  GLN A CA  1 
ATOM   333  C C   . GLN A 1 50  ? 19.019  -2.982  -1.984  1.00 19.40  ? 42  GLN A C   1 
ATOM   334  O O   . GLN A 1 50  ? 20.019  -3.315  -1.352  1.00 20.08  ? 42  GLN A O   1 
ATOM   335  C CB  . GLN A 1 50  ? 20.529  -2.832  -4.010  1.00 19.07  ? 42  GLN A CB  1 
ATOM   336  C CG  . GLN A 1 50  ? 20.671  -2.510  -5.479  1.00 18.34  ? 42  GLN A CG  1 
ATOM   337  C CD  . GLN A 1 50  ? 22.022  -1.863  -5.829  1.00 20.55  ? 42  GLN A CD  1 
ATOM   338  O OE1 . GLN A 1 50  ? 22.798  -1.475  -4.945  1.00 20.81  ? 42  GLN A OE1 1 
ATOM   339  N NE2 . GLN A 1 50  ? 22.299  -1.744  -7.123  1.00 17.83  ? 42  GLN A NE2 1 
ATOM   340  N N   . LEU A 1 51  ? 17.826  -2.819  -1.421  1.00 19.29  ? 43  LEU A N   1 
ATOM   341  C CA  . LEU A 1 51  ? 17.612  -2.979  0.008   1.00 19.31  ? 43  LEU A CA  1 
ATOM   342  C C   . LEU A 1 51  ? 17.126  -4.393  0.320   1.00 19.60  ? 43  LEU A C   1 
ATOM   343  O O   . LEU A 1 51  ? 16.006  -4.595  0.801   1.00 19.81  ? 43  LEU A O   1 
ATOM   344  C CB  . LEU A 1 51  ? 16.596  -1.936  0.507   1.00 19.24  ? 43  LEU A CB  1 
ATOM   345  C CG  . LEU A 1 51  ? 16.851  -0.506  0.026   1.00 20.23  ? 43  LEU A CG  1 
ATOM   346  C CD1 . LEU A 1 51  ? 15.717  0.423   0.451   1.00 21.02  ? 43  LEU A CD1 1 
ATOM   347  C CD2 . LEU A 1 51  ? 18.199  0.004   0.515   1.00 19.73  ? 43  LEU A CD2 1 
ATOM   348  N N   . TYR A 1 52  ? 17.971  -5.372  0.042   1.00 19.73  ? 44  TYR A N   1 
ATOM   349  C CA  . TYR A 1 52  ? 17.632  -6.752  0.335   1.00 20.76  ? 44  TYR A CA  1 
ATOM   350  C C   . TYR A 1 52  ? 18.688  -7.345  1.243   1.00 20.93  ? 44  TYR A C   1 
ATOM   351  O O   . TYR A 1 52  ? 19.868  -6.992  1.135   1.00 20.58  ? 44  TYR A O   1 
ATOM   352  C CB  . TYR A 1 52  ? 17.559  -7.581  -0.945  1.00 21.32  ? 44  TYR A CB  1 
ATOM   353  C CG  . TYR A 1 52  ? 16.611  -7.078  -2.017  1.00 23.50  ? 44  TYR A CG  1 
ATOM   354  C CD1 . TYR A 1 52  ? 15.230  -6.992  -1.791  1.00 24.88  ? 44  TYR A CD1 1 
ATOM   355  C CD2 . TYR A 1 52  ? 17.101  -6.745  -3.282  1.00 25.29  ? 44  TYR A CD2 1 
ATOM   356  C CE1 . TYR A 1 52  ? 14.358  -6.550  -2.803  1.00 26.53  ? 44  TYR A CE1 1 
ATOM   357  C CE2 . TYR A 1 52  ? 16.252  -6.314  -4.296  1.00 26.98  ? 44  TYR A CE2 1 
ATOM   358  C CZ  . TYR A 1 52  ? 14.885  -6.220  -4.057  1.00 27.19  ? 44  TYR A CZ  1 
ATOM   359  O OH  . TYR A 1 52  ? 14.077  -5.783  -5.088  1.00 27.61  ? 44  TYR A OH  1 
ATOM   360  N N   . ASP A 1 53  ? 18.258  -8.228  2.142   1.00 21.20  ? 45  ASP A N   1 
ATOM   361  C CA  . ASP A 1 53  ? 19.169  -8.994  2.984   1.00 22.05  ? 45  ASP A CA  1 
ATOM   362  C C   . ASP A 1 53  ? 18.629  -10.403 3.206   1.00 22.86  ? 45  ASP A C   1 
ATOM   363  O O   . ASP A 1 53  ? 17.658  -10.602 3.945   1.00 22.60  ? 45  ASP A O   1 
ATOM   364  C CB  . ASP A 1 53  ? 19.407  -8.293  4.323   1.00 22.03  ? 45  ASP A CB  1 
ATOM   365  C CG  . ASP A 1 53  ? 20.303  -9.099  5.256   1.00 22.81  ? 45  ASP A CG  1 
ATOM   366  O OD1 . ASP A 1 53  ? 20.580  -8.607  6.369   1.00 24.86  ? 45  ASP A OD1 1 
ATOM   367  O OD2 . ASP A 1 53  ? 20.726  -10.222 4.893   1.00 20.46  ? 45  ASP A OD2 1 
ATOM   368  N N   . GLY A 1 54  ? 19.278  -11.375 2.572   1.00 23.34  ? 46  GLY A N   1 
ATOM   369  C CA  . GLY A 1 54  ? 18.903  -12.772 2.709   1.00 24.24  ? 46  GLY A CA  1 
ATOM   370  C C   . GLY A 1 54  ? 17.967  -13.214 1.609   1.00 25.10  ? 46  GLY A C   1 
ATOM   371  O O   . GLY A 1 54  ? 17.381  -12.386 0.907   1.00 24.81  ? 46  GLY A O   1 
ATOM   372  N N   . TYR A 1 55  ? 17.832  -14.530 1.461   1.00 26.05  ? 47  TYR A N   1 
ATOM   373  C CA  . TYR A 1 55  ? 16.951  -15.108 0.462   1.00 27.12  ? 47  TYR A CA  1 
ATOM   374  C C   . TYR A 1 55  ? 16.061  -16.160 1.096   1.00 27.81  ? 47  TYR A C   1 
ATOM   375  O O   . TYR A 1 55  ? 16.544  -17.090 1.750   1.00 27.90  ? 47  TYR A O   1 
ATOM   376  C CB  . TYR A 1 55  ? 17.755  -15.717 -0.690  1.00 27.29  ? 47  TYR A CB  1 
ATOM   377  C CG  . TYR A 1 55  ? 16.908  -16.185 -1.858  1.00 27.49  ? 47  TYR A CG  1 
ATOM   378  C CD1 . TYR A 1 55  ? 16.564  -15.310 -2.890  1.00 28.11  ? 47  TYR A CD1 1 
ATOM   379  C CD2 . TYR A 1 55  ? 16.464  -17.504 -1.940  1.00 27.99  ? 47  TYR A CD2 1 
ATOM   380  C CE1 . TYR A 1 55  ? 15.791  -15.736 -3.973  1.00 28.49  ? 47  TYR A CE1 1 
ATOM   381  C CE2 . TYR A 1 55  ? 15.686  -17.939 -3.013  1.00 28.70  ? 47  TYR A CE2 1 
ATOM   382  C CZ  . TYR A 1 55  ? 15.354  -17.051 -4.026  1.00 28.82  ? 47  TYR A CZ  1 
ATOM   383  O OH  . TYR A 1 55  ? 14.591  -17.484 -5.088  1.00 28.59  ? 47  TYR A OH  1 
ATOM   384  N N   . ASP A 1 56  ? 14.756  -15.995 0.900   1.00 28.69  ? 48  ASP A N   1 
ATOM   385  C CA  . ASP A 1 56  ? 13.763  -16.958 1.353   1.00 29.47  ? 48  ASP A CA  1 
ATOM   386  C C   . ASP A 1 56  ? 13.622  -18.027 0.276   1.00 29.84  ? 48  ASP A C   1 
ATOM   387  O O   . ASP A 1 56  ? 13.178  -17.741 -0.839  1.00 30.02  ? 48  ASP A O   1 
ATOM   388  C CB  . ASP A 1 56  ? 12.428  -16.254 1.620   1.00 29.52  ? 48  ASP A CB  1 
ATOM   389  C CG  . ASP A 1 56  ? 11.379  -17.183 2.195   1.00 30.18  ? 48  ASP A CG  1 
ATOM   390  O OD1 . ASP A 1 56  ? 11.055  -17.039 3.392   1.00 31.44  ? 48  ASP A OD1 1 
ATOM   391  O OD2 . ASP A 1 56  ? 10.879  -18.057 1.455   1.00 30.32  ? 48  ASP A OD2 1 
ATOM   392  N N   . GLU A 1 57  ? 14.014  -19.254 0.612   1.00 30.35  ? 49  GLU A N   1 
ATOM   393  C CA  . GLU A 1 57  ? 14.089  -20.337 -0.375  1.00 30.83  ? 49  GLU A CA  1 
ATOM   394  C C   . GLU A 1 57  ? 12.747  -20.970 -0.750  1.00 31.10  ? 49  GLU A C   1 
ATOM   395  O O   . GLU A 1 57  ? 12.573  -21.413 -1.888  1.00 31.16  ? 49  GLU A O   1 
ATOM   396  C CB  . GLU A 1 57  ? 15.116  -21.406 0.037   1.00 30.87  ? 49  GLU A CB  1 
ATOM   397  C CG  . GLU A 1 57  ? 15.162  -21.765 1.519   1.00 31.10  ? 49  GLU A CG  1 
ATOM   398  C CD  . GLU A 1 57  ? 16.472  -22.437 1.909   1.00 31.21  ? 49  GLU A CD  1 
ATOM   399  O OE1 . GLU A 1 57  ? 17.495  -21.728 2.033   1.00 31.01  ? 49  GLU A OE1 1 
ATOM   400  O OE2 . GLU A 1 57  ? 16.479  -23.673 2.092   1.00 31.36  ? 49  GLU A OE2 1 
ATOM   401  N N   . GLU A 1 58  ? 11.808  -21.002 0.195   1.00 31.46  ? 50  GLU A N   1 
ATOM   402  C CA  . GLU A 1 58  ? 10.480  -21.590 -0.048  1.00 31.76  ? 50  GLU A CA  1 
ATOM   403  C C   . GLU A 1 58  ? 9.552   -20.698 -0.889  1.00 31.87  ? 50  GLU A C   1 
ATOM   404  O O   . GLU A 1 58  ? 8.801   -21.206 -1.728  1.00 31.95  ? 50  GLU A O   1 
ATOM   405  C CB  . GLU A 1 58  ? 9.802   -22.004 1.268   1.00 31.85  ? 50  GLU A CB  1 
ATOM   406  C CG  . GLU A 1 58  ? 9.805   -20.932 2.355   1.00 32.17  ? 50  GLU A CG  1 
ATOM   407  C CD  . GLU A 1 58  ? 9.133   -21.381 3.640   1.00 32.64  ? 50  GLU A CD  1 
ATOM   408  O OE1 . GLU A 1 58  ? 8.113   -22.104 3.567   1.00 32.36  ? 50  GLU A OE1 1 
ATOM   409  O OE2 . GLU A 1 58  ? 9.625   -20.997 4.724   1.00 32.58  ? 50  GLU A OE2 1 
ATOM   410  N N   . TYR A 1 59  ? 9.607   -19.383 -0.657  1.00 31.95  ? 51  TYR A N   1 
ATOM   411  C CA  . TYR A 1 59  ? 8.839   -18.401 -1.441  1.00 31.85  ? 51  TYR A CA  1 
ATOM   412  C C   . TYR A 1 59  ? 9.570   -17.996 -2.723  1.00 31.45  ? 51  TYR A C   1 
ATOM   413  O O   . TYR A 1 59  ? 8.955   -17.483 -3.662  1.00 31.36  ? 51  TYR A O   1 
ATOM   414  C CB  . TYR A 1 59  ? 8.545   -17.131 -0.619  1.00 32.06  ? 51  TYR A CB  1 
ATOM   415  C CG  . TYR A 1 59  ? 7.595   -17.289 0.559   1.00 32.75  ? 51  TYR A CG  1 
ATOM   416  C CD1 . TYR A 1 59  ? 7.816   -16.587 1.749   1.00 33.12  ? 51  TYR A CD1 1 
ATOM   417  C CD2 . TYR A 1 59  ? 6.474   -18.121 0.483   1.00 32.98  ? 51  TYR A CD2 1 
ATOM   418  C CE1 . TYR A 1 59  ? 6.951   -16.715 2.833   1.00 33.19  ? 51  TYR A CE1 1 
ATOM   419  C CE2 . TYR A 1 59  ? 5.605   -18.256 1.565   1.00 33.59  ? 51  TYR A CE2 1 
ATOM   420  C CZ  . TYR A 1 59  ? 5.852   -17.549 2.734   1.00 33.51  ? 51  TYR A CZ  1 
ATOM   421  O OH  . TYR A 1 59  ? 4.997   -17.679 3.801   1.00 33.86  ? 51  TYR A OH  1 
ATOM   422  N N   . ASP A 1 60  ? 10.883  -18.222 -2.741  1.00 31.07  ? 52  ASP A N   1 
ATOM   423  C CA  . ASP A 1 60  ? 11.758  -17.792 -3.833  1.00 30.65  ? 52  ASP A CA  1 
ATOM   424  C C   . ASP A 1 60  ? 11.655  -16.292 -4.113  1.00 30.30  ? 52  ASP A C   1 
ATOM   425  O O   . ASP A 1 60  ? 11.038  -15.862 -5.094  1.00 30.47  ? 52  ASP A O   1 
ATOM   426  C CB  . ASP A 1 60  ? 11.536  -18.633 -5.099  1.00 30.60  ? 52  ASP A CB  1 
ATOM   427  C CG  . ASP A 1 60  ? 12.266  -19.962 -5.044  1.00 30.69  ? 52  ASP A CG  1 
ATOM   428  O OD1 . ASP A 1 60  ? 13.517  -19.965 -5.053  1.00 30.49  ? 52  ASP A OD1 1 
ATOM   429  O OD2 . ASP A 1 60  ? 11.585  -21.006 -4.995  1.00 31.03  ? 52  ASP A OD2 1 
ATOM   430  N N   . CYS A 1 61  ? 12.264  -15.509 -3.222  1.00 29.79  ? 53  CYS A N   1 
ATOM   431  C CA  . CYS A 1 61  ? 12.298  -14.050 -3.316  1.00 29.19  ? 53  CYS A CA  1 
ATOM   432  C C   . CYS A 1 61  ? 13.353  -13.497 -2.362  1.00 28.15  ? 53  CYS A C   1 
ATOM   433  O O   . CYS A 1 61  ? 13.489  -14.001 -1.240  1.00 28.16  ? 53  CYS A O   1 
ATOM   434  C CB  . CYS A 1 61  ? 10.928  -13.450 -2.972  1.00 29.42  ? 53  CYS A CB  1 
ATOM   435  S SG  . CYS A 1 61  ? 10.263  -13.961 -1.361  1.00 31.39  ? 53  CYS A SG  1 
ATOM   436  N N   . PRO A 1 62  ? 14.110  -12.467 -2.803  1.00 27.03  ? 54  PRO A N   1 
ATOM   437  C CA  . PRO A 1 62  ? 14.994  -11.759 -1.870  1.00 26.12  ? 54  PRO A CA  1 
ATOM   438  C C   . PRO A 1 62  ? 14.189  -11.229 -0.692  1.00 25.17  ? 54  PRO A C   1 
ATOM   439  O O   . PRO A 1 62  ? 13.030  -10.836 -0.859  1.00 25.16  ? 54  PRO A O   1 
ATOM   440  C CB  . PRO A 1 62  ? 15.540  -10.603 -2.707  1.00 25.94  ? 54  PRO A CB  1 
ATOM   441  C CG  . PRO A 1 62  ? 15.482  -11.090 -4.107  1.00 26.61  ? 54  PRO A CG  1 
ATOM   442  C CD  . PRO A 1 62  ? 14.264  -11.978 -4.186  1.00 27.00  ? 54  PRO A CD  1 
ATOM   443  N N   . ILE A 1 63  ? 14.777  -11.264 0.495   1.00 23.92  ? 55  ILE A N   1 
ATOM   444  C CA  . ILE A 1 63  ? 14.083  -10.791 1.680   1.00 23.00  ? 55  ILE A CA  1 
ATOM   445  C C   . ILE A 1 63  ? 14.350  -9.298  1.837   1.00 22.49  ? 55  ILE A C   1 
ATOM   446  O O   . ILE A 1 63  ? 15.498  -8.842  1.795   1.00 21.60  ? 55  ILE A O   1 
ATOM   447  C CB  . ILE A 1 63  ? 14.484  -11.570 2.958   1.00 23.24  ? 55  ILE A CB  1 
ATOM   448  C CG1 . ILE A 1 63  ? 14.231  -13.073 2.770   1.00 22.91  ? 55  ILE A CG1 1 
ATOM   449  C CG2 . ILE A 1 63  ? 13.706  -11.063 4.178   1.00 23.43  ? 55  ILE A CG2 1 
ATOM   450  C CD1 . ILE A 1 63  ? 14.943  -13.946 3.794   1.00 23.73  ? 55  ILE A CD1 1 
ATOM   451  N N   . LEU A 1 64  ? 13.265  -8.548  1.993   1.00 21.97  ? 56  LEU A N   1 
ATOM   452  C CA  . LEU A 1 64  ? 13.331  -7.125  2.204   1.00 21.11  ? 56  LEU A CA  1 
ATOM   453  C C   . LEU A 1 64  ? 14.106  -6.814  3.465   1.00 21.19  ? 56  LEU A C   1 
ATOM   454  O O   . LEU A 1 64  ? 13.859  -7.413  4.524   1.00 21.20  ? 56  LEU A O   1 
ATOM   455  C CB  . LEU A 1 64  ? 11.909  -6.565  2.327   1.00 21.72  ? 56  LEU A CB  1 
ATOM   456  C CG  . LEU A 1 64  ? 11.798  -5.055  2.305   1.00 20.63  ? 56  LEU A CG  1 
ATOM   457  C CD1 . LEU A 1 64  ? 12.145  -4.577  0.914   1.00 22.39  ? 56  LEU A CD1 1 
ATOM   458  C CD2 . LEU A 1 64  ? 10.389  -4.621  2.678   1.00 21.75  ? 56  LEU A CD2 1 
ATOM   459  N N   . ASP A 1 65  ? 15.050  -5.881  3.347   1.00 20.93  ? 57  ASP A N   1 
ATOM   460  C CA  . ASP A 1 65  ? 15.732  -5.334  4.512   1.00 21.10  ? 57  ASP A CA  1 
ATOM   461  C C   . ASP A 1 65  ? 14.875  -4.216  5.100   1.00 21.16  ? 57  ASP A C   1 
ATOM   462  O O   . ASP A 1 65  ? 14.930  -3.065  4.645   1.00 20.25  ? 57  ASP A O   1 
ATOM   463  C CB  . ASP A 1 65  ? 17.117  -4.811  4.139   1.00 20.89  ? 57  ASP A CB  1 
ATOM   464  C CG  . ASP A 1 65  ? 17.967  -4.492  5.356   1.00 22.20  ? 57  ASP A CG  1 
ATOM   465  O OD1 . ASP A 1 65  ? 17.426  -3.944  6.350   1.00 24.30  ? 57  ASP A OD1 1 
ATOM   466  O OD2 . ASP A 1 65  ? 19.188  -4.769  5.316   1.00 20.23  ? 57  ASP A OD2 1 
ATOM   467  N N   . GLU A 1 66  ? 14.093  -4.560  6.119   1.00 21.12  ? 58  GLU A N   1 
ATOM   468  C CA  . GLU A 1 66  ? 13.054  -3.659  6.597   1.00 21.83  ? 58  GLU A CA  1 
ATOM   469  C C   . GLU A 1 66  ? 13.618  -2.389  7.230   1.00 21.92  ? 58  GLU A C   1 
ATOM   470  O O   . GLU A 1 66  ? 13.132  -1.294  6.951   1.00 21.87  ? 58  GLU A O   1 
ATOM   471  C CB  . GLU A 1 66  ? 12.067  -4.389  7.508   1.00 21.70  ? 58  GLU A CB  1 
ATOM   472  C CG  . GLU A 1 66  ? 11.156  -5.339  6.710   1.00 22.21  ? 58  GLU A CG  1 
ATOM   473  C CD  . GLU A 1 66  ? 10.321  -6.269  7.578   1.00 22.98  ? 58  GLU A CD  1 
ATOM   474  O OE1 . GLU A 1 66  ? 10.367  -6.165  8.825   1.00 22.05  ? 58  GLU A OE1 1 
ATOM   475  O OE2 . GLU A 1 66  ? 9.613   -7.115  6.991   1.00 23.10  ? 58  GLU A OE2 1 
ATOM   476  N N   . ASP A 1 67  ? 14.661  -2.539  8.047   1.00 22.02  ? 59  ASP A N   1 
ATOM   477  C CA  . ASP A 1 67  ? 15.321  -1.388  8.665   1.00 22.32  ? 59  ASP A CA  1 
ATOM   478  C C   . ASP A 1 67  ? 15.850  -0.407  7.625   1.00 22.01  ? 59  ASP A C   1 
ATOM   479  O O   . ASP A 1 67  ? 15.703  0.802   7.779   1.00 21.65  ? 59  ASP A O   1 
ATOM   480  C CB  . ASP A 1 67  ? 16.452  -1.841  9.582   1.00 22.82  ? 59  ASP A CB  1 
ATOM   481  C CG  . ASP A 1 67  ? 15.948  -2.332  10.915  1.00 24.63  ? 59  ASP A CG  1 
ATOM   482  O OD1 . ASP A 1 67  ? 14.719  -2.264  11.152  1.00 25.81  ? 59  ASP A OD1 1 
ATOM   483  O OD2 . ASP A 1 67  ? 16.782  -2.776  11.729  1.00 26.88  ? 59  ASP A OD2 1 
ATOM   484  N N   . ARG A 1 68  ? 16.463  -0.936  6.567   1.00 21.59  ? 60  ARG A N   1 
ATOM   485  C CA  . ARG A 1 68  ? 17.035  -0.100  5.519   1.00 21.48  ? 60  ARG A CA  1 
ATOM   486  C C   . ARG A 1 68  ? 15.955  0.622   4.723   1.00 20.86  ? 60  ARG A C   1 
ATOM   487  O O   . ARG A 1 68  ? 16.141  1.779   4.345   1.00 20.66  ? 60  ARG A O   1 
ATOM   488  C CB  . ARG A 1 68  ? 17.944  -0.919  4.598   1.00 21.32  ? 60  ARG A CB  1 
ATOM   489  C CG  . ARG A 1 68  ? 19.283  -1.272  5.238   1.00 23.52  ? 60  ARG A CG  1 
ATOM   490  C CD  . ARG A 1 68  ? 20.231  -1.910  4.231   1.00 25.66  ? 60  ARG A CD  1 
ATOM   491  N NE  . ARG A 1 68  ? 20.841  -0.919  3.348   1.00 28.77  ? 60  ARG A NE  1 
ATOM   492  C CZ  . ARG A 1 68  ? 21.507  -1.203  2.231   1.00 30.63  ? 60  ARG A CZ  1 
ATOM   493  N NH1 . ARG A 1 68  ? 21.648  -2.462  1.820   1.00 31.27  ? 60  ARG A NH1 1 
ATOM   494  N NH2 . ARG A 1 68  ? 22.028  -0.216  1.513   1.00 31.16  ? 60  ARG A NH2 1 
ATOM   495  N N   . VAL A 1 69  ? 14.832  -0.057  4.474   1.00 20.29  ? 61  VAL A N   1 
ATOM   496  C CA  . VAL A 1 69  ? 13.680  0.597   3.846   1.00 20.40  ? 61  VAL A CA  1 
ATOM   497  C C   . VAL A 1 69  ? 13.210  1.767   4.722   1.00 20.10  ? 61  VAL A C   1 
ATOM   498  O O   . VAL A 1 69  ? 12.986  2.871   4.220   1.00 20.70  ? 61  VAL A O   1 
ATOM   499  C CB  . VAL A 1 69  ? 12.513  -0.384  3.578   1.00 20.40  ? 61  VAL A CB  1 
ATOM   500  C CG1 . VAL A 1 69  ? 11.238  0.378   3.172   1.00 20.12  ? 61  VAL A CG1 1 
ATOM   501  C CG2 . VAL A 1 69  ? 12.914  -1.363  2.492   1.00 20.80  ? 61  VAL A CG2 1 
ATOM   502  N N   . VAL A 1 70  ? 13.076  1.521   6.019   1.00 19.25  ? 62  VAL A N   1 
ATOM   503  C CA  . VAL A 1 70  ? 12.647  2.571   6.957   1.00 19.70  ? 62  VAL A CA  1 
ATOM   504  C C   . VAL A 1 70  ? 13.642  3.743   6.931   1.00 19.68  ? 62  VAL A C   1 
ATOM   505  O O   . VAL A 1 70  ? 13.236  4.907   6.813   1.00 19.31  ? 62  VAL A O   1 
ATOM   506  C CB  . VAL A 1 70  ? 12.442  2.030   8.397   1.00 19.27  ? 62  VAL A CB  1 
ATOM   507  C CG1 . VAL A 1 70  ? 12.156  3.165   9.377   1.00 19.70  ? 62  VAL A CG1 1 
ATOM   508  C CG2 . VAL A 1 70  ? 11.297  1.022   8.432   1.00 19.66  ? 62  VAL A CG2 1 
ATOM   509  N N   . ASP A 1 71  ? 14.937  3.427   7.002   1.00 19.87  ? 63  ASP A N   1 
ATOM   510  C CA  . ASP A 1 71  ? 15.989  4.454   6.960   1.00 20.41  ? 63  ASP A CA  1 
ATOM   511  C C   . ASP A 1 71  ? 15.970  5.224   5.647   1.00 20.40  ? 63  ASP A C   1 
ATOM   512  O O   . ASP A 1 71  ? 16.153  6.444   5.623   1.00 20.60  ? 63  ASP A O   1 
ATOM   513  C CB  . ASP A 1 71  ? 17.367  3.831   7.192   1.00 21.11  ? 63  ASP A CB  1 
ATOM   514  C CG  . ASP A 1 71  ? 17.577  3.388   8.636   1.00 23.12  ? 63  ASP A CG  1 
ATOM   515  O OD1 . ASP A 1 71  ? 18.628  2.797   8.918   1.00 27.01  ? 63  ASP A OD1 1 
ATOM   516  O OD2 . ASP A 1 71  ? 16.699  3.635   9.495   1.00 27.03  ? 63  ASP A OD2 1 
ATOM   517  N N   . GLU A 1 72  ? 15.740  4.505   4.554   1.00 20.17  ? 64  GLU A N   1 
ATOM   518  C CA  . GLU A 1 72  ? 15.693  5.108   3.237   1.00 20.08  ? 64  GLU A CA  1 
ATOM   519  C C   . GLU A 1 72  ? 14.592  6.161   3.120   1.00 20.00  ? 64  GLU A C   1 
ATOM   520  O O   . GLU A 1 72  ? 14.802  7.213   2.519   1.00 19.45  ? 64  GLU A O   1 
ATOM   521  C CB  . GLU A 1 72  ? 15.489  4.022   2.183   1.00 20.11  ? 64  GLU A CB  1 
ATOM   522  C CG  . GLU A 1 72  ? 15.650  4.492   0.759   1.00 20.65  ? 64  GLU A CG  1 
ATOM   523  C CD  . GLU A 1 72  ? 17.097  4.759   0.399   1.00 22.28  ? 64  GLU A CD  1 
ATOM   524  O OE1 . GLU A 1 72  ? 18.005  4.290   1.126   1.00 23.51  ? 64  GLU A OE1 1 
ATOM   525  O OE2 . GLU A 1 72  ? 17.322  5.441   -0.617  1.00 21.72  ? 64  GLU A OE2 1 
ATOM   526  N N   . LEU A 1 73  ? 13.430  5.870   3.707   1.00 20.46  ? 65  LEU A N   1 
ATOM   527  C CA  . LEU A 1 73  ? 12.242  6.686   3.526   1.00 20.72  ? 65  LEU A CA  1 
ATOM   528  C C   . LEU A 1 73  ? 11.992  7.714   4.619   1.00 20.63  ? 65  LEU A C   1 
ATOM   529  O O   . LEU A 1 73  ? 11.184  8.624   4.429   1.00 20.12  ? 65  LEU A O   1 
ATOM   530  C CB  . LEU A 1 73  ? 11.005  5.785   3.408   1.00 20.49  ? 65  LEU A CB  1 
ATOM   531  C CG  . LEU A 1 73  ? 10.914  5.036   2.084   1.00 21.95  ? 65  LEU A CG  1 
ATOM   532  C CD1 . LEU A 1 73  ? 9.719   4.110   2.080   1.00 22.59  ? 65  LEU A CD1 1 
ATOM   533  C CD2 . LEU A 1 73  ? 10.866  6.030   0.935   1.00 24.88  ? 65  LEU A CD2 1 
ATOM   534  N N   . ASP A 1 74  ? 12.644  7.560   5.765   1.00 21.03  ? 66  ASP A N   1 
ATOM   535  C CA  . ASP A 1 74  ? 12.197  8.303   6.944   1.00 21.75  ? 66  ASP A CA  1 
ATOM   536  C C   . ASP A 1 74  ? 12.158  9.823   6.747   1.00 21.61  ? 66  ASP A C   1 
ATOM   537  O O   . ASP A 1 74  ? 11.153  10.459  7.060   1.00 21.40  ? 66  ASP A O   1 
ATOM   538  C CB  . ASP A 1 74  ? 12.984  7.927   8.198   1.00 21.99  ? 66  ASP A CB  1 
ATOM   539  C CG  . ASP A 1 74  ? 12.361  8.501   9.447   1.00 24.01  ? 66  ASP A CG  1 
ATOM   540  O OD1 . ASP A 1 74  ? 13.055  9.251   10.157  1.00 25.55  ? 66  ASP A OD1 1 
ATOM   541  O OD2 . ASP A 1 74  ? 11.161  8.242   9.696   1.00 24.39  ? 66  ASP A OD2 1 
ATOM   542  N N   . ASN A 1 75  ? 13.231  10.390  6.206   1.00 21.65  ? 67  ASN A N   1 
ATOM   543  C CA  . ASN A 1 75  ? 13.317  11.843  6.026   1.00 21.97  ? 67  ASN A CA  1 
ATOM   544  C C   . ASN A 1 75  ? 12.180  12.365  5.166   1.00 21.39  ? 67  ASN A C   1 
ATOM   545  O O   . ASN A 1 75  ? 11.536  13.356  5.501   1.00 21.40  ? 67  ASN A O   1 
ATOM   546  C CB  . ASN A 1 75  ? 14.658  12.241  5.401   1.00 22.26  ? 67  ASN A CB  1 
ATOM   547  C CG  . ASN A 1 75  ? 15.801  12.255  6.408   1.00 24.50  ? 67  ASN A CG  1 
ATOM   548  O OD1 . ASN A 1 75  ? 16.970  12.414  6.031   1.00 27.66  ? 67  ASN A OD1 1 
ATOM   549  N ND2 . ASN A 1 75  ? 15.474  12.098  7.693   1.00 24.86  ? 67  ASN A ND2 1 
ATOM   550  N N   . GLN A 1 76  ? 11.941  11.682  4.057   1.00 20.76  ? 68  GLN A N   1 
ATOM   551  C CA  . GLN A 1 76  ? 10.853  12.028  3.168   1.00 20.48  ? 68  GLN A CA  1 
ATOM   552  C C   . GLN A 1 76  ? 9.488   11.896  3.847   1.00 19.51  ? 68  GLN A C   1 
ATOM   553  O O   . GLN A 1 76  ? 8.622   12.762  3.675   1.00 19.11  ? 68  GLN A O   1 
ATOM   554  C CB  . GLN A 1 76  ? 10.898  11.153  1.929   1.00 21.06  ? 68  GLN A CB  1 
ATOM   555  C CG  . GLN A 1 76  ? 10.091  11.720  0.805   1.00 22.92  ? 68  GLN A CG  1 
ATOM   556  C CD  . GLN A 1 76  ? 10.272  10.972  -0.496  1.00 25.03  ? 68  GLN A CD  1 
ATOM   557  O OE1 . GLN A 1 76  ? 11.135  10.104  -0.631  1.00 25.13  ? 68  GLN A OE1 1 
ATOM   558  N NE2 . GLN A 1 76  ? 9.444   11.308  -1.467  1.00 25.29  ? 68  GLN A NE2 1 
ATOM   559  N N   . MET A 1 77  ? 9.300   10.824  4.616   1.00 17.86  ? 69  MET A N   1 
ATOM   560  C CA  . MET A 1 77  ? 8.041   10.620  5.327   1.00 17.06  ? 69  MET A CA  1 
ATOM   561  C C   . MET A 1 77  ? 7.803   11.734  6.341   1.00 17.07  ? 69  MET A C   1 
ATOM   562  O O   . MET A 1 77  ? 6.688   12.217  6.476   1.00 16.33  ? 69  MET A O   1 
ATOM   563  C CB  . MET A 1 77  ? 7.989   9.247   6.012   1.00 16.75  ? 69  MET A CB  1 
ATOM   564  C CG  . MET A 1 77  ? 8.075   8.054   5.035   1.00 15.69  ? 69  MET A CG  1 
ATOM   565  S SD  . MET A 1 77  ? 6.891   8.136   3.650   1.00 14.63  ? 69  MET A SD  1 
ATOM   566  C CE  . MET A 1 77  ? 5.353   7.854   4.550   1.00 14.45  ? 69  MET A CE  1 
ATOM   567  N N   . ARG A 1 78  ? 8.862   12.151  7.031   1.00 17.19  ? 70  ARG A N   1 
ATOM   568  C CA  . ARG A 1 78  ? 8.758   13.241  8.006   1.00 18.30  ? 70  ARG A CA  1 
ATOM   569  C C   . ARG A 1 78  ? 8.294   14.536  7.336   1.00 17.96  ? 70  ARG A C   1 
ATOM   570  O O   . ARG A 1 78  ? 7.586   15.334  7.942   1.00 18.25  ? 70  ARG A O   1 
ATOM   571  C CB  . ARG A 1 78  ? 10.096  13.444  8.734   1.00 18.10  ? 70  ARG A CB  1 
ATOM   572  C CG  . ARG A 1 78  ? 10.425  12.289  9.686   1.00 21.23  ? 70  ARG A CG  1 
ATOM   573  C CD  . ARG A 1 78  ? 11.851  12.343  10.251  1.00 26.74  ? 70  ARG A CD  1 
ATOM   574  N NE  . ARG A 1 78  ? 11.866  12.723  11.661  1.00 31.54  ? 70  ARG A NE  1 
ATOM   575  C CZ  . ARG A 1 78  ? 12.070  11.885  12.680  1.00 33.43  ? 70  ARG A CZ  1 
ATOM   576  N NH1 . ARG A 1 78  ? 12.289  10.591  12.472  1.00 33.90  ? 70  ARG A NH1 1 
ATOM   577  N NH2 . ARG A 1 78  ? 12.071  12.351  13.921  1.00 34.46  ? 70  ARG A NH2 1 
ATOM   578  N N   . GLU A 1 79  ? 8.697   14.737  6.085   1.00 18.05  ? 71  GLU A N   1 
ATOM   579  C CA  . GLU A 1 79  ? 8.304   15.940  5.356   1.00 19.14  ? 71  GLU A CA  1 
ATOM   580  C C   . GLU A 1 79  ? 6.852   15.893  4.859   1.00 18.53  ? 71  GLU A C   1 
ATOM   581  O O   . GLU A 1 79  ? 6.243   16.938  4.597   1.00 18.56  ? 71  GLU A O   1 
ATOM   582  C CB  . GLU A 1 79  ? 9.288   16.225  4.224   1.00 19.58  ? 71  GLU A CB  1 
ATOM   583  C CG  . GLU A 1 79  ? 10.613  16.796  4.745   1.00 23.64  ? 71  GLU A CG  1 
ATOM   584  C CD  . GLU A 1 79  ? 11.684  16.872  3.682   1.00 28.33  ? 71  GLU A CD  1 
ATOM   585  O OE1 . GLU A 1 79  ? 12.027  15.818  3.096   1.00 32.07  ? 71  GLU A OE1 1 
ATOM   586  O OE2 . GLU A 1 79  ? 12.196  17.984  3.444   1.00 31.72  ? 71  GLU A OE2 1 
ATOM   587  N N   . GLY A 1 80  ? 6.302   14.685  4.740   1.00 18.19  ? 72  GLY A N   1 
ATOM   588  C CA  . GLY A 1 80  ? 4.891   14.531  4.413   1.00 16.78  ? 72  GLY A CA  1 
ATOM   589  C C   . GLY A 1 80  ? 4.598   14.558  2.929   1.00 16.02  ? 72  GLY A C   1 
ATOM   590  O O   . GLY A 1 80  ? 5.470   14.886  2.113   1.00 16.70  ? 72  GLY A O   1 
ATOM   591  N N   . GLY A 1 81  ? 3.362   14.215  2.578   1.00 14.92  ? 73  GLY A N   1 
ATOM   592  C CA  . GLY A 1 81  ? 2.926   14.200  1.178   1.00 14.24  ? 73  GLY A CA  1 
ATOM   593  C C   . GLY A 1 81  ? 3.355   12.974  0.393   1.00 14.20  ? 73  GLY A C   1 
ATOM   594  O O   . GLY A 1 81  ? 3.650   13.068  -0.805  1.00 13.18  ? 73  GLY A O   1 
ATOM   595  N N   . VAL A 1 82  ? 3.343   11.807  1.047   1.00 13.99  ? 74  VAL A N   1 
ATOM   596  C CA  . VAL A 1 82  ? 3.819   10.575  0.394   1.00 13.41  ? 74  VAL A CA  1 
ATOM   597  C C   . VAL A 1 82  ? 2.735   9.511   0.459   1.00 13.98  ? 74  VAL A C   1 
ATOM   598  O O   . VAL A 1 82  ? 2.106   9.304   1.507   1.00 13.72  ? 74  VAL A O   1 
ATOM   599  C CB  . VAL A 1 82  ? 5.098   9.990   1.055   1.00 13.38  ? 74  VAL A CB  1 
ATOM   600  C CG1 . VAL A 1 82  ? 5.625   8.770   0.276   1.00 12.54  ? 74  VAL A CG1 1 
ATOM   601  C CG2 . VAL A 1 82  ? 6.192   11.042  1.198   1.00 13.28  ? 74  VAL A CG2 1 
ATOM   602  N N   . ILE A 1 83  ? 2.537   8.850   -0.677  1.00 13.01  ? 75  ILE A N   1 
ATOM   603  C CA  . ILE A 1 83  ? 1.661   7.704   -0.764  1.00 13.70  ? 75  ILE A CA  1 
ATOM   604  C C   . ILE A 1 83  ? 2.555   6.484   -0.900  1.00 13.47  ? 75  ILE A C   1 
ATOM   605  O O   . ILE A 1 83  ? 3.278   6.342   -1.893  1.00 13.32  ? 75  ILE A O   1 
ATOM   606  C CB  . ILE A 1 83  ? 0.727   7.805   -1.977  1.00 14.22  ? 75  ILE A CB  1 
ATOM   607  C CG1 . ILE A 1 83  ? -0.152  9.056   -1.881  1.00 14.29  ? 75  ILE A CG1 1 
ATOM   608  C CG2 . ILE A 1 83  ? -0.163  6.542   -2.098  1.00 14.10  ? 75  ILE A CG2 1 
ATOM   609  C CD1 . ILE A 1 83  ? -0.619  9.518   -3.250  1.00 17.39  ? 75  ILE A CD1 1 
ATOM   610  N N   . VAL A 1 84  ? 2.516   5.621   0.109   1.00 12.42  ? 76  VAL A N   1 
ATOM   611  C CA  . VAL A 1 84  ? 3.355   4.433   0.140   1.00 12.53  ? 76  VAL A CA  1 
ATOM   612  C C   . VAL A 1 84  ? 2.546   3.185   -0.201  1.00 13.24  ? 76  VAL A C   1 
ATOM   613  O O   . VAL A 1 84  ? 1.451   2.977   0.326   1.00 13.43  ? 76  VAL A O   1 
ATOM   614  C CB  . VAL A 1 84  ? 4.017   4.267   1.518   1.00 12.28  ? 76  VAL A CB  1 
ATOM   615  C CG1 . VAL A 1 84  ? 4.867   2.996   1.570   1.00 11.11  ? 76  VAL A CG1 1 
ATOM   616  C CG2 . VAL A 1 84  ? 4.878   5.493   1.842   1.00 12.45  ? 76  VAL A CG2 1 
ATOM   617  N N   . ASP A 1 85  ? 3.105   2.356   -1.076  1.00 12.61  ? 77  ASP A N   1 
ATOM   618  C CA  . ASP A 1 85  ? 2.436   1.171   -1.571  1.00 12.96  ? 77  ASP A CA  1 
ATOM   619  C C   . ASP A 1 85  ? 3.286   -0.033  -1.183  1.00 13.11  ? 77  ASP A C   1 
ATOM   620  O O   . ASP A 1 85  ? 4.422   -0.168  -1.639  1.00 12.57  ? 77  ASP A O   1 
ATOM   621  C CB  . ASP A 1 85  ? 2.276   1.317   -3.099  1.00 13.54  ? 77  ASP A CB  1 
ATOM   622  C CG  . ASP A 1 85  ? 1.988   0.015   -3.832  1.00 14.42  ? 77  ASP A CG  1 
ATOM   623  O OD1 . ASP A 1 85  ? 1.848   0.112   -5.071  1.00 14.74  ? 77  ASP A OD1 1 
ATOM   624  O OD2 . ASP A 1 85  ? 1.937   -1.088  -3.237  1.00 13.99  ? 77  ASP A OD2 1 
ATOM   625  N N   . TYR A 1 86  ? 2.757   -0.889  -0.310  1.00 12.76  ? 78  TYR A N   1 
ATOM   626  C CA  . TYR A 1 86  ? 3.434   -2.146  -0.010  1.00 13.52  ? 78  TYR A CA  1 
ATOM   627  C C   . TYR A 1 86  ? 2.482   -3.198  0.539   1.00 13.80  ? 78  TYR A C   1 
ATOM   628  O O   . TYR A 1 86  ? 1.496   -2.868  1.221   1.00 13.52  ? 78  TYR A O   1 
ATOM   629  C CB  . TYR A 1 86  ? 4.598   -1.937  0.960   1.00 13.22  ? 78  TYR A CB  1 
ATOM   630  C CG  . TYR A 1 86  ? 5.536   -3.127  0.992   1.00 14.78  ? 78  TYR A CG  1 
ATOM   631  C CD1 . TYR A 1 86  ? 5.816   -3.787  2.186   1.00 16.32  ? 78  TYR A CD1 1 
ATOM   632  C CD2 . TYR A 1 86  ? 6.102   -3.612  -0.179  1.00 15.74  ? 78  TYR A CD2 1 
ATOM   633  C CE1 . TYR A 1 86  ? 6.672   -4.891  2.214   1.00 18.43  ? 78  TYR A CE1 1 
ATOM   634  C CE2 . TYR A 1 86  ? 6.947   -4.723  -0.170  1.00 18.53  ? 78  TYR A CE2 1 
ATOM   635  C CZ  . TYR A 1 86  ? 7.228   -5.345  1.028   1.00 19.16  ? 78  TYR A CZ  1 
ATOM   636  O OH  . TYR A 1 86  ? 8.060   -6.432  1.020   1.00 23.19  ? 78  TYR A OH  1 
ATOM   637  N N   . HIS A 1 87  ? 2.796   -4.461  0.256   1.00 14.47  ? 79  HIS A N   1 
ATOM   638  C CA  . HIS A 1 87  ? 1.990   -5.603  0.727   1.00 15.75  ? 79  HIS A CA  1 
ATOM   639  C C   . HIS A 1 87  ? 2.472   -6.090  2.089   1.00 16.38  ? 79  HIS A C   1 
ATOM   640  O O   . HIS A 1 87  ? 2.595   -7.298  2.330   1.00 16.56  ? 79  HIS A O   1 
ATOM   641  C CB  . HIS A 1 87  ? 2.024   -6.747  -0.285  1.00 16.14  ? 79  HIS A CB  1 
ATOM   642  C CG  . HIS A 1 87  ? 3.406   -7.129  -0.725  1.00 19.25  ? 79  HIS A CG  1 
ATOM   643  N ND1 . HIS A 1 87  ? 3.954   -6.696  -1.918  1.00 21.27  ? 79  HIS A ND1 1 
ATOM   644  C CD2 . HIS A 1 87  ? 4.350   -7.902  -0.136  1.00 20.13  ? 79  HIS A CD2 1 
ATOM   645  C CE1 . HIS A 1 87  ? 5.177   -7.183  -2.037  1.00 20.53  ? 79  HIS A CE1 1 
ATOM   646  N NE2 . HIS A 1 87  ? 5.440   -7.921  -0.972  1.00 21.46  ? 79  HIS A NE2 1 
ATOM   647  N N   . GLY A 1 88  ? 2.764   -5.131  2.964   1.00 16.37  ? 80  GLY A N   1 
ATOM   648  C CA  . GLY A 1 88  ? 3.195   -5.384  4.335   1.00 16.99  ? 80  GLY A CA  1 
ATOM   649  C C   . GLY A 1 88  ? 3.167   -4.028  5.013   1.00 17.64  ? 80  GLY A C   1 
ATOM   650  O O   . GLY A 1 88  ? 3.281   -2.988  4.335   1.00 17.75  ? 80  GLY A O   1 
ATOM   651  N N   . CYS A 1 89  ? 2.999   -4.001  6.331   1.00 17.40  ? 81  CYS A N   1 
ATOM   652  C CA  . CYS A 1 89  ? 2.939   -2.709  7.012   1.00 18.03  ? 81  CYS A CA  1 
ATOM   653  C C   . CYS A 1 89  ? 3.369   -2.723  8.463   1.00 17.77  ? 81  CYS A C   1 
ATOM   654  O O   . CYS A 1 89  ? 3.524   -1.655  9.071   1.00 17.56  ? 81  CYS A O   1 
ATOM   655  C CB  . CYS A 1 89  ? 1.547   -2.089  6.873   1.00 18.58  ? 81  CYS A CB  1 
ATOM   656  S SG  . CYS A 1 89  ? 0.243   -3.111  7.587   1.00 22.01  ? 81  CYS A SG  1 
ATOM   657  N N   . ASP A 1 90  ? 3.613   -3.906  9.019   1.00 17.33  ? 82  ASP A N   1 
ATOM   658  C CA  . ASP A 1 90  ? 3.932   -3.975  10.452  1.00 17.95  ? 82  ASP A CA  1 
ATOM   659  C C   . ASP A 1 90  ? 5.257   -3.299  10.838  1.00 17.94  ? 82  ASP A C   1 
ATOM   660  O O   . ASP A 1 90  ? 5.431   -2.904  11.994  1.00 19.09  ? 82  ASP A O   1 
ATOM   661  C CB  . ASP A 1 90  ? 3.841   -5.406  11.005  1.00 18.11  ? 82  ASP A CB  1 
ATOM   662  C CG  . ASP A 1 90  ? 4.795   -6.373  10.325  1.00 19.44  ? 82  ASP A CG  1 
ATOM   663  O OD1 . ASP A 1 90  ? 5.708   -5.945  9.575   1.00 17.54  ? 82  ASP A OD1 1 
ATOM   664  O OD2 . ASP A 1 90  ? 4.622   -7.586  10.556  1.00 19.89  ? 82  ASP A OD2 1 
ATOM   665  N N   . PHE A 1 91  ? 6.173   -3.138  9.883   1.00 16.80  ? 83  PHE A N   1 
ATOM   666  C CA  . PHE A 1 91  ? 7.508   -2.626  10.201  1.00 16.51  ? 83  PHE A CA  1 
ATOM   667  C C   . PHE A 1 91  ? 7.670   -1.123  9.990   1.00 16.13  ? 83  PHE A C   1 
ATOM   668  O O   . PHE A 1 91  ? 8.698   -0.564  10.371  1.00 16.20  ? 83  PHE A O   1 
ATOM   669  C CB  . PHE A 1 91  ? 8.596   -3.374  9.413   1.00 16.31  ? 83  PHE A CB  1 
ATOM   670  C CG  . PHE A 1 91  ? 8.503   -3.183  7.926   1.00 17.16  ? 83  PHE A CG  1 
ATOM   671  C CD1 . PHE A 1 91  ? 7.689   -4.006  7.159   1.00 18.07  ? 83  PHE A CD1 1 
ATOM   672  C CD2 . PHE A 1 91  ? 9.252   -2.194  7.287   1.00 18.54  ? 83  PHE A CD2 1 
ATOM   673  C CE1 . PHE A 1 91  ? 7.598   -3.847  5.778   1.00 18.66  ? 83  PHE A CE1 1 
ATOM   674  C CE2 . PHE A 1 91  ? 9.171   -2.025  5.906   1.00 18.89  ? 83  PHE A CE2 1 
ATOM   675  C CZ  . PHE A 1 91  ? 8.334   -2.846  5.149   1.00 18.90  ? 83  PHE A CZ  1 
ATOM   676  N N   . PHE A 1 92  ? 6.684   -0.469  9.372   1.00 15.96  ? 84  PHE A N   1 
ATOM   677  C CA  . PHE A 1 92  ? 6.750   0.983   9.192   1.00 15.61  ? 84  PHE A CA  1 
ATOM   678  C C   . PHE A 1 92  ? 6.525   1.673   10.543  1.00 15.75  ? 84  PHE A C   1 
ATOM   679  O O   . PHE A 1 92  ? 5.705   1.213   11.331  1.00 16.04  ? 84  PHE A O   1 
ATOM   680  C CB  . PHE A 1 92  ? 5.673   1.486   8.225   1.00 15.12  ? 84  PHE A CB  1 
ATOM   681  C CG  . PHE A 1 92  ? 5.783   0.942   6.817   1.00 15.36  ? 84  PHE A CG  1 
ATOM   682  C CD1 . PHE A 1 92  ? 4.666   0.390   6.195   1.00 14.32  ? 84  PHE A CD1 1 
ATOM   683  C CD2 . PHE A 1 92  ? 6.980   1.003   6.115   1.00 16.42  ? 84  PHE A CD2 1 
ATOM   684  C CE1 . PHE A 1 92  ? 4.739   -0.109  4.871   1.00 15.74  ? 84  PHE A CE1 1 
ATOM   685  C CE2 . PHE A 1 92  ? 7.066   0.512   4.802   1.00 15.89  ? 84  PHE A CE2 1 
ATOM   686  C CZ  . PHE A 1 92  ? 5.941   -0.044  4.185   1.00 14.20  ? 84  PHE A CZ  1 
ATOM   687  N N   . PRO A 1 93  ? 7.257   2.767   10.823  1.00 15.48  ? 85  PRO A N   1 
ATOM   688  C CA  . PRO A 1 93  ? 6.932   3.517   12.032  1.00 15.42  ? 85  PRO A CA  1 
ATOM   689  C C   . PRO A 1 93  ? 5.467   3.959   11.994  1.00 15.42  ? 85  PRO A C   1 
ATOM   690  O O   . PRO A 1 93  ? 4.982   4.437   10.955  1.00 14.83  ? 85  PRO A O   1 
ATOM   691  C CB  . PRO A 1 93  ? 7.852   4.731   11.943  1.00 15.74  ? 85  PRO A CB  1 
ATOM   692  C CG  . PRO A 1 93  ? 9.061   4.215   11.191  1.00 15.54  ? 85  PRO A CG  1 
ATOM   693  C CD  . PRO A 1 93  ? 8.504   3.238   10.191  1.00 15.19  ? 85  PRO A CD  1 
ATOM   694  N N   . GLU A 1 94  ? 4.760   3.775   13.108  1.00 14.75  ? 86  GLU A N   1 
ATOM   695  C CA  . GLU A 1 94  ? 3.335   4.080   13.149  1.00 14.92  ? 86  GLU A CA  1 
ATOM   696  C C   . GLU A 1 94  ? 3.080   5.552   12.814  1.00 15.10  ? 86  GLU A C   1 
ATOM   697  O O   . GLU A 1 94  ? 2.082   5.879   12.160  1.00 15.29  ? 86  GLU A O   1 
ATOM   698  C CB  . GLU A 1 94  ? 2.732   3.729   14.513  1.00 14.51  ? 86  GLU A CB  1 
ATOM   699  C CG  . GLU A 1 94  ? 1.218   3.706   14.493  1.00 15.23  ? 86  GLU A CG  1 
ATOM   700  C CD  . GLU A 1 94  ? 0.593   3.277   15.808  1.00 16.55  ? 86  GLU A CD  1 
ATOM   701  O OE1 . GLU A 1 94  ? -0.641  3.421   15.929  1.00 18.65  ? 86  GLU A OE1 1 
ATOM   702  O OE2 . GLU A 1 94  ? 1.320   2.800   16.703  1.00 16.28  ? 86  GLU A OE2 1 
ATOM   703  N N   . ARG A 1 95  ? 4.010   6.409   13.227  1.00 15.38  ? 87  ARG A N   1 
ATOM   704  C CA  . ARG A 1 95  ? 3.885   7.861   13.083  1.00 15.73  ? 87  ARG A CA  1 
ATOM   705  C C   . ARG A 1 95  ? 3.850   8.293   11.629  1.00 15.44  ? 87  ARG A C   1 
ATOM   706  O O   . ARG A 1 95  ? 3.402   9.388   11.326  1.00 15.04  ? 87  ARG A O   1 
ATOM   707  C CB  . ARG A 1 95  ? 5.040   8.575   13.800  1.00 15.52  ? 87  ARG A CB  1 
ATOM   708  C CG  . ARG A 1 95  ? 6.410   8.289   13.206  1.00 16.98  ? 87  ARG A CG  1 
ATOM   709  C CD  . ARG A 1 95  ? 7.577   8.936   13.955  1.00 19.41  ? 87  ARG A CD  1 
ATOM   710  N NE  . ARG A 1 95  ? 8.801   8.178   13.681  1.00 21.97  ? 87  ARG A NE  1 
ATOM   711  C CZ  . ARG A 1 95  ? 9.603   8.362   12.627  1.00 23.51  ? 87  ARG A CZ  1 
ATOM   712  N NH1 . ARG A 1 95  ? 9.359   9.321   11.738  1.00 23.76  ? 87  ARG A NH1 1 
ATOM   713  N NH2 . ARG A 1 95  ? 10.667  7.588   12.470  1.00 23.08  ? 87  ARG A NH2 1 
ATOM   714  N N   . TRP A 1 96  ? 4.334   7.440   10.724  1.00 15.55  ? 88  TRP A N   1 
ATOM   715  C CA  . TRP A 1 96  ? 4.410   7.816   9.318   1.00 15.44  ? 88  TRP A CA  1 
ATOM   716  C C   . TRP A 1 96  ? 3.054   8.132   8.709   1.00 15.35  ? 88  TRP A C   1 
ATOM   717  O O   . TRP A 1 96  ? 2.934   9.082   7.941   1.00 16.42  ? 88  TRP A O   1 
ATOM   718  C CB  . TRP A 1 96  ? 5.014   6.687   8.507   1.00 15.63  ? 88  TRP A CB  1 
ATOM   719  C CG  . TRP A 1 96  ? 6.515   6.672   8.467   1.00 16.06  ? 88  TRP A CG  1 
ATOM   720  C CD1 . TRP A 1 96  ? 7.392   7.413   9.223   1.00 17.76  ? 88  TRP A CD1 1 
ATOM   721  C CD2 . TRP A 1 96  ? 7.298   5.836   7.641   1.00 16.35  ? 88  TRP A CD2 1 
ATOM   722  N NE1 . TRP A 1 96  ? 8.694   7.095   8.883   1.00 17.09  ? 88  TRP A NE1 1 
ATOM   723  C CE2 . TRP A 1 96  ? 8.662   6.125   7.914   1.00 16.96  ? 88  TRP A CE2 1 
ATOM   724  C CE3 . TRP A 1 96  ? 6.983   4.862   6.680   1.00 17.00  ? 88  TRP A CE3 1 
ATOM   725  C CZ2 . TRP A 1 96  ? 9.707   5.473   7.261   1.00 16.91  ? 88  TRP A CZ2 1 
ATOM   726  C CZ3 . TRP A 1 96  ? 8.038   4.229   6.007   1.00 18.11  ? 88  TRP A CZ3 1 
ATOM   727  C CH2 . TRP A 1 96  ? 9.374   4.535   6.310   1.00 16.37  ? 88  TRP A CH2 1 
ATOM   728  N N   . PHE A 1 97  ? 2.046   7.329   9.032   1.00 14.45  ? 89  PHE A N   1 
ATOM   729  C CA  . PHE A 1 97  ? 0.797   7.379   8.284   1.00 13.89  ? 89  PHE A CA  1 
ATOM   730  C C   . PHE A 1 97  ? -0.369  8.049   8.967   1.00 14.16  ? 89  PHE A C   1 
ATOM   731  O O   . PHE A 1 97  ? -0.666  7.779   10.129  1.00 13.48  ? 89  PHE A O   1 
ATOM   732  C CB  . PHE A 1 97  ? 0.420   5.980   7.811   1.00 13.88  ? 89  PHE A CB  1 
ATOM   733  C CG  . PHE A 1 97  ? 1.444   5.389   6.901   1.00 14.59  ? 89  PHE A CG  1 
ATOM   734  C CD1 . PHE A 1 97  ? 1.704   5.994   5.665   1.00 14.14  ? 89  PHE A CD1 1 
ATOM   735  C CD2 . PHE A 1 97  ? 2.185   4.258   7.282   1.00 13.74  ? 89  PHE A CD2 1 
ATOM   736  C CE1 . PHE A 1 97  ? 2.670   5.469   4.791   1.00 14.62  ? 89  PHE A CE1 1 
ATOM   737  C CE2 . PHE A 1 97  ? 3.164   3.717   6.411   1.00 13.92  ? 89  PHE A CE2 1 
ATOM   738  C CZ  . PHE A 1 97  ? 3.397   4.329   5.167   1.00 15.36  ? 89  PHE A CZ  1 
ATOM   739  N N   . HIS A 1 98  ? -1.037  8.917   8.206   1.00 14.46  ? 90  HIS A N   1 
ATOM   740  C CA  . HIS A 1 98  ? -2.213  9.630   8.691   1.00 14.67  ? 90  HIS A CA  1 
ATOM   741  C C   . HIS A 1 98  ? -3.469  8.835   8.422   1.00 14.02  ? 90  HIS A C   1 
ATOM   742  O O   . HIS A 1 98  ? -4.469  8.997   9.106   1.00 14.07  ? 90  HIS A O   1 
ATOM   743  C CB  . HIS A 1 98  ? -2.264  11.033  8.056   1.00 14.67  ? 90  HIS A CB  1 
ATOM   744  C CG  . HIS A 1 98  ? -1.070  11.857  8.402   1.00 15.24  ? 90  HIS A CG  1 
ATOM   745  N ND1 . HIS A 1 98  ? 0.021   11.967  7.570   1.00 15.27  ? 90  HIS A ND1 1 
ATOM   746  C CD2 . HIS A 1 98  ? -0.756  12.542  9.528   1.00 15.61  ? 90  HIS A CD2 1 
ATOM   747  C CE1 . HIS A 1 98  ? 0.939   12.720  8.146   1.00 15.59  ? 90  HIS A CE1 1 
ATOM   748  N NE2 . HIS A 1 98  ? 0.491   13.085  9.335   1.00 17.05  ? 90  HIS A NE2 1 
ATOM   749  N N   . ILE A 1 99  ? -3.397  7.938   7.443   1.00 13.72  ? 91  ILE A N   1 
ATOM   750  C CA  . ILE A 1 99  ? -4.511  7.077   7.098   1.00 13.67  ? 91  ILE A CA  1 
ATOM   751  C C   . ILE A 1 99  ? -3.943  5.843   6.414   1.00 13.86  ? 91  ILE A C   1 
ATOM   752  O O   . ILE A 1 99  ? -2.888  5.906   5.787   1.00 13.64  ? 91  ILE A O   1 
ATOM   753  C CB  . ILE A 1 99  ? -5.555  7.805   6.205   1.00 14.47  ? 91  ILE A CB  1 
ATOM   754  C CG1 . ILE A 1 99  ? -6.855  6.999   6.092   1.00 15.14  ? 91  ILE A CG1 1 
ATOM   755  C CG2 . ILE A 1 99  ? -4.985  8.121   4.795   1.00 13.02  ? 91  ILE A CG2 1 
ATOM   756  C CD1 . ILE A 1 99  ? -8.102  7.905   5.888   1.00 17.40  ? 91  ILE A CD1 1 
ATOM   757  N N   . VAL A 1 100 ? -4.621  4.715   6.578   1.00 13.46  ? 92  VAL A N   1 
ATOM   758  C CA  . VAL A 1 100 ? -4.164  3.457   6.012   1.00 13.88  ? 92  VAL A CA  1 
ATOM   759  C C   . VAL A 1 100 ? -5.335  2.811   5.306   1.00 14.49  ? 92  VAL A C   1 
ATOM   760  O O   . VAL A 1 100 ? -6.378  2.580   5.925   1.00 15.63  ? 92  VAL A O   1 
ATOM   761  C CB  . VAL A 1 100 ? -3.643  2.493   7.102   1.00 13.61  ? 92  VAL A CB  1 
ATOM   762  C CG1 . VAL A 1 100 ? -3.272  1.130   6.485   1.00 13.41  ? 92  VAL A CG1 1 
ATOM   763  C CG2 . VAL A 1 100 ? -2.450  3.106   7.861   1.00 13.32  ? 92  VAL A CG2 1 
ATOM   764  N N   . PHE A 1 101 ? -5.168  2.527   4.016   1.00 13.94  ? 93  PHE A N   1 
ATOM   765  C CA  . PHE A 1 101 ? -6.193  1.844   3.236   1.00 13.69  ? 93  PHE A CA  1 
ATOM   766  C C   . PHE A 1 101 ? -5.733  0.439   2.927   1.00 14.17  ? 93  PHE A C   1 
ATOM   767  O O   . PHE A 1 101 ? -4.640  0.242   2.401   1.00 14.09  ? 93  PHE A O   1 
ATOM   768  C CB  . PHE A 1 101 ? -6.483  2.604   1.934   1.00 14.24  ? 93  PHE A CB  1 
ATOM   769  C CG  . PHE A 1 101 ? -7.050  3.974   2.156   1.00 14.54  ? 93  PHE A CG  1 
ATOM   770  C CD1 . PHE A 1 101 ? -6.261  5.106   1.985   1.00 14.37  ? 93  PHE A CD1 1 
ATOM   771  C CD2 . PHE A 1 101 ? -8.381  4.127   2.549   1.00 14.35  ? 93  PHE A CD2 1 
ATOM   772  C CE1 . PHE A 1 101 ? -6.794  6.391   2.202   1.00 14.27  ? 93  PHE A CE1 1 
ATOM   773  C CE2 . PHE A 1 101 ? -8.922  5.404   2.757   1.00 15.24  ? 93  PHE A CE2 1 
ATOM   774  C CZ  . PHE A 1 101 ? -8.129  6.527   2.587   1.00 14.48  ? 93  PHE A CZ  1 
ATOM   775  N N   . VAL A 1 102 ? -6.558  -0.542  3.284   1.00 13.65  ? 94  VAL A N   1 
ATOM   776  C CA  . VAL A 1 102 ? -6.300  -1.927  2.920   1.00 12.88  ? 94  VAL A CA  1 
ATOM   777  C C   . VAL A 1 102 ? -7.215  -2.234  1.750   1.00 13.33  ? 94  VAL A C   1 
ATOM   778  O O   . VAL A 1 102 ? -8.439  -2.329  1.914   1.00 13.42  ? 94  VAL A O   1 
ATOM   779  C CB  . VAL A 1 102 ? -6.604  -2.903  4.090   1.00 12.67  ? 94  VAL A CB  1 
ATOM   780  C CG1 . VAL A 1 102 ? -6.122  -4.314  3.733   1.00 12.93  ? 94  VAL A CG1 1 
ATOM   781  C CG2 . VAL A 1 102 ? -5.961  -2.416  5.391   1.00 11.34  ? 94  VAL A CG2 1 
ATOM   782  N N   . LEU A 1 103 ? -6.636  -2.361  0.563   1.00 13.15  ? 95  LEU A N   1 
ATOM   783  C CA  . LEU A 1 103 ? -7.428  -2.699  -0.598  1.00 13.87  ? 95  LEU A CA  1 
ATOM   784  C C   . LEU A 1 103 ? -7.765  -4.174  -0.536  1.00 14.20  ? 95  LEU A C   1 
ATOM   785  O O   . LEU A 1 103 ? -6.924  -5.002  -0.142  1.00 14.57  ? 95  LEU A O   1 
ATOM   786  C CB  . LEU A 1 103 ? -6.704  -2.357  -1.899  1.00 13.48  ? 95  LEU A CB  1 
ATOM   787  C CG  . LEU A 1 103 ? -6.794  -0.893  -2.353  1.00 13.78  ? 95  LEU A CG  1 
ATOM   788  C CD1 . LEU A 1 103 ? -6.143  0.042   -1.342  1.00 15.34  ? 95  LEU A CD1 1 
ATOM   789  C CD2 . LEU A 1 103 ? -6.125  -0.773  -3.700  1.00 14.16  ? 95  LEU A CD2 1 
ATOM   790  N N   . ARG A 1 104 ? -9.014  -4.477  -0.870  1.00 15.09  ? 96  ARG A N   1 
ATOM   791  C CA  . ARG A 1 104 ? -9.529  -5.851  -0.861  1.00 15.54  ? 96  ARG A CA  1 
ATOM   792  C C   . ARG A 1 104 ? -10.095 -6.205  -2.218  1.00 16.23  ? 96  ARG A C   1 
ATOM   793  O O   . ARG A 1 104 ? -10.750 -5.383  -2.859  1.00 16.73  ? 96  ARG A O   1 
ATOM   794  C CB  . ARG A 1 104 ? -10.648 -6.008  0.182   1.00 16.20  ? 96  ARG A CB  1 
ATOM   795  C CG  . ARG A 1 104 ? -10.249 -5.665  1.614   1.00 15.21  ? 96  ARG A CG  1 
ATOM   796  C CD  . ARG A 1 104 ? -9.120  -6.562  2.134   1.00 16.81  ? 96  ARG A CD  1 
ATOM   797  N NE  . ARG A 1 104 ? -9.358  -7.992  1.893   1.00 17.96  ? 96  ARG A NE  1 
ATOM   798  C CZ  . ARG A 1 104 ? -10.081 -8.775  2.695   1.00 19.54  ? 96  ARG A CZ  1 
ATOM   799  N NH1 . ARG A 1 104 ? -10.657 -8.263  3.779   1.00 18.06  ? 96  ARG A NH1 1 
ATOM   800  N NH2 . ARG A 1 104 ? -10.242 -10.071 2.407   1.00 18.39  ? 96  ARG A NH2 1 
ATOM   801  N N   . THR A 1 105 ? -9.859  -7.444  -2.636  1.00 16.13  ? 97  THR A N   1 
ATOM   802  C CA  . THR A 1 105 ? -10.319 -7.941  -3.917  1.00 16.65  ? 97  THR A CA  1 
ATOM   803  C C   . THR A 1 105 ? -10.923 -9.324  -3.676  1.00 17.01  ? 97  THR A C   1 
ATOM   804  O O   . THR A 1 105 ? -10.328 -10.166 -2.991  1.00 16.70  ? 97  THR A O   1 
ATOM   805  C CB  . THR A 1 105 ? -9.157  -8.012  -4.933  1.00 16.40  ? 97  THR A CB  1 
ATOM   806  O OG1 . THR A 1 105 ? -8.574  -6.702  -5.082  1.00 16.82  ? 97  THR A OG1 1 
ATOM   807  C CG2 . THR A 1 105 ? -9.644  -8.480  -6.274  1.00 15.80  ? 97  THR A CG2 1 
ATOM   808  N N   . ASP A 1 106 ? -12.118 -9.534  -4.220  1.00 18.07  ? 98  ASP A N   1 
ATOM   809  C CA  . ASP A 1 106 ? -12.785 -10.822 -4.109  1.00 19.01  ? 98  ASP A CA  1 
ATOM   810  C C   . ASP A 1 106 ? -11.797 -11.867 -4.584  1.00 18.95  ? 98  ASP A C   1 
ATOM   811  O O   . ASP A 1 106 ? -11.070 -11.651 -5.550  1.00 18.89  ? 98  ASP A O   1 
ATOM   812  C CB  . ASP A 1 106 ? -14.038 -10.855 -4.980  1.00 18.84  ? 98  ASP A CB  1 
ATOM   813  C CG  . ASP A 1 106 ? -15.146 -9.952  -4.446  1.00 20.16  ? 98  ASP A CG  1 
ATOM   814  O OD1 . ASP A 1 106 ? -15.051 -9.497  -3.296  1.00 20.24  ? 98  ASP A OD1 1 
ATOM   815  O OD2 . ASP A 1 106 ? -16.130 -9.743  -5.169  1.00 20.17  ? 98  ASP A OD2 1 
ATOM   816  N N   . THR A 1 107 ? -11.763 -12.994 -3.891  1.00 18.90  ? 99  THR A N   1 
ATOM   817  C CA  . THR A 1 107 ? -10.785 -14.039 -4.187  1.00 18.68  ? 99  THR A CA  1 
ATOM   818  C C   . THR A 1 107 ? -10.796 -14.497 -5.652  1.00 19.03  ? 99  THR A C   1 
ATOM   819  O O   . THR A 1 107 ? -9.730  -14.688 -6.251  1.00 18.86  ? 99  THR A O   1 
ATOM   820  C CB  . THR A 1 107 ? -10.980 -15.200 -3.218  1.00 18.98  ? 99  THR A CB  1 
ATOM   821  O OG1 . THR A 1 107 ? -10.960 -14.672 -1.889  1.00 20.46  ? 99  THR A OG1 1 
ATOM   822  C CG2 . THR A 1 107 ? -9.895  -16.203 -3.356  1.00 18.34  ? 99  THR A CG2 1 
ATOM   823  N N   . ASN A 1 108 ? -11.984 -14.665 -6.233  1.00 18.97  ? 100 ASN A N   1 
ATOM   824  C CA  . ASN A 1 108 ? -12.087 -15.076 -7.632  1.00 20.29  ? 100 ASN A CA  1 
ATOM   825  C C   . ASN A 1 108 ? -11.411 -14.055 -8.552  1.00 19.91  ? 100 ASN A C   1 
ATOM   826  O O   . ASN A 1 108 ? -10.645 -14.426 -9.438  1.00 20.21  ? 100 ASN A O   1 
ATOM   827  C CB  . ASN A 1 108 ? -13.551 -15.251 -8.055  1.00 20.40  ? 100 ASN A CB  1 
ATOM   828  C CG  . ASN A 1 108 ? -13.719 -16.232 -9.211  1.00 24.07  ? 100 ASN A CG  1 
ATOM   829  O OD1 . ASN A 1 108 ? -12.777 -16.928 -9.604  1.00 25.83  ? 100 ASN A OD1 1 
ATOM   830  N ND2 . ASN A 1 108 ? -14.953 -16.328 -9.732  1.00 29.51  ? 100 ASN A ND2 1 
ATOM   831  N N   . VAL A 1 109 ? -11.708 -12.777 -8.335  1.00 19.92  ? 101 VAL A N   1 
ATOM   832  C CA  . VAL A 1 109 ? -11.126 -11.700 -9.153  1.00 19.90  ? 101 VAL A CA  1 
ATOM   833  C C   . VAL A 1 109 ? -9.614  -11.652 -8.957  1.00 19.98  ? 101 VAL A C   1 
ATOM   834  O O   . VAL A 1 109 ? -8.855  -11.523 -9.931  1.00 19.50  ? 101 VAL A O   1 
ATOM   835  C CB  . VAL A 1 109 ? -11.763 -10.333 -8.838  1.00 19.77  ? 101 VAL A CB  1 
ATOM   836  C CG1 . VAL A 1 109 ? -11.020 -9.172  -9.567  1.00 20.21  ? 101 VAL A CG1 1 
ATOM   837  C CG2 . VAL A 1 109 ? -13.245 -10.338 -9.208  1.00 20.26  ? 101 VAL A CG2 1 
ATOM   838  N N   . LEU A 1 110 ? -9.179  -11.773 -7.703  1.00 19.71  ? 102 LEU A N   1 
ATOM   839  C CA  . LEU A 1 110 ? -7.757  -11.673 -7.380  1.00 19.78  ? 102 LEU A CA  1 
ATOM   840  C C   . LEU A 1 110 ? -6.963  -12.795 -8.035  1.00 19.55  ? 102 LEU A C   1 
ATOM   841  O O   . LEU A 1 110 ? -5.870  -12.576 -8.594  1.00 18.51  ? 102 LEU A O   1 
ATOM   842  C CB  . LEU A 1 110 ? -7.530  -11.683 -5.868  1.00 19.70  ? 102 LEU A CB  1 
ATOM   843  C CG  . LEU A 1 110 ? -6.061  -11.453 -5.478  1.00 21.76  ? 102 LEU A CG  1 
ATOM   844  C CD1 . LEU A 1 110 ? -5.602  -10.068 -5.925  1.00 22.45  ? 102 LEU A CD1 1 
ATOM   845  C CD2 . LEU A 1 110 ? -5.841  -11.625 -3.993  1.00 20.61  ? 102 LEU A CD2 1 
ATOM   846  N N   . TYR A 1 111 ? -7.524  -13.998 -7.974  1.00 19.46  ? 103 TYR A N   1 
ATOM   847  C CA  . TYR A 1 111 ? -6.885  -15.155 -8.573  1.00 19.42  ? 103 TYR A CA  1 
ATOM   848  C C   . TYR A 1 111 ? -6.606  -14.930 -10.063 1.00 19.93  ? 103 TYR A C   1 
ATOM   849  O O   . TYR A 1 111 ? -5.505  -15.204 -10.538 1.00 19.45  ? 103 TYR A O   1 
ATOM   850  C CB  . TYR A 1 111 ? -7.751  -16.396 -8.387  1.00 19.30  ? 103 TYR A CB  1 
ATOM   851  C CG  . TYR A 1 111 ? -7.096  -17.637 -8.921  1.00 18.69  ? 103 TYR A CG  1 
ATOM   852  C CD1 . TYR A 1 111 ? -6.306  -18.442 -8.103  1.00 19.03  ? 103 TYR A CD1 1 
ATOM   853  C CD2 . TYR A 1 111 ? -7.255  -18.002 -10.259 1.00 19.72  ? 103 TYR A CD2 1 
ATOM   854  C CE1 . TYR A 1 111 ? -5.704  -19.597 -8.606  1.00 19.56  ? 103 TYR A CE1 1 
ATOM   855  C CE2 . TYR A 1 111 ? -6.661  -19.139 -10.767 1.00 20.37  ? 103 TYR A CE2 1 
ATOM   856  C CZ  . TYR A 1 111 ? -5.890  -19.930 -9.941  1.00 20.22  ? 103 TYR A CZ  1 
ATOM   857  O OH  . TYR A 1 111 ? -5.307  -21.048 -10.469 1.00 22.79  ? 103 TYR A OH  1 
ATOM   858  N N   . GLU A 1 112 ? -7.612  -14.444 -10.786 1.00 20.65  ? 104 GLU A N   1 
ATOM   859  C CA  . GLU A 1 112 ? -7.485  -14.205 -12.227 1.00 21.60  ? 104 GLU A CA  1 
ATOM   860  C C   . GLU A 1 112 ? -6.470  -13.097 -12.510 1.00 21.26  ? 104 GLU A C   1 
ATOM   861  O O   . GLU A 1 112 ? -5.708  -13.185 -13.472 1.00 20.50  ? 104 GLU A O   1 
ATOM   862  C CB  . GLU A 1 112 ? -8.849  -13.924 -12.864 1.00 22.24  ? 104 GLU A CB  1 
ATOM   863  C CG  . GLU A 1 112 ? -9.711  -15.205 -12.973 1.00 27.19  ? 104 GLU A CG  1 
ATOM   864  C CD  . GLU A 1 112 ? -11.094 -14.994 -13.600 1.00 32.55  ? 104 GLU A CD  1 
ATOM   865  O OE1 . GLU A 1 112 ? -11.440 -13.843 -13.955 1.00 35.91  ? 104 GLU A OE1 1 
ATOM   866  O OE2 . GLU A 1 112 ? -11.837 -15.994 -13.742 1.00 34.63  ? 104 GLU A OE2 1 
ATOM   867  N N   . ARG A 1 113 ? -6.421  -12.092 -11.637 1.00 20.73  ? 105 ARG A N   1 
ATOM   868  C CA  . ARG A 1 113 ? -5.418  -11.040 -11.764 1.00 20.85  ? 105 ARG A CA  1 
ATOM   869  C C   . ARG A 1 113 ? -4.008  -11.601 -11.645 1.00 21.03  ? 105 ARG A C   1 
ATOM   870  O O   . ARG A 1 113 ? -3.153  -11.350 -12.503 1.00 20.30  ? 105 ARG A O   1 
ATOM   871  C CB  . ARG A 1 113 ? -5.638  -9.944  -10.725 1.00 20.45  ? 105 ARG A CB  1 
ATOM   872  C CG  . ARG A 1 113 ? -6.760  -9.012  -11.081 1.00 21.23  ? 105 ARG A CG  1 
ATOM   873  C CD  . ARG A 1 113 ? -6.904  -7.973  -10.006 1.00 22.35  ? 105 ARG A CD  1 
ATOM   874  N NE  . ARG A 1 113 ? -7.997  -7.045  -10.252 1.00 22.22  ? 105 ARG A NE  1 
ATOM   875  C CZ  . ARG A 1 113 ? -8.383  -6.113  -9.387  1.00 22.73  ? 105 ARG A CZ  1 
ATOM   876  N NH1 . ARG A 1 113 ? -7.765  -5.996  -8.219  1.00 21.00  ? 105 ARG A NH1 1 
ATOM   877  N NH2 . ARG A 1 113 ? -9.391  -5.304  -9.684  1.00 21.93  ? 105 ARG A NH2 1 
ATOM   878  N N   . LEU A 1 114 ? -3.782  -12.384 -10.595 1.00 21.05  ? 106 LEU A N   1 
ATOM   879  C CA  . LEU A 1 114 ? -2.467  -12.916 -10.319 1.00 21.92  ? 106 LEU A CA  1 
ATOM   880  C C   . LEU A 1 114 ? -2.078  -13.999 -11.315 1.00 22.76  ? 106 LEU A C   1 
ATOM   881  O O   . LEU A 1 114 ? -0.899  -14.168 -11.616 1.00 22.61  ? 106 LEU A O   1 
ATOM   882  C CB  . LEU A 1 114 ? -2.385  -13.428 -8.889  1.00 21.85  ? 106 LEU A CB  1 
ATOM   883  C CG  . LEU A 1 114 ? -2.526  -12.310 -7.854  1.00 21.61  ? 106 LEU A CG  1 
ATOM   884  C CD1 . LEU A 1 114 ? -2.555  -12.895 -6.456  1.00 21.70  ? 106 LEU A CD1 1 
ATOM   885  C CD2 . LEU A 1 114 ? -1.396  -11.287 -8.016  1.00 19.75  ? 106 LEU A CD2 1 
ATOM   886  N N   . GLU A 1 115 ? -3.074  -14.712 -11.830 1.00 23.64  ? 107 GLU A N   1 
ATOM   887  C CA  . GLU A 1 115 ? -2.846  -15.695 -12.879 1.00 25.39  ? 107 GLU A CA  1 
ATOM   888  C C   . GLU A 1 115 ? -2.307  -14.983 -14.129 1.00 25.77  ? 107 GLU A C   1 
ATOM   889  O O   . GLU A 1 115 ? -1.271  -15.369 -14.666 1.00 25.86  ? 107 GLU A O   1 
ATOM   890  C CB  . GLU A 1 115 ? -4.133  -16.464 -13.169 1.00 25.67  ? 107 GLU A CB  1 
ATOM   891  C CG  . GLU A 1 115 ? -3.970  -17.650 -14.104 1.00 28.11  ? 107 GLU A CG  1 
ATOM   892  C CD  . GLU A 1 115 ? -5.213  -18.512 -14.143 1.00 31.10  ? 107 GLU A CD  1 
ATOM   893  O OE1 . GLU A 1 115 ? -6.341  -17.960 -14.123 1.00 32.62  ? 107 GLU A OE1 1 
ATOM   894  O OE2 . GLU A 1 115 ? -5.061  -19.748 -14.182 1.00 32.72  ? 107 GLU A OE2 1 
ATOM   895  N N   . THR A 1 116 ? -2.994  -13.918 -14.547 1.00 26.55  ? 108 THR A N   1 
ATOM   896  C CA  . THR A 1 116 ? -2.568  -13.062 -15.669 1.00 27.07  ? 108 THR A CA  1 
ATOM   897  C C   . THR A 1 116 ? -1.163  -12.471 -15.476 1.00 27.08  ? 108 THR A C   1 
ATOM   898  O O   . THR A 1 116 ? -0.427  -12.272 -16.451 1.00 26.85  ? 108 THR A O   1 
ATOM   899  C CB  . THR A 1 116 ? -3.592  -11.924 -15.911 1.00 27.37  ? 108 THR A CB  1 
ATOM   900  O OG1 . THR A 1 116 ? -4.884  -12.497 -16.155 1.00 28.06  ? 108 THR A OG1 1 
ATOM   901  C CG2 . THR A 1 116 ? -3.191  -11.046 -17.111 1.00 27.43  ? 108 THR A CG2 1 
ATOM   902  N N   . ARG A 1 117 ? -0.797  -12.187 -14.226 1.00 27.05  ? 109 ARG A N   1 
ATOM   903  C CA  . ARG A 1 117 ? 0.561   -11.726 -13.902 1.00 27.14  ? 109 ARG A CA  1 
ATOM   904  C C   . ARG A 1 117 ? 1.635   -12.799 -14.100 1.00 26.95  ? 109 ARG A C   1 
ATOM   905  O O   . ARG A 1 117 ? 2.829   -12.497 -14.078 1.00 26.73  ? 109 ARG A O   1 
ATOM   906  C CB  . ARG A 1 117 ? 0.628   -11.162 -12.480 1.00 27.10  ? 109 ARG A CB  1 
ATOM   907  C CG  . ARG A 1 117 ? 0.008   -9.795  -12.369 1.00 27.33  ? 109 ARG A CG  1 
ATOM   908  C CD  . ARG A 1 117 ? 0.324   -9.132  -11.043 1.00 28.40  ? 109 ARG A CD  1 
ATOM   909  N NE  . ARG A 1 117 ? -0.600  -8.029  -10.814 1.00 29.18  ? 109 ARG A NE  1 
ATOM   910  C CZ  . ARG A 1 117 ? -0.548  -7.184  -9.785  1.00 28.89  ? 109 ARG A CZ  1 
ATOM   911  N NH1 . ARG A 1 117 ? -1.456  -6.218  -9.695  1.00 28.57  ? 109 ARG A NH1 1 
ATOM   912  N NH2 . ARG A 1 117 ? 0.403   -7.292  -8.864  1.00 26.64  ? 109 ARG A NH2 1 
ATOM   913  N N   . GLY A 1 118 ? 1.205   -14.044 -14.289 1.00 26.73  ? 110 GLY A N   1 
ATOM   914  C CA  . GLY A 1 118 ? 2.123   -15.139 -14.563 1.00 26.40  ? 110 GLY A CA  1 
ATOM   915  C C   . GLY A 1 118 ? 2.629   -15.866 -13.334 1.00 26.28  ? 110 GLY A C   1 
ATOM   916  O O   . GLY A 1 118 ? 3.638   -16.567 -13.399 1.00 26.25  ? 110 GLY A O   1 
ATOM   917  N N   . TYR A 1 119 ? 1.931   -15.703 -12.210 1.00 26.04  ? 111 TYR A N   1 
ATOM   918  C CA  . TYR A 1 119 ? 2.265   -16.422 -10.984 1.00 25.84  ? 111 TYR A CA  1 
ATOM   919  C C   . TYR A 1 119 ? 2.064   -17.920 -11.198 1.00 25.94  ? 111 TYR A C   1 
ATOM   920  O O   . TYR A 1 119 ? 1.066   -18.331 -11.800 1.00 26.01  ? 111 TYR A O   1 
ATOM   921  C CB  . TYR A 1 119 ? 1.376   -15.956 -9.824  1.00 25.74  ? 111 TYR A CB  1 
ATOM   922  C CG  . TYR A 1 119 ? 1.748   -14.634 -9.173  1.00 25.48  ? 111 TYR A CG  1 
ATOM   923  C CD1 . TYR A 1 119 ? 2.316   -13.583 -9.903  1.00 25.80  ? 111 TYR A CD1 1 
ATOM   924  C CD2 . TYR A 1 119 ? 1.485   -14.421 -7.824  1.00 25.24  ? 111 TYR A CD2 1 
ATOM   925  C CE1 . TYR A 1 119 ? 2.635   -12.366 -9.287  1.00 25.96  ? 111 TYR A CE1 1 
ATOM   926  C CE2 . TYR A 1 119 ? 1.794   -13.222 -7.209  1.00 25.17  ? 111 TYR A CE2 1 
ATOM   927  C CZ  . TYR A 1 119 ? 2.365   -12.202 -7.937  1.00 25.91  ? 111 TYR A CZ  1 
ATOM   928  O OH  . TYR A 1 119 ? 2.657   -11.028 -7.293  1.00 26.25  ? 111 TYR A OH  1 
ATOM   929  N N   . ASN A 1 120 ? 3.012   -18.727 -10.721 1.00 25.90  ? 112 ASN A N   1 
ATOM   930  C CA  . ASN A 1 120 ? 2.859   -20.182 -10.722 1.00 25.82  ? 112 ASN A CA  1 
ATOM   931  C C   . ASN A 1 120 ? 1.921   -20.641 -9.600  1.00 25.82  ? 112 ASN A C   1 
ATOM   932  O O   . ASN A 1 120 ? 1.453   -19.825 -8.801  1.00 25.62  ? 112 ASN A O   1 
ATOM   933  C CB  . ASN A 1 120 ? 4.222   -20.890 -10.642 1.00 25.93  ? 112 ASN A CB  1 
ATOM   934  C CG  . ASN A 1 120 ? 4.867   -20.807 -9.260  1.00 26.22  ? 112 ASN A CG  1 
ATOM   935  O OD1 . ASN A 1 120 ? 4.414   -20.083 -8.380  1.00 27.51  ? 112 ASN A OD1 1 
ATOM   936  N ND2 . ASN A 1 120 ? 5.939   -21.563 -9.072  1.00 27.28  ? 112 ASN A ND2 1 
ATOM   937  N N   . GLU A 1 121 ? 1.673   -21.944 -9.528  1.00 25.66  ? 113 GLU A N   1 
ATOM   938  C CA  . GLU A 1 121 ? 0.698   -22.488 -8.592  1.00 25.50  ? 113 GLU A CA  1 
ATOM   939  C C   . GLU A 1 121 ? 0.993   -22.178 -7.120  1.00 25.11  ? 113 GLU A C   1 
ATOM   940  O O   . GLU A 1 121 ? 0.088   -21.787 -6.383  1.00 24.71  ? 113 GLU A O   1 
ATOM   941  C CB  . GLU A 1 121 ? 0.543   -23.995 -8.789  1.00 25.82  ? 113 GLU A CB  1 
ATOM   942  C CG  . GLU A 1 121 ? -0.622  -24.588 -8.007  1.00 26.93  ? 113 GLU A CG  1 
ATOM   943  C CD  . GLU A 1 121 ? -0.519  -26.089 -7.857  1.00 29.21  ? 113 GLU A CD  1 
ATOM   944  O OE1 . GLU A 1 121 ? 0.003   -26.748 -8.782  1.00 30.07  ? 113 GLU A OE1 1 
ATOM   945  O OE2 . GLU A 1 121 ? -0.965  -26.613 -6.811  1.00 29.97  ? 113 GLU A OE2 1 
ATOM   946  N N   . LYS A 1 122 ? 2.238   -22.378 -6.687  1.00 24.71  ? 114 LYS A N   1 
ATOM   947  C CA  . LYS A 1 122 ? 2.575   -22.178 -5.276  1.00 24.60  ? 114 LYS A CA  1 
ATOM   948  C C   . LYS A 1 122 ? 2.401   -20.717 -4.874  1.00 24.08  ? 114 LYS A C   1 
ATOM   949  O O   . LYS A 1 122 ? 1.911   -20.418 -3.781  1.00 24.21  ? 114 LYS A O   1 
ATOM   950  C CB  . LYS A 1 122 ? 3.996   -22.641 -4.958  1.00 24.80  ? 114 LYS A CB  1 
ATOM   951  C CG  . LYS A 1 122 ? 4.290   -22.648 -3.461  1.00 26.01  ? 114 LYS A CG  1 
ATOM   952  C CD  . LYS A 1 122 ? 5.494   -23.504 -3.125  1.00 28.60  ? 114 LYS A CD  1 
ATOM   953  C CE  . LYS A 1 122 ? 5.450   -23.975 -1.675  1.00 29.41  ? 114 LYS A CE  1 
ATOM   954  N NZ  . LYS A 1 122 ? 6.427   -25.083 -1.439  1.00 29.25  ? 114 LYS A NZ  1 
ATOM   955  N N   . LYS A 1 123 ? 2.799   -19.822 -5.770  1.00 23.34  ? 115 LYS A N   1 
ATOM   956  C CA  . LYS A 1 123 ? 2.750   -18.396 -5.509  1.00 22.98  ? 115 LYS A CA  1 
ATOM   957  C C   . LYS A 1 123 ? 1.301   -17.923 -5.534  1.00 22.42  ? 115 LYS A C   1 
ATOM   958  O O   . LYS A 1 123 ? 0.891   -17.151 -4.670  1.00 22.05  ? 115 LYS A O   1 
ATOM   959  C CB  . LYS A 1 123 ? 3.600   -17.644 -6.525  1.00 22.99  ? 115 LYS A CB  1 
ATOM   960  C CG  . LYS A 1 123 ? 4.125   -16.312 -6.037  1.00 24.13  ? 115 LYS A CG  1 
ATOM   961  C CD  . LYS A 1 123 ? 5.015   -15.664 -7.091  1.00 24.29  ? 115 LYS A CD  1 
ATOM   962  C CE  . LYS A 1 123 ? 5.382   -14.245 -6.682  1.00 25.52  ? 115 LYS A CE  1 
ATOM   963  N NZ  . LYS A 1 123 ? 6.115   -13.512 -7.746  1.00 26.02  ? 115 LYS A NZ  1 
ATOM   964  N N   . LEU A 1 124 ? 0.536   -18.404 -6.519  1.00 21.47  ? 116 LEU A N   1 
ATOM   965  C CA  . LEU A 1 124 ? -0.908  -18.180 -6.562  1.00 20.70  ? 116 LEU A CA  1 
ATOM   966  C C   . LEU A 1 124 ? -1.577  -18.602 -5.255  1.00 19.71  ? 116 LEU A C   1 
ATOM   967  O O   . LEU A 1 124 ? -2.335  -17.827 -4.681  1.00 20.17  ? 116 LEU A O   1 
ATOM   968  C CB  . LEU A 1 124 ? -1.555  -18.928 -7.736  1.00 20.77  ? 116 LEU A CB  1 
ATOM   969  C CG  . LEU A 1 124 ? -1.641  -18.228 -9.085  1.00 21.32  ? 116 LEU A CG  1 
ATOM   970  C CD1 . LEU A 1 124 ? -2.150  -19.205 -10.138 1.00 20.94  ? 116 LEU A CD1 1 
ATOM   971  C CD2 . LEU A 1 124 ? -2.546  -16.992 -8.999  1.00 21.46  ? 116 LEU A CD2 1 
ATOM   972  N N   . THR A 1 125 ? -1.277  -19.812 -4.785  1.00 18.49  ? 117 THR A N   1 
ATOM   973  C CA  . THR A 1 125 ? -1.864  -20.349 -3.558  1.00 17.72  ? 117 THR A CA  1 
ATOM   974  C C   . THR A 1 125 ? -1.531  -19.509 -2.318  1.00 17.39  ? 117 THR A C   1 
ATOM   975  O O   . THR A 1 125 ? -2.430  -19.187 -1.524  1.00 16.16  ? 117 THR A O   1 
ATOM   976  C CB  . THR A 1 125 ? -1.467  -21.818 -3.341  1.00 17.86  ? 117 THR A CB  1 
ATOM   977  O OG1 . THR A 1 125 ? -2.047  -22.608 -4.381  1.00 16.99  ? 117 THR A OG1 1 
ATOM   978  C CG2 . THR A 1 125 ? -1.954  -22.345 -1.996  1.00 18.28  ? 117 THR A CG2 1 
ATOM   979  N N   . ASP A 1 126 ? -0.250  -19.165 -2.154  1.00 16.77  ? 118 ASP A N   1 
ATOM   980  C CA  A ASP A 1 126 ? 0.182   -18.385 -0.995  0.50 16.62  ? 118 ASP A CA  1 
ATOM   981  C CA  B ASP A 1 126 ? 0.191   -18.388 -0.998  0.50 16.76  ? 118 ASP A CA  1 
ATOM   982  C C   . ASP A 1 126 ? -0.507  -17.027 -0.960  1.00 16.47  ? 118 ASP A C   1 
ATOM   983  O O   . ASP A 1 126 ? -0.988  -16.601 0.084   1.00 16.26  ? 118 ASP A O   1 
ATOM   984  C CB  A ASP A 1 126 ? 1.695   -18.180 -0.982  0.50 16.67  ? 118 ASP A CB  1 
ATOM   985  C CB  B ASP A 1 126 ? 1.713   -18.215 -1.010  0.50 16.96  ? 118 ASP A CB  1 
ATOM   986  C CG  A ASP A 1 126 ? 2.159   -17.446 0.256   0.50 16.35  ? 118 ASP A CG  1 
ATOM   987  C CG  B ASP A 1 126 ? 2.451   -19.520 -0.753  0.50 17.09  ? 118 ASP A CG  1 
ATOM   988  O OD1 A ASP A 1 126 ? 1.811   -17.899 1.366   0.50 15.18  ? 118 ASP A OD1 1 
ATOM   989  O OD1 B ASP A 1 126 ? 1.897   -20.399 -0.062  0.50 17.61  ? 118 ASP A OD1 1 
ATOM   990  O OD2 A ASP A 1 126 ? 2.852   -16.416 0.123   0.50 17.46  ? 118 ASP A OD2 1 
ATOM   991  O OD2 B ASP A 1 126 ? 3.592   -19.661 -1.236  0.50 18.85  ? 118 ASP A OD2 1 
ATOM   992  N N   . ASN A 1 127 ? -0.550  -16.359 -2.107  1.00 16.57  ? 119 ASN A N   1 
ATOM   993  C CA  . ASN A 1 127 ? -1.169  -15.042 -2.206  1.00 17.58  ? 119 ASN A CA  1 
ATOM   994  C C   . ASN A 1 127 ? -2.665  -15.112 -2.023  1.00 17.58  ? 119 ASN A C   1 
ATOM   995  O O   . ASN A 1 127 ? -3.258  -14.252 -1.360  1.00 17.87  ? 119 ASN A O   1 
ATOM   996  C CB  . ASN A 1 127 ? -0.851  -14.395 -3.548  1.00 17.89  ? 119 ASN A CB  1 
ATOM   997  C CG  . ASN A 1 127 ? 0.493   -13.716 -3.551  1.00 20.10  ? 119 ASN A CG  1 
ATOM   998  O OD1 . ASN A 1 127 ? 0.666   -12.654 -2.956  1.00 22.18  ? 119 ASN A OD1 1 
ATOM   999  N ND2 . ASN A 1 127 ? 1.459   -14.328 -4.216  1.00 22.53  ? 119 ASN A ND2 1 
ATOM   1000 N N   . ILE A 1 128 ? -3.279  -16.133 -2.615  1.00 17.08  ? 120 ILE A N   1 
ATOM   1001 C CA  . ILE A 1 128 ? -4.726  -16.266 -2.526  1.00 17.29  ? 120 ILE A CA  1 
ATOM   1002 C C   . ILE A 1 128 ? -5.141  -16.583 -1.083  1.00 16.69  ? 120 ILE A C   1 
ATOM   1003 O O   . ILE A 1 128 ? -6.114  -16.023 -0.567  1.00 16.77  ? 120 ILE A O   1 
ATOM   1004 C CB  . ILE A 1 128 ? -5.283  -17.234 -3.632  1.00 17.55  ? 120 ILE A CB  1 
ATOM   1005 C CG1 . ILE A 1 128 ? -6.632  -16.747 -4.146  1.00 18.53  ? 120 ILE A CG1 1 
ATOM   1006 C CG2 . ILE A 1 128 ? -5.299  -18.670 -3.188  1.00 18.03  ? 120 ILE A CG2 1 
ATOM   1007 C CD1 . ILE A 1 128 ? -6.544  -15.497 -4.985  1.00 19.53  ? 120 ILE A CD1 1 
ATOM   1008 N N   . GLN A 1 129 ? -4.355  -17.416 -0.402  1.00 15.70  ? 121 GLN A N   1 
ATOM   1009 C CA  . GLN A 1 129 ? -4.574  -17.659 1.026   1.00 15.33  ? 121 GLN A CA  1 
ATOM   1010 C C   . GLN A 1 129 ? -4.337  -16.405 1.865   1.00 14.43  ? 121 GLN A C   1 
ATOM   1011 O O   . GLN A 1 129 ? -5.047  -16.159 2.841   1.00 14.27  ? 121 GLN A O   1 
ATOM   1012 C CB  . GLN A 1 129 ? -3.711  -18.819 1.524   1.00 15.44  ? 121 GLN A CB  1 
ATOM   1013 C CG  . GLN A 1 129 ? -4.288  -20.175 1.107   1.00 17.05  ? 121 GLN A CG  1 
ATOM   1014 C CD  . GLN A 1 129 ? -3.474  -21.349 1.616   1.00 20.03  ? 121 GLN A CD  1 
ATOM   1015 O OE1 . GLN A 1 129 ? -2.281  -21.229 1.886   1.00 21.48  ? 121 GLN A OE1 1 
ATOM   1016 N NE2 . GLN A 1 129 ? -4.121  -22.496 1.740   1.00 22.22  ? 121 GLN A NE2 1 
ATOM   1017 N N   . CYS A 1 130 ? -3.344  -15.615 1.473   1.00 13.76  ? 122 CYS A N   1 
ATOM   1018 C CA  . CYS A 1 130 ? -3.078  -14.349 2.150   1.00 13.85  ? 122 CYS A CA  1 
ATOM   1019 C C   . CYS A 1 130 ? -4.332  -13.458 2.128   1.00 13.14  ? 122 CYS A C   1 
ATOM   1020 O O   . CYS A 1 130 ? -4.716  -12.891 3.148   1.00 13.20  ? 122 CYS A O   1 
ATOM   1021 C CB  . CYS A 1 130 ? -1.880  -13.653 1.505   1.00 14.05  ? 122 CYS A CB  1 
ATOM   1022 S SG  . CYS A 1 130 ? -1.481  -12.041 2.226   1.00 17.41  ? 122 CYS A SG  1 
ATOM   1023 N N   . GLU A 1 131 ? -4.992  -13.385 0.978   1.00 12.56  ? 123 GLU A N   1 
ATOM   1024 C CA  . GLU A 1 131 ? -6.226  -12.608 0.843   1.00 12.36  ? 123 GLU A CA  1 
ATOM   1025 C C   . GLU A 1 131 ? -7.416  -13.228 1.605   1.00 12.93  ? 123 GLU A C   1 
ATOM   1026 O O   . GLU A 1 131 ? -8.091  -12.545 2.378   1.00 12.32  ? 123 GLU A O   1 
ATOM   1027 C CB  . GLU A 1 131 ? -6.566  -12.437 -0.643  1.00 12.38  ? 123 GLU A CB  1 
ATOM   1028 C CG  . GLU A 1 131 ? -7.838  -11.619 -0.923  1.00 11.88  ? 123 GLU A CG  1 
ATOM   1029 C CD  . GLU A 1 131 ? -7.746  -10.167 -0.466  1.00 11.90  ? 123 GLU A CD  1 
ATOM   1030 O OE1 . GLU A 1 131 ? -8.805  -9.521  -0.388  1.00 11.36  ? 123 GLU A OE1 1 
ATOM   1031 O OE2 . GLU A 1 131 ? -6.620  -9.664  -0.194  1.00 13.33  ? 123 GLU A OE2 1 
ATOM   1032 N N   . ILE A 1 132 ? -7.651  -14.520 1.384   1.00 13.01  ? 124 ILE A N   1 
ATOM   1033 C CA  A ILE A 1 132 ? -8.807  -15.175 1.978   0.50 13.26  ? 124 ILE A CA  1 
ATOM   1034 C CA  B ILE A 1 132 ? -8.771  -15.251 1.998   0.50 13.39  ? 124 ILE A CA  1 
ATOM   1035 C C   . ILE A 1 132 ? -8.701  -15.188 3.519   1.00 13.50  ? 124 ILE A C   1 
ATOM   1036 O O   . ILE A 1 132 ? -9.716  -15.099 4.205   1.00 14.35  ? 124 ILE A O   1 
ATOM   1037 C CB  A ILE A 1 132 ? -9.110  -16.557 1.294   0.50 12.93  ? 124 ILE A CB  1 
ATOM   1038 C CB  B ILE A 1 132 ? -8.790  -16.727 1.528   0.50 13.27  ? 124 ILE A CB  1 
ATOM   1039 C CG1 A ILE A 1 132 ? -10.604 -16.891 1.368   0.50 13.43  ? 124 ILE A CG1 1 
ATOM   1040 C CG1 B ILE A 1 132 ? -9.322  -16.815 0.107   0.50 13.24  ? 124 ILE A CG1 1 
ATOM   1041 C CG2 A ILE A 1 132 ? -8.218  -17.684 1.823   0.50 12.52  ? 124 ILE A CG2 1 
ATOM   1042 C CG2 B ILE A 1 132 ? -9.641  -17.618 2.452   0.50 13.45  ? 124 ILE A CG2 1 
ATOM   1043 C CD1 A ILE A 1 132 ? -11.017 -18.059 0.485   0.50 12.37  ? 124 ILE A CD1 1 
ATOM   1044 C CD1 B ILE A 1 132 ? -9.159  -18.183 -0.509  0.50 14.28  ? 124 ILE A CD1 1 
ATOM   1045 N N   . PHE A 1 133 ? -7.478  -15.231 4.051   1.00 13.66  ? 125 PHE A N   1 
ATOM   1046 C CA  . PHE A 1 133 ? -7.259  -15.157 5.490   1.00 13.43  ? 125 PHE A CA  1 
ATOM   1047 C C   . PHE A 1 133 ? -7.203  -13.716 5.991   1.00 13.89  ? 125 PHE A C   1 
ATOM   1048 O O   . PHE A 1 133 ? -7.033  -13.504 7.187   1.00 14.47  ? 125 PHE A O   1 
ATOM   1049 C CB  . PHE A 1 133 ? -5.958  -15.839 5.907   1.00 14.04  ? 125 PHE A CB  1 
ATOM   1050 C CG  . PHE A 1 133 ? -5.876  -17.309 5.578   1.00 14.84  ? 125 PHE A CG  1 
ATOM   1051 C CD1 . PHE A 1 133 ? -4.639  -17.948 5.597   1.00 16.29  ? 125 PHE A CD1 1 
ATOM   1052 C CD2 . PHE A 1 133 ? -7.007  -18.053 5.240   1.00 18.32  ? 125 PHE A CD2 1 
ATOM   1053 C CE1 . PHE A 1 133 ? -4.522  -19.295 5.303   1.00 17.86  ? 125 PHE A CE1 1 
ATOM   1054 C CE2 . PHE A 1 133 ? -6.896  -19.425 4.935   1.00 18.72  ? 125 PHE A CE2 1 
ATOM   1055 C CZ  . PHE A 1 133 ? -5.653  -20.037 4.974   1.00 18.94  ? 125 PHE A CZ  1 
ATOM   1056 N N   . GLN A 1 134 ? -7.337  -12.741 5.088   1.00 13.51  ? 126 GLN A N   1 
ATOM   1057 C CA  . GLN A 1 134 ? -7.342  -11.315 5.449   1.00 13.76  ? 126 GLN A CA  1 
ATOM   1058 C C   . GLN A 1 134 ? -6.079  -10.907 6.230   1.00 13.42  ? 126 GLN A C   1 
ATOM   1059 O O   . GLN A 1 134 ? -6.129  -10.089 7.153   1.00 13.02  ? 126 GLN A O   1 
ATOM   1060 C CB  . GLN A 1 134 ? -8.635  -10.952 6.212   1.00 14.09  ? 126 GLN A CB  1 
ATOM   1061 C CG  . GLN A 1 134 ? -9.886  -11.596 5.604   1.00 15.10  ? 126 GLN A CG  1 
ATOM   1062 C CD  . GLN A 1 134 ? -11.180 -11.084 6.168   1.00 19.51  ? 126 GLN A CD  1 
ATOM   1063 O OE1 . GLN A 1 134 ? -11.333 -9.898  6.427   1.00 20.32  ? 126 GLN A OE1 1 
ATOM   1064 N NE2 . GLN A 1 134 ? -12.141 -11.988 6.355   1.00 21.88  ? 126 GLN A NE2 1 
ATOM   1065 N N   . VAL A 1 135 ? -4.944  -11.482 5.840   1.00 13.63  ? 127 VAL A N   1 
ATOM   1066 C CA  . VAL A 1 135 ? -3.676  -11.278 6.550   1.00 14.10  ? 127 VAL A CA  1 
ATOM   1067 C C   . VAL A 1 135 ? -3.293  -9.796  6.655   1.00 13.92  ? 127 VAL A C   1 
ATOM   1068 O O   . VAL A 1 135 ? -2.958  -9.307  7.735   1.00 13.50  ? 127 VAL A O   1 
ATOM   1069 C CB  . VAL A 1 135 ? -2.510  -12.079 5.889   1.00 14.02  ? 127 VAL A CB  1 
ATOM   1070 C CG1 . VAL A 1 135 ? -1.139  -11.703 6.504   1.00 14.24  ? 127 VAL A CG1 1 
ATOM   1071 C CG2 . VAL A 1 135 ? -2.749  -13.593 6.018   1.00 14.01  ? 127 VAL A CG2 1 
ATOM   1072 N N   . LEU A 1 136 ? -3.319  -9.088  5.530   1.00 14.15  ? 128 LEU A N   1 
ATOM   1073 C CA  . LEU A 1 136 ? -2.837  -7.699  5.519   1.00 14.85  ? 128 LEU A CA  1 
ATOM   1074 C C   . LEU A 1 136 ? -3.782  -6.775  6.256   1.00 14.32  ? 128 LEU A C   1 
ATOM   1075 O O   . LEU A 1 136 ? -3.357  -5.812  6.899   1.00 14.53  ? 128 LEU A O   1 
ATOM   1076 C CB  . LEU A 1 136 ? -2.645  -7.188  4.087   1.00 14.89  ? 128 LEU A CB  1 
ATOM   1077 C CG  . LEU A 1 136 ? -1.242  -7.305  3.505   1.00 18.64  ? 128 LEU A CG  1 
ATOM   1078 C CD1 . LEU A 1 136 ? -0.203  -6.678  4.452   1.00 21.93  ? 128 LEU A CD1 1 
ATOM   1079 C CD2 . LEU A 1 136 ? -0.900  -8.736  3.196   1.00 18.97  ? 128 LEU A CD2 1 
ATOM   1080 N N   . TYR A 1 137 ? -5.071  -7.061  6.144   1.00 14.07  ? 129 TYR A N   1 
ATOM   1081 C CA  . TYR A 1 137 ? -6.066  -6.331  6.904   1.00 14.00  ? 129 TYR A CA  1 
ATOM   1082 C C   . TYR A 1 137 ? -5.786  -6.457  8.397   1.00 13.66  ? 129 TYR A C   1 
ATOM   1083 O O   . TYR A 1 137 ? -5.740  -5.452  9.109   1.00 13.03  ? 129 TYR A O   1 
ATOM   1084 C CB  . TYR A 1 137 ? -7.487  -6.791  6.573   1.00 13.79  ? 129 TYR A CB  1 
ATOM   1085 C CG  . TYR A 1 137 ? -8.512  -6.119  7.449   1.00 16.66  ? 129 TYR A CG  1 
ATOM   1086 C CD1 . TYR A 1 137 ? -8.613  -4.725  7.479   1.00 16.84  ? 129 TYR A CD1 1 
ATOM   1087 C CD2 . TYR A 1 137 ? -9.349  -6.867  8.285   1.00 18.74  ? 129 TYR A CD2 1 
ATOM   1088 C CE1 . TYR A 1 137 ? -9.526  -4.089  8.294   1.00 19.17  ? 129 TYR A CE1 1 
ATOM   1089 C CE2 . TYR A 1 137 ? -10.286 -6.232  9.112   1.00 20.67  ? 129 TYR A CE2 1 
ATOM   1090 C CZ  . TYR A 1 137 ? -10.364 -4.843  9.101   1.00 20.74  ? 129 TYR A CZ  1 
ATOM   1091 O OH  . TYR A 1 137 ? -11.265 -4.185  9.897   1.00 23.15  ? 129 TYR A OH  1 
ATOM   1092 N N   . GLU A 1 138 ? -5.574  -7.685  8.856   1.00 13.63  ? 130 GLU A N   1 
ATOM   1093 C CA  A GLU A 1 138 ? -5.272  -7.917  10.262  0.50 13.83  ? 130 GLU A CA  1 
ATOM   1094 C CA  B GLU A 1 138 ? -5.260  -7.942  10.256  0.50 13.83  ? 130 GLU A CA  1 
ATOM   1095 C C   . GLU A 1 138 ? -3.946  -7.280  10.659  1.00 13.69  ? 130 GLU A C   1 
ATOM   1096 O O   . GLU A 1 138 ? -3.831  -6.730  11.758  1.00 13.86  ? 130 GLU A O   1 
ATOM   1097 C CB  A GLU A 1 138 ? -5.285  -9.408  10.596  0.50 13.97  ? 130 GLU A CB  1 
ATOM   1098 C CB  B GLU A 1 138 ? -5.205  -9.448  10.526  0.50 13.96  ? 130 GLU A CB  1 
ATOM   1099 C CG  A GLU A 1 138 ? -6.676  -10.024 10.627  0.50 15.72  ? 130 GLU A CG  1 
ATOM   1100 C CG  B GLU A 1 138 ? -6.484  -10.191 10.172  0.50 15.69  ? 130 GLU A CG  1 
ATOM   1101 C CD  A GLU A 1 138 ? -6.651  -11.459 11.127  0.50 17.79  ? 130 GLU A CD  1 
ATOM   1102 C CD  B GLU A 1 138 ? -7.550  -10.064 11.232  0.50 17.14  ? 130 GLU A CD  1 
ATOM   1103 O OE1 A GLU A 1 138 ? -5.970  -11.720 12.143  0.50 18.15  ? 130 GLU A OE1 1 
ATOM   1104 O OE1 B GLU A 1 138 ? -7.544  -9.054  11.966  0.50 18.30  ? 130 GLU A OE1 1 
ATOM   1105 O OE2 A GLU A 1 138 ? -7.306  -12.321 10.505  0.50 20.29  ? 130 GLU A OE2 1 
ATOM   1106 O OE2 B GLU A 1 138 ? -8.392  -10.980 11.333  0.50 18.24  ? 130 GLU A OE2 1 
ATOM   1107 N N   . GLU A 1 139 ? -2.956  -7.335  9.763   1.00 13.13  ? 131 GLU A N   1 
ATOM   1108 C CA  . GLU A 1 139 ? -1.665  -6.708  10.013  1.00 12.72  ? 131 GLU A CA  1 
ATOM   1109 C C   . GLU A 1 139 ? -1.829  -5.196  10.175  1.00 12.77  ? 131 GLU A C   1 
ATOM   1110 O O   . GLU A 1 139 ? -1.218  -4.595  11.058  1.00 12.71  ? 131 GLU A O   1 
ATOM   1111 C CB  . GLU A 1 139 ? -0.671  -7.001  8.874   1.00 12.63  ? 131 GLU A CB  1 
ATOM   1112 C CG  . GLU A 1 139 ? 0.764   -6.517  9.149   1.00 13.30  ? 131 GLU A CG  1 
ATOM   1113 C CD  . GLU A 1 139 ? 1.771   -7.082  8.143   1.00 14.26  ? 131 GLU A CD  1 
ATOM   1114 O OE1 . GLU A 1 139 ? 1.602   -8.249  7.735   1.00 14.17  ? 131 GLU A OE1 1 
ATOM   1115 O OE2 . GLU A 1 139 ? 2.716   -6.366  7.756   1.00 12.41  ? 131 GLU A OE2 1 
ATOM   1116 N N   . ALA A 1 140 ? -2.647  -4.587  9.315   1.00 12.10  ? 132 ALA A N   1 
ATOM   1117 C CA  . ALA A 1 140 ? -2.899  -3.150  9.395   1.00 12.65  ? 132 ALA A CA  1 
ATOM   1118 C C   . ALA A 1 140 ? -3.592  -2.794  10.720  1.00 12.58  ? 132 ALA A C   1 
ATOM   1119 O O   . ALA A 1 140 ? -3.211  -1.841  11.395  1.00 12.21  ? 132 ALA A O   1 
ATOM   1120 C CB  . ALA A 1 140 ? -3.760  -2.687  8.217   1.00 11.83  ? 132 ALA A CB  1 
ATOM   1121 N N   . THR A 1 141 ? -4.614  -3.555  11.089  1.00 13.72  ? 133 THR A N   1 
ATOM   1122 C CA  . THR A 1 141 ? -5.363  -3.213  12.305  1.00 15.10  ? 133 THR A CA  1 
ATOM   1123 C C   . THR A 1 141 ? -4.481  -3.397  13.554  1.00 15.47  ? 133 THR A C   1 
ATOM   1124 O O   . THR A 1 141 ? -4.625  -2.666  14.546  1.00 16.50  ? 133 THR A O   1 
ATOM   1125 C CB  . THR A 1 141 ? -6.687  -3.993  12.418  1.00 15.32  ? 133 THR A CB  1 
ATOM   1126 O OG1 . THR A 1 141 ? -6.412  -5.386  12.420  1.00 18.49  ? 133 THR A OG1 1 
ATOM   1127 C CG2 . THR A 1 141 ? -7.595  -3.689  11.233  1.00 15.07  ? 133 THR A CG2 1 
ATOM   1128 N N   . ALA A 1 142 ? -3.549  -4.347  13.489  1.00 15.87  ? 134 ALA A N   1 
ATOM   1129 C CA  . ALA A 1 142 ? -2.608  -4.598  14.589  1.00 15.76  ? 134 ALA A CA  1 
ATOM   1130 C C   . ALA A 1 142 ? -1.562  -3.502  14.699  1.00 16.02  ? 134 ALA A C   1 
ATOM   1131 O O   . ALA A 1 142 ? -1.024  -3.250  15.782  1.00 15.32  ? 134 ALA A O   1 
ATOM   1132 C CB  . ALA A 1 142 ? -1.929  -5.938  14.410  1.00 16.51  ? 134 ALA A CB  1 
ATOM   1133 N N   . SER A 1 143 ? -1.261  -2.847  13.578  1.00 15.04  ? 135 SER A N   1 
ATOM   1134 C CA  . SER A 1 143 ? -0.147  -1.910  13.547  1.00 15.41  ? 135 SER A CA  1 
ATOM   1135 C C   . SER A 1 143 ? -0.571  -0.456  13.677  1.00 15.90  ? 135 SER A C   1 
ATOM   1136 O O   . SER A 1 143 ? 0.261   0.384   14.022  1.00 15.73  ? 135 SER A O   1 
ATOM   1137 C CB  . SER A 1 143 ? 0.673   -2.089  12.256  1.00 15.19  ? 135 SER A CB  1 
ATOM   1138 O OG  . SER A 1 143 ? 1.005   -3.449  12.081  1.00 15.14  ? 135 SER A OG  1 
ATOM   1139 N N   . TYR A 1 144 ? -1.834  -0.152  13.358  1.00 16.62  ? 136 TYR A N   1 
ATOM   1140 C CA  . TYR A 1 144 ? -2.330  1.232   13.353  1.00 17.45  ? 136 TYR A CA  1 
ATOM   1141 C C   . TYR A 1 144 ? -3.650  1.355   14.106  1.00 17.94  ? 136 TYR A C   1 
ATOM   1142 O O   . TYR A 1 144 ? -4.349  0.359   14.298  1.00 17.91  ? 136 TYR A O   1 
ATOM   1143 C CB  . TYR A 1 144 ? -2.495  1.773   11.921  1.00 18.20  ? 136 TYR A CB  1 
ATOM   1144 C CG  . TYR A 1 144 ? -1.220  1.661   11.120  1.00 18.55  ? 136 TYR A CG  1 
ATOM   1145 C CD1 . TYR A 1 144 ? -0.980  0.538   10.333  1.00 20.06  ? 136 TYR A CD1 1 
ATOM   1146 C CD2 . TYR A 1 144 ? -0.231  2.649   11.190  1.00 18.95  ? 136 TYR A CD2 1 
ATOM   1147 C CE1 . TYR A 1 144 ? 0.203   0.398   9.616   1.00 19.71  ? 136 TYR A CE1 1 
ATOM   1148 C CE2 . TYR A 1 144 ? 0.974   2.513   10.477  1.00 19.75  ? 136 TYR A CE2 1 
ATOM   1149 C CZ  . TYR A 1 144 ? 1.173   1.379   9.688   1.00 20.84  ? 136 TYR A CZ  1 
ATOM   1150 O OH  . TYR A 1 144 ? 2.341   1.204   8.964   1.00 21.51  ? 136 TYR A OH  1 
ATOM   1151 N N   . LYS A 1 145 ? -3.971  2.579   14.533  1.00 18.27  ? 137 LYS A N   1 
ATOM   1152 C CA  . LYS A 1 145 ? -5.222  2.858   15.221  1.00 19.31  ? 137 LYS A CA  1 
ATOM   1153 C C   . LYS A 1 145 ? -6.369  2.412   14.329  1.00 19.46  ? 137 LYS A C   1 
ATOM   1154 O O   . LYS A 1 145 ? -6.364  2.655   13.117  1.00 18.78  ? 137 LYS A O   1 
ATOM   1155 C CB  . LYS A 1 145 ? -5.352  4.359   15.528  1.00 19.52  ? 137 LYS A CB  1 
ATOM   1156 C CG  . LYS A 1 145 ? -4.434  4.883   16.644  1.00 22.22  ? 137 LYS A CG  1 
ATOM   1157 C CD  . LYS A 1 145 ? -4.337  6.416   16.565  1.00 24.49  ? 137 LYS A CD  1 
ATOM   1158 C CE  . LYS A 1 145 ? -3.442  7.022   17.637  1.00 25.59  ? 137 LYS A CE  1 
ATOM   1159 N NZ  . LYS A 1 145 ? -1.995  7.074   17.260  1.00 24.51  ? 137 LYS A NZ  1 
ATOM   1160 N N   . GLU A 1 146 ? -7.358  1.762   14.932  1.00 19.23  ? 138 GLU A N   1 
ATOM   1161 C CA  . GLU A 1 146 ? -8.517  1.297   14.191  1.00 19.96  ? 138 GLU A CA  1 
ATOM   1162 C C   . GLU A 1 146 ? -9.203  2.409   13.394  1.00 19.53  ? 138 GLU A C   1 
ATOM   1163 O O   . GLU A 1 146 ? -9.668  2.174   12.271  1.00 18.99  ? 138 GLU A O   1 
ATOM   1164 C CB  . GLU A 1 146 ? -9.530  0.624   15.136  1.00 20.44  ? 138 GLU A CB  1 
ATOM   1165 C CG  . GLU A 1 146 ? -10.669 -0.126  14.416  1.00 24.01  ? 138 GLU A CG  1 
ATOM   1166 C CD  . GLU A 1 146 ? -10.209 -1.389  13.656  1.00 27.50  ? 138 GLU A CD  1 
ATOM   1167 O OE1 . GLU A 1 146 ? -10.903 -2.435  13.749  1.00 27.51  ? 138 GLU A OE1 1 
ATOM   1168 O OE2 . GLU A 1 146 ? -9.165  -1.334  12.956  1.00 30.43  ? 138 GLU A OE2 1 
ATOM   1169 N N   . GLU A 1 147 ? -9.289  3.602   13.980  1.00 19.50  ? 139 GLU A N   1 
ATOM   1170 C CA  . GLU A 1 147 ? -10.021 4.691   13.347  1.00 19.79  ? 139 GLU A CA  1 
ATOM   1171 C C   . GLU A 1 147 ? -9.351  5.190   12.057  1.00 19.17  ? 139 GLU A C   1 
ATOM   1172 O O   . GLU A 1 147 ? -10.009 5.834   11.242  1.00 18.64  ? 139 GLU A O   1 
ATOM   1173 C CB  . GLU A 1 147 ? -10.270 5.860   14.314  1.00 20.88  ? 139 GLU A CB  1 
ATOM   1174 C CG  . GLU A 1 147 ? -9.024  6.635   14.720  1.00 23.74  ? 139 GLU A CG  1 
ATOM   1175 C CD  . GLU A 1 147 ? -8.550  6.318   16.125  1.00 28.63  ? 139 GLU A CD  1 
ATOM   1176 O OE1 . GLU A 1 147 ? -8.041  7.258   16.779  1.00 30.29  ? 139 GLU A OE1 1 
ATOM   1177 O OE2 . GLU A 1 147 ? -8.692  5.148   16.577  1.00 29.52  ? 139 GLU A OE2 1 
ATOM   1178 N N   . ILE A 1 148 ? -8.061  4.891   11.865  1.00 18.45  ? 140 ILE A N   1 
ATOM   1179 C CA  . ILE A 1 148 ? -7.390  5.325   10.625  1.00 18.14  ? 140 ILE A CA  1 
ATOM   1180 C C   . ILE A 1 148 ? -7.215  4.240   9.555   1.00 18.31  ? 140 ILE A C   1 
ATOM   1181 O O   . ILE A 1 148 ? -6.705  4.506   8.456   1.00 17.92  ? 140 ILE A O   1 
ATOM   1182 C CB  . ILE A 1 148 ? -6.049  6.058   10.875  1.00 17.32  ? 140 ILE A CB  1 
ATOM   1183 C CG1 . ILE A 1 148 ? -4.932  5.078   11.244  1.00 17.48  ? 140 ILE A CG1 1 
ATOM   1184 C CG2 . ILE A 1 148 ? -6.223  7.218   11.892  1.00 17.19  ? 140 ILE A CG2 1 
ATOM   1185 C CD1 . ILE A 1 148 ? -3.548  5.712   11.147  1.00 14.68  ? 140 ILE A CD1 1 
ATOM   1186 N N   . VAL A 1 149 ? -7.639  3.022   9.880   1.00 18.18  ? 141 VAL A N   1 
ATOM   1187 C CA  . VAL A 1 149 ? -7.564  1.903   8.951   1.00 18.36  ? 141 VAL A CA  1 
ATOM   1188 C C   . VAL A 1 149 ? -8.917  1.697   8.265   1.00 18.86  ? 141 VAL A C   1 
ATOM   1189 O O   . VAL A 1 149 ? -9.943  1.567   8.942   1.00 19.24  ? 141 VAL A O   1 
ATOM   1190 C CB  . VAL A 1 149 ? -7.112  0.596   9.663   1.00 18.67  ? 141 VAL A CB  1 
ATOM   1191 C CG1 . VAL A 1 149 ? -7.055  -0.567  8.671   1.00 18.28  ? 141 VAL A CG1 1 
ATOM   1192 C CG2 . VAL A 1 149 ? -5.746  0.795   10.330  1.00 17.89  ? 141 VAL A CG2 1 
ATOM   1193 N N   . HIS A 1 150 ? -8.911  1.661   6.931   1.00 18.48  ? 142 HIS A N   1 
ATOM   1194 C CA  . HIS A 1 150 ? -10.129 1.480   6.134   1.00 19.15  ? 142 HIS A CA  1 
ATOM   1195 C C   . HIS A 1 150 ? -9.916  0.465   5.036   1.00 19.36  ? 142 HIS A C   1 
ATOM   1196 O O   . HIS A 1 150 ? -8.917  0.537   4.325   1.00 19.12  ? 142 HIS A O   1 
ATOM   1197 C CB  . HIS A 1 150 ? -10.547 2.805   5.493   1.00 19.34  ? 142 HIS A CB  1 
ATOM   1198 C CG  . HIS A 1 150 ? -10.605 3.928   6.470   1.00 20.12  ? 142 HIS A CG  1 
ATOM   1199 N ND1 . HIS A 1 150 ? -11.720 4.183   7.236   1.00 22.12  ? 142 HIS A ND1 1 
ATOM   1200 C CD2 . HIS A 1 150 ? -9.660  4.808   6.871   1.00 20.34  ? 142 HIS A CD2 1 
ATOM   1201 C CE1 . HIS A 1 150 ? -11.474 5.201   8.042   1.00 22.73  ? 142 HIS A CE1 1 
ATOM   1202 N NE2 . HIS A 1 150 ? -10.227 5.595   7.844   1.00 22.32  ? 142 HIS A NE2 1 
ATOM   1203 N N   . GLN A 1 151 ? -10.866 -0.462  4.882   1.00 18.54  ? 143 GLN A N   1 
ATOM   1204 C CA  . GLN A 1 151 ? -10.829 -1.389  3.763   1.00 19.05  ? 143 GLN A CA  1 
ATOM   1205 C C   . GLN A 1 151 ? -11.483 -0.742  2.559   1.00 19.11  ? 143 GLN A C   1 
ATOM   1206 O O   . GLN A 1 151 ? -12.530 -0.103  2.699   1.00 19.40  ? 143 GLN A O   1 
ATOM   1207 C CB  . GLN A 1 151 ? -11.591 -2.672  4.098   1.00 19.12  ? 143 GLN A CB  1 
ATOM   1208 C CG  . GLN A 1 151 ? -11.008 -3.430  5.266   1.00 20.89  ? 143 GLN A CG  1 
ATOM   1209 C CD  . GLN A 1 151 ? -11.623 -4.805  5.409   1.00 23.34  ? 143 GLN A CD  1 
ATOM   1210 O OE1 . GLN A 1 151 ? -11.277 -5.738  4.679   1.00 24.79  ? 143 GLN A OE1 1 
ATOM   1211 N NE2 . GLN A 1 151 ? -12.541 -4.940  6.347   1.00 23.15  ? 143 GLN A NE2 1 
ATOM   1212 N N   . LEU A 1 152 ? -10.894 -0.936  1.384   1.00 18.56  ? 144 LEU A N   1 
ATOM   1213 C CA  . LEU A 1 152 ? -11.448 -0.423  0.143   1.00 18.70  ? 144 LEU A CA  1 
ATOM   1214 C C   . LEU A 1 152 ? -11.668 -1.576  -0.829  1.00 19.20  ? 144 LEU A C   1 
ATOM   1215 O O   . LEU A 1 152 ? -10.720 -2.291  -1.163  1.00 19.35  ? 144 LEU A O   1 
ATOM   1216 C CB  . LEU A 1 152 ? -10.486 0.586   -0.500  1.00 18.79  ? 144 LEU A CB  1 
ATOM   1217 C CG  . LEU A 1 152 ? -10.216 1.923   0.207   1.00 19.91  ? 144 LEU A CG  1 
ATOM   1218 C CD1 . LEU A 1 152 ? -9.343  2.778   -0.698  1.00 20.23  ? 144 LEU A CD1 1 
ATOM   1219 C CD2 . LEU A 1 152 ? -11.507 2.635   0.573   1.00 20.55  ? 144 LEU A CD2 1 
ATOM   1220 N N   . PRO A 1 153 ? -12.910 -1.752  -1.304  1.00 19.51  ? 145 PRO A N   1 
ATOM   1221 C CA  . PRO A 1 153 ? -13.120 -2.747  -2.353  1.00 19.10  ? 145 PRO A CA  1 
ATOM   1222 C C   . PRO A 1 153 ? -12.378 -2.335  -3.616  1.00 18.81  ? 145 PRO A C   1 
ATOM   1223 O O   . PRO A 1 153 ? -12.393 -1.154  -4.011  1.00 18.33  ? 145 PRO A O   1 
ATOM   1224 C CB  . PRO A 1 153 ? -14.637 -2.699  -2.595  1.00 19.30  ? 145 PRO A CB  1 
ATOM   1225 C CG  . PRO A 1 153 ? -15.217 -2.077  -1.348  1.00 20.16  ? 145 PRO A CG  1 
ATOM   1226 C CD  . PRO A 1 153 ? -14.166 -1.083  -0.909  1.00 19.86  ? 145 PRO A CD  1 
ATOM   1227 N N   . SER A 1 154 ? -11.726 -3.300  -4.240  1.00 17.75  ? 146 SER A N   1 
ATOM   1228 C CA  . SER A 1 154 ? -10.924 -3.009  -5.404  1.00 18.13  ? 146 SER A CA  1 
ATOM   1229 C C   . SER A 1 154 ? -11.035 -4.165  -6.395  1.00 18.40  ? 146 SER A C   1 
ATOM   1230 O O   . SER A 1 154 ? -10.117 -4.980  -6.535  1.00 18.05  ? 146 SER A O   1 
ATOM   1231 C CB  . SER A 1 154 ? -9.479  -2.744  -4.975  1.00 17.73  ? 146 SER A CB  1 
ATOM   1232 O OG  . SER A 1 154 ? -8.723  -2.268  -6.070  1.00 17.63  ? 146 SER A OG  1 
ATOM   1233 N N   . ASN A 1 155 ? -12.186 -4.233  -7.066  1.00 18.77  ? 147 ASN A N   1 
ATOM   1234 C CA  . ASN A 1 155 ? -12.519 -5.361  -7.935  1.00 19.13  ? 147 ASN A CA  1 
ATOM   1235 C C   . ASN A 1 155 ? -12.743 -4.999  -9.390  1.00 19.85  ? 147 ASN A C   1 
ATOM   1236 O O   . ASN A 1 155 ? -12.787 -5.879  -10.249 1.00 19.42  ? 147 ASN A O   1 
ATOM   1237 C CB  . ASN A 1 155 ? -13.774 -6.060  -7.418  1.00 19.00  ? 147 ASN A CB  1 
ATOM   1238 C CG  . ASN A 1 155 ? -13.557 -6.705  -6.075  1.00 18.53  ? 147 ASN A CG  1 
ATOM   1239 O OD1 . ASN A 1 155 ? -13.045 -7.815  -5.996  1.00 20.15  ? 147 ASN A OD1 1 
ATOM   1240 N ND2 . ASN A 1 155 ? -13.942 -6.015  -5.008  1.00 17.61  ? 147 ASN A ND2 1 
ATOM   1241 N N   . LYS A 1 156 ? -12.903 -3.707  -9.664  1.00 20.16  ? 148 LYS A N   1 
ATOM   1242 C CA  . LYS A 1 156 ? -13.258 -3.255  -11.007 1.00 20.95  ? 148 LYS A CA  1 
ATOM   1243 C C   . LYS A 1 156 ? -12.909 -1.786  -11.185 1.00 21.14  ? 148 LYS A C   1 
ATOM   1244 O O   . LYS A 1 156 ? -12.761 -1.069  -10.189 1.00 20.61  ? 148 LYS A O   1 
ATOM   1245 C CB  . LYS A 1 156 ? -14.749 -3.495  -11.279 1.00 20.92  ? 148 LYS A CB  1 
ATOM   1246 C CG  . LYS A 1 156 ? -15.688 -3.045  -10.166 1.00 22.14  ? 148 LYS A CG  1 
ATOM   1247 C CD  . LYS A 1 156 ? -17.111 -3.510  -10.450 1.00 24.44  ? 148 LYS A CD  1 
ATOM   1248 C CE  . LYS A 1 156 ? -17.938 -3.562  -9.175  1.00 26.37  ? 148 LYS A CE  1 
ATOM   1249 N NZ  . LYS A 1 156 ? -19.278 -4.181  -9.444  1.00 27.01  ? 148 LYS A NZ  1 
ATOM   1250 N N   . PRO A 1 157 ? -12.774 -1.334  -12.454 1.00 21.39  ? 149 PRO A N   1 
ATOM   1251 C CA  . PRO A 1 157 ? -12.437 0.061   -12.733 1.00 21.46  ? 149 PRO A CA  1 
ATOM   1252 C C   . PRO A 1 157 ? -13.324 1.060   -11.982 1.00 21.40  ? 149 PRO A C   1 
ATOM   1253 O O   . PRO A 1 157 ? -12.834 2.108   -11.541 1.00 20.99  ? 149 PRO A O   1 
ATOM   1254 C CB  . PRO A 1 157 ? -12.645 0.163   -14.247 1.00 21.65  ? 149 PRO A CB  1 
ATOM   1255 C CG  . PRO A 1 157 ? -12.267 -1.195  -14.731 1.00 22.00  ? 149 PRO A CG  1 
ATOM   1256 C CD  . PRO A 1 157 ? -12.829 -2.132  -13.697 1.00 21.31  ? 149 PRO A CD  1 
ATOM   1257 N N   . GLU A 1 158 ? -14.605 0.728   -11.824 1.00 21.29  ? 150 GLU A N   1 
ATOM   1258 C CA  . GLU A 1 158 ? -15.548 1.606   -11.130 1.00 21.88  ? 150 GLU A CA  1 
ATOM   1259 C C   . GLU A 1 158 ? -15.193 1.788   -9.652  1.00 21.27  ? 150 GLU A C   1 
ATOM   1260 O O   . GLU A 1 158 ? -15.396 2.869   -9.084  1.00 21.10  ? 150 GLU A O   1 
ATOM   1261 C CB  . GLU A 1 158 ? -16.989 1.106   -11.298 1.00 22.21  ? 150 GLU A CB  1 
ATOM   1262 C CG  . GLU A 1 158 ? -17.865 1.265   -10.063 1.00 25.42  ? 150 GLU A CG  1 
ATOM   1263 C CD  . GLU A 1 158 ? -19.317 1.517   -10.399 1.00 29.50  ? 150 GLU A CD  1 
ATOM   1264 O OE1 . GLU A 1 158 ? -20.092 0.531   -10.449 1.00 31.48  ? 150 GLU A OE1 1 
ATOM   1265 O OE2 . GLU A 1 158 ? -19.681 2.697   -10.618 1.00 31.28  ? 150 GLU A OE2 1 
ATOM   1266 N N   . GLU A 1 159 ? -14.678 0.724   -9.037  1.00 20.60  ? 151 GLU A N   1 
ATOM   1267 C CA  . GLU A 1 159 ? -14.249 0.787   -7.649  1.00 20.06  ? 151 GLU A CA  1 
ATOM   1268 C C   . GLU A 1 159 ? -12.936 1.556   -7.536  1.00 19.48  ? 151 GLU A C   1 
ATOM   1269 O O   . GLU A 1 159 ? -12.769 2.336   -6.607  1.00 19.24  ? 151 GLU A O   1 
ATOM   1270 C CB  . GLU A 1 159 ? -14.184 -0.604  -7.010  1.00 20.05  ? 151 GLU A CB  1 
ATOM   1271 C CG  . GLU A 1 159 ? -15.572 -1.112  -6.639  1.00 20.91  ? 151 GLU A CG  1 
ATOM   1272 C CD  . GLU A 1 159 ? -15.621 -2.563  -6.168  1.00 21.49  ? 151 GLU A CD  1 
ATOM   1273 O OE1 . GLU A 1 159 ? -14.568 -3.233  -6.056  1.00 21.76  ? 151 GLU A OE1 1 
ATOM   1274 O OE2 . GLU A 1 159 ? -16.742 -3.024  -5.902  1.00 19.87  ? 151 GLU A OE2 1 
ATOM   1275 N N   . LEU A 1 160 ? -12.019 1.354   -8.486  1.00 19.09  ? 152 LEU A N   1 
ATOM   1276 C CA  . LEU A 1 160 ? -10.821 2.195   -8.578  1.00 19.10  ? 152 LEU A CA  1 
ATOM   1277 C C   . LEU A 1 160 ? -11.231 3.679   -8.635  1.00 19.23  ? 152 LEU A C   1 
ATOM   1278 O O   . LEU A 1 160 ? -10.686 4.521   -7.904  1.00 19.19  ? 152 LEU A O   1 
ATOM   1279 C CB  . LEU A 1 160 ? -9.960  1.829   -9.792  1.00 18.49  ? 152 LEU A CB  1 
ATOM   1280 C CG  . LEU A 1 160 ? -8.844  2.820   -10.182 1.00 18.62  ? 152 LEU A CG  1 
ATOM   1281 C CD1 . LEU A 1 160 ? -7.829  3.087   -9.056  1.00 17.36  ? 152 LEU A CD1 1 
ATOM   1282 C CD2 . LEU A 1 160 ? -8.133  2.338   -11.439 1.00 19.96  ? 152 LEU A CD2 1 
ATOM   1283 N N   . GLU A 1 161 ? -12.208 3.977   -9.488  1.00 18.89  ? 153 GLU A N   1 
ATOM   1284 C CA  . GLU A 1 161 ? -12.734 5.322   -9.620  1.00 19.45  ? 153 GLU A CA  1 
ATOM   1285 C C   . GLU A 1 161 ? -13.282 5.860   -8.291  1.00 18.71  ? 153 GLU A C   1 
ATOM   1286 O O   . GLU A 1 161 ? -12.955 6.986   -7.914  1.00 19.01  ? 153 GLU A O   1 
ATOM   1287 C CB  . GLU A 1 161 ? -13.798 5.379   -10.719 1.00 19.74  ? 153 GLU A CB  1 
ATOM   1288 C CG  . GLU A 1 161 ? -14.391 6.760   -10.925 1.00 22.70  ? 153 GLU A CG  1 
ATOM   1289 C CD  . GLU A 1 161 ? -15.496 6.782   -11.976 1.00 25.53  ? 153 GLU A CD  1 
ATOM   1290 O OE1 . GLU A 1 161 ? -16.225 5.768   -12.132 1.00 28.44  ? 153 GLU A OE1 1 
ATOM   1291 O OE2 . GLU A 1 161 ? -15.632 7.823   -12.643 1.00 27.02  ? 153 GLU A OE2 1 
ATOM   1292 N N   . ASN A 1 162 ? -14.110 5.068   -7.602  1.00 18.47  ? 154 ASN A N   1 
ATOM   1293 C CA  A ASN A 1 162 ? -14.651 5.448   -6.296  0.50 18.11  ? 154 ASN A CA  1 
ATOM   1294 C CA  B ASN A 1 162 ? -14.649 5.452   -6.297  0.50 18.55  ? 154 ASN A CA  1 
ATOM   1295 C C   . ASN A 1 162 ? -13.543 5.696   -5.278  1.00 18.18  ? 154 ASN A C   1 
ATOM   1296 O O   . ASN A 1 162 ? -13.609 6.640   -4.499  1.00 18.05  ? 154 ASN A O   1 
ATOM   1297 C CB  A ASN A 1 162 ? -15.606 4.377   -5.757  0.50 18.19  ? 154 ASN A CB  1 
ATOM   1298 C CB  B ASN A 1 162 ? -15.604 4.384   -5.759  0.50 19.03  ? 154 ASN A CB  1 
ATOM   1299 C CG  A ASN A 1 162 ? -16.843 4.198   -6.624  0.50 17.42  ? 154 ASN A CG  1 
ATOM   1300 C CG  B ASN A 1 162 ? -16.460 4.891   -4.615  0.50 20.10  ? 154 ASN A CG  1 
ATOM   1301 O OD1 A ASN A 1 162 ? -17.223 5.089   -7.381  0.50 17.29  ? 154 ASN A OD1 1 
ATOM   1302 O OD1 B ASN A 1 162 ? -17.271 5.809   -4.786  0.50 22.46  ? 154 ASN A OD1 1 
ATOM   1303 N ND2 A ASN A 1 162 ? -17.478 3.042   -6.509  0.50 16.85  ? 154 ASN A ND2 1 
ATOM   1304 N ND2 B ASN A 1 162 ? -16.308 4.280   -3.445  0.50 21.38  ? 154 ASN A ND2 1 
ATOM   1305 N N   . ASN A 1 163 ? -12.527 4.834   -5.294  1.00 17.75  ? 155 ASN A N   1 
ATOM   1306 C CA  . ASN A 1 163 ? -11.411 4.955   -4.367  1.00 17.46  ? 155 ASN A CA  1 
ATOM   1307 C C   . ASN A 1 163 ? -10.594 6.220   -4.617  1.00 17.27  ? 155 ASN A C   1 
ATOM   1308 O O   . ASN A 1 163 ? -10.252 6.928   -3.679  1.00 17.36  ? 155 ASN A O   1 
ATOM   1309 C CB  . ASN A 1 163 ? -10.515 3.721   -4.451  1.00 17.02  ? 155 ASN A CB  1 
ATOM   1310 C CG  . ASN A 1 163 ? -11.219 2.457   -3.975  1.00 17.65  ? 155 ASN A CG  1 
ATOM   1311 O OD1 . ASN A 1 163 ? -12.193 2.520   -3.216  1.00 16.35  ? 155 ASN A OD1 1 
ATOM   1312 N ND2 . ASN A 1 163 ? -10.730 1.302   -4.425  1.00 17.63  ? 155 ASN A ND2 1 
ATOM   1313 N N   . VAL A 1 164 ? -10.275 6.483   -5.886  1.00 17.34  ? 156 VAL A N   1 
ATOM   1314 C CA  . VAL A 1 164 ? -9.559  7.696   -6.272  1.00 17.12  ? 156 VAL A CA  1 
ATOM   1315 C C   . VAL A 1 164 ? -10.340 8.912   -5.773  1.00 17.57  ? 156 VAL A C   1 
ATOM   1316 O O   . VAL A 1 164 ? -9.789  9.777   -5.094  1.00 17.50  ? 156 VAL A O   1 
ATOM   1317 C CB  . VAL A 1 164 ? -9.306  7.747   -7.810  1.00 17.48  ? 156 VAL A CB  1 
ATOM   1318 C CG1 . VAL A 1 164 ? -8.840  9.133   -8.267  1.00 16.85  ? 156 VAL A CG1 1 
ATOM   1319 C CG2 . VAL A 1 164 ? -8.276  6.682   -8.200  1.00 17.17  ? 156 VAL A CG2 1 
ATOM   1320 N N   . ASP A 1 165 ? -11.633 8.948   -6.075  1.00 17.47  ? 157 ASP A N   1 
ATOM   1321 C CA  . ASP A 1 165 ? -12.482 10.063  -5.677  1.00 17.71  ? 157 ASP A CA  1 
ATOM   1322 C C   . ASP A 1 165 ? -12.535 10.265  -4.162  1.00 17.56  ? 157 ASP A C   1 
ATOM   1323 O O   . ASP A 1 165 ? -12.387 11.382  -3.661  1.00 17.25  ? 157 ASP A O   1 
ATOM   1324 C CB  . ASP A 1 165 ? -13.891 9.865   -6.219  1.00 17.39  ? 157 ASP A CB  1 
ATOM   1325 C CG  . ASP A 1 165 ? -14.749 11.071  -6.007  1.00 19.37  ? 157 ASP A CG  1 
ATOM   1326 O OD1 . ASP A 1 165 ? -14.353 12.168  -6.481  1.00 19.09  ? 157 ASP A OD1 1 
ATOM   1327 O OD2 . ASP A 1 165 ? -15.806 10.923  -5.356  1.00 20.33  ? 157 ASP A OD2 1 
ATOM   1328 N N   . GLN A 1 166 ? -12.758 9.178   -3.437  1.00 17.29  ? 158 GLN A N   1 
ATOM   1329 C CA  . GLN A 1 166 ? -12.828 9.230   -1.983  1.00 17.31  ? 158 GLN A CA  1 
ATOM   1330 C C   . GLN A 1 166 ? -11.510 9.725   -1.376  1.00 16.68  ? 158 GLN A C   1 
ATOM   1331 O O   . GLN A 1 166 ? -11.507 10.602  -0.502  1.00 17.43  ? 158 GLN A O   1 
ATOM   1332 C CB  . GLN A 1 166 ? -13.202 7.848   -1.432  1.00 17.57  ? 158 GLN A CB  1 
ATOM   1333 C CG  . GLN A 1 166 ? -13.064 7.706   0.089   1.00 20.27  ? 158 GLN A CG  1 
ATOM   1334 C CD  . GLN A 1 166 ? -13.316 6.284   0.585   1.00 22.21  ? 158 GLN A CD  1 
ATOM   1335 O OE1 . GLN A 1 166 ? -13.798 5.426   -0.155  1.00 23.88  ? 158 GLN A OE1 1 
ATOM   1336 N NE2 . GLN A 1 166 ? -12.985 6.035   1.847   1.00 24.26  ? 158 GLN A NE2 1 
ATOM   1337 N N   . ILE A 1 167 ? -10.393 9.189   -1.838  1.00 15.86  ? 159 ILE A N   1 
ATOM   1338 C CA  . ILE A 1 167 ? -9.111  9.539   -1.222  1.00 15.51  ? 159 ILE A CA  1 
ATOM   1339 C C   . ILE A 1 167 ? -8.707  10.974  -1.580  1.00 15.90  ? 159 ILE A C   1 
ATOM   1340 O O   . ILE A 1 167 ? -8.247  11.718  -0.717  1.00 16.30  ? 159 ILE A O   1 
ATOM   1341 C CB  . ILE A 1 167 ? -8.000  8.517   -1.553  1.00 15.09  ? 159 ILE A CB  1 
ATOM   1342 C CG1 . ILE A 1 167 ? -8.399  7.124   -1.042  1.00 14.06  ? 159 ILE A CG1 1 
ATOM   1343 C CG2 . ILE A 1 167 ? -6.662  8.931   -0.926  1.00 14.98  ? 159 ILE A CG2 1 
ATOM   1344 C CD1 . ILE A 1 167 ? -7.479  6.029   -1.501  1.00 13.28  ? 159 ILE A CD1 1 
ATOM   1345 N N   . LEU A 1 168 ? -8.926  11.376  -2.834  1.00 16.08  ? 160 LEU A N   1 
ATOM   1346 C CA  . LEU A 1 168 ? -8.668  12.768  -3.244  1.00 16.16  ? 160 LEU A CA  1 
ATOM   1347 C C   . LEU A 1 168 ? -9.467  13.737  -2.368  1.00 16.05  ? 160 LEU A C   1 
ATOM   1348 O O   . LEU A 1 168 ? -8.951  14.772  -1.941  1.00 16.74  ? 160 LEU A O   1 
ATOM   1349 C CB  . LEU A 1 168 ? -9.020  12.976  -4.719  1.00 15.59  ? 160 LEU A CB  1 
ATOM   1350 C CG  . LEU A 1 168 ? -8.055  12.341  -5.716  1.00 16.88  ? 160 LEU A CG  1 
ATOM   1351 C CD1 . LEU A 1 168 ? -8.537  12.612  -7.141  1.00 15.48  ? 160 LEU A CD1 1 
ATOM   1352 C CD2 . LEU A 1 168 ? -6.620  12.842  -5.515  1.00 15.53  ? 160 LEU A CD2 1 
ATOM   1353 N N   . LYS A 1 169 ? -10.716 13.392  -2.079  1.00 16.30  ? 161 LYS A N   1 
ATOM   1354 C CA  . LYS A 1 169 ? -11.533 14.216  -1.188  1.00 16.78  ? 161 LYS A CA  1 
ATOM   1355 C C   . LYS A 1 169 ? -11.004 14.231  0.240   1.00 16.91  ? 161 LYS A C   1 
ATOM   1356 O O   . LYS A 1 169 ? -11.020 15.275  0.917   1.00 17.32  ? 161 LYS A O   1 
ATOM   1357 C CB  . LYS A 1 169 ? -12.994 13.764  -1.221  1.00 17.22  ? 161 LYS A CB  1 
ATOM   1358 C CG  . LYS A 1 169 ? -13.695 14.192  -2.510  1.00 17.53  ? 161 LYS A CG  1 
ATOM   1359 C CD  . LYS A 1 169 ? -15.039 13.535  -2.678  1.00 18.10  ? 161 LYS A CD  1 
ATOM   1360 C CE  . LYS A 1 169 ? -15.760 14.162  -3.863  1.00 17.83  ? 161 LYS A CE  1 
ATOM   1361 N NZ  . LYS A 1 169 ? -16.831 13.253  -4.325  1.00 17.76  ? 161 LYS A NZ  1 
ATOM   1362 N N   . TRP A 1 170 ? -10.555 13.071  0.708   1.00 16.85  ? 162 TRP A N   1 
ATOM   1363 C CA  . TRP A 1 170 ? -9.938  12.964  2.036   1.00 16.32  ? 162 TRP A CA  1 
ATOM   1364 C C   . TRP A 1 170 ? -8.682  13.837  2.127   1.00 16.06  ? 162 TRP A C   1 
ATOM   1365 O O   . TRP A 1 170 ? -8.465  14.526  3.126   1.00 16.41  ? 162 TRP A O   1 
ATOM   1366 C CB  . TRP A 1 170 ? -9.592  11.503  2.379   1.00 16.48  ? 162 TRP A CB  1 
ATOM   1367 C CG  . TRP A 1 170 ? -8.956  11.402  3.744   1.00 15.88  ? 162 TRP A CG  1 
ATOM   1368 C CD1 . TRP A 1 170 ? -9.600  11.256  4.947   1.00 15.55  ? 162 TRP A CD1 1 
ATOM   1369 C CD2 . TRP A 1 170 ? -7.558  11.487  4.044   1.00 15.89  ? 162 TRP A CD2 1 
ATOM   1370 N NE1 . TRP A 1 170 ? -8.684  11.234  5.976   1.00 15.35  ? 162 TRP A NE1 1 
ATOM   1371 C CE2 . TRP A 1 170 ? -7.424  11.372  5.452   1.00 16.15  ? 162 TRP A CE2 1 
ATOM   1372 C CE3 . TRP A 1 170 ? -6.399  11.639  3.260   1.00 16.19  ? 162 TRP A CE3 1 
ATOM   1373 C CZ2 . TRP A 1 170 ? -6.178  11.407  6.095   1.00 15.15  ? 162 TRP A CZ2 1 
ATOM   1374 C CZ3 . TRP A 1 170 ? -5.151  11.671  3.909   1.00 13.74  ? 162 TRP A CZ3 1 
ATOM   1375 C CH2 . TRP A 1 170 ? -5.061  11.561  5.312   1.00 14.53  ? 162 TRP A CH2 1 
ATOM   1376 N N   . ILE A 1 171 ? -7.847  13.787  1.093   1.00 15.79  ? 163 ILE A N   1 
ATOM   1377 C CA  . ILE A 1 171 ? -6.606  14.568  1.054   1.00 15.68  ? 163 ILE A CA  1 
ATOM   1378 C C   . ILE A 1 171 ? -6.924  16.051  1.163   1.00 16.15  ? 163 ILE A C   1 
ATOM   1379 O O   . ILE A 1 171 ? -6.323  16.759  1.974   1.00 16.76  ? 163 ILE A O   1 
ATOM   1380 C CB  . ILE A 1 171 ? -5.792  14.295  -0.228  1.00 15.75  ? 163 ILE A CB  1 
ATOM   1381 C CG1 . ILE A 1 171 ? -5.214  12.869  -0.201  1.00 15.25  ? 163 ILE A CG1 1 
ATOM   1382 C CG2 . ILE A 1 171 ? -4.671  15.310  -0.398  1.00 15.77  ? 163 ILE A CG2 1 
ATOM   1383 C CD1 . ILE A 1 171 ? -4.672  12.422  -1.554  1.00 13.57  ? 163 ILE A CD1 1 
ATOM   1384 N N   . GLU A 1 172 ? -7.879  16.513  0.358   1.00 15.35  ? 164 GLU A N   1 
ATOM   1385 C CA  . GLU A 1 172 ? -8.296  17.914  0.402   1.00 15.31  ? 164 GLU A CA  1 
ATOM   1386 C C   . GLU A 1 172 ? -8.751  18.342  1.808   1.00 14.80  ? 164 GLU A C   1 
ATOM   1387 O O   . GLU A 1 172 ? -8.335  19.386  2.316   1.00 13.89  ? 164 GLU A O   1 
ATOM   1388 C CB  . GLU A 1 172 ? -9.408  18.168  -0.619  1.00 14.88  ? 164 GLU A CB  1 
ATOM   1389 C CG  . GLU A 1 172 ? -9.862  19.616  -0.652  1.00 15.25  ? 164 GLU A CG  1 
ATOM   1390 C CD  . GLU A 1 172 ? -10.840 19.904  -1.776  1.00 15.59  ? 164 GLU A CD  1 
ATOM   1391 O OE1 . GLU A 1 172 ? -11.550 20.917  -1.675  1.00 16.01  ? 164 GLU A OE1 1 
ATOM   1392 O OE2 . GLU A 1 172 ? -10.901 19.133  -2.762  1.00 16.19  ? 164 GLU A OE2 1 
ATOM   1393 N N   . GLN A 1 173 ? -9.608  17.541  2.429   1.00 15.02  ? 165 GLN A N   1 
ATOM   1394 C CA  . GLN A 1 173 ? -10.099 17.875  3.762   1.00 15.60  ? 165 GLN A CA  1 
ATOM   1395 C C   . GLN A 1 173 ? -8.973  17.887  4.805   1.00 15.32  ? 165 GLN A C   1 
ATOM   1396 O O   . GLN A 1 173 ? -8.942  18.754  5.677   1.00 15.04  ? 165 GLN A O   1 
ATOM   1397 C CB  . GLN A 1 173 ? -11.236 16.944  4.196   1.00 16.36  ? 165 GLN A CB  1 
ATOM   1398 C CG  . GLN A 1 173 ? -11.867 17.309  5.557   1.00 18.37  ? 165 GLN A CG  1 
ATOM   1399 C CD  . GLN A 1 173 ? -12.656 18.623  5.529   1.00 21.55  ? 165 GLN A CD  1 
ATOM   1400 O OE1 . GLN A 1 173 ? -12.519 19.470  6.422   1.00 23.73  ? 165 GLN A OE1 1 
ATOM   1401 N NE2 . GLN A 1 173 ? -13.474 18.798  4.497   1.00 20.37  ? 165 GLN A NE2 1 
ATOM   1402 N N   . TRP A 1 174 ? -8.064  16.918  4.714   1.00 14.64  ? 166 TRP A N   1 
ATOM   1403 C CA  . TRP A 1 174 ? -6.963  16.824  5.670   1.00 14.37  ? 166 TRP A CA  1 
ATOM   1404 C C   . TRP A 1 174 ? -6.076  18.057  5.553   1.00 13.52  ? 166 TRP A C   1 
ATOM   1405 O O   . TRP A 1 174 ? -5.650  18.635  6.560   1.00 12.93  ? 166 TRP A O   1 
ATOM   1406 C CB  . TRP A 1 174 ? -6.140  15.562  5.419   1.00 14.21  ? 166 TRP A CB  1 
ATOM   1407 C CG  . TRP A 1 174 ? -5.142  15.269  6.496   1.00 14.54  ? 166 TRP A CG  1 
ATOM   1408 C CD1 . TRP A 1 174 ? -5.293  14.394  7.525   1.00 15.80  ? 166 TRP A CD1 1 
ATOM   1409 C CD2 . TRP A 1 174 ? -3.837  15.849  6.650   1.00 15.04  ? 166 TRP A CD2 1 
ATOM   1410 N NE1 . TRP A 1 174 ? -4.166  14.376  8.311   1.00 15.24  ? 166 TRP A NE1 1 
ATOM   1411 C CE2 . TRP A 1 174 ? -3.259  15.269  7.803   1.00 16.36  ? 166 TRP A CE2 1 
ATOM   1412 C CE3 . TRP A 1 174 ? -3.107  16.810  5.935   1.00 16.47  ? 166 TRP A CE3 1 
ATOM   1413 C CZ2 . TRP A 1 174 ? -1.984  15.611  8.257   1.00 17.26  ? 166 TRP A CZ2 1 
ATOM   1414 C CZ3 . TRP A 1 174 ? -1.826  17.144  6.379   1.00 17.05  ? 166 TRP A CZ3 1 
ATOM   1415 C CH2 . TRP A 1 174 ? -1.282  16.547  7.536   1.00 17.71  ? 166 TRP A CH2 1 
ATOM   1416 N N   . ILE A 1 175 ? -5.789  18.454  4.317   1.00 13.10  ? 167 ILE A N   1 
ATOM   1417 C CA  . ILE A 1 175 ? -4.941  19.613  4.089   1.00 12.75  ? 167 ILE A CA  1 
ATOM   1418 C C   . ILE A 1 175 ? -5.596  20.869  4.662   1.00 13.01  ? 167 ILE A C   1 
ATOM   1419 O O   . ILE A 1 175 ? -4.925  21.677  5.298   1.00 13.36  ? 167 ILE A O   1 
ATOM   1420 C CB  . ILE A 1 175 ? -4.608  19.776  2.586   1.00 13.38  ? 167 ILE A CB  1 
ATOM   1421 C CG1 . ILE A 1 175 ? -3.623  18.677  2.152   1.00 12.00  ? 167 ILE A CG1 1 
ATOM   1422 C CG2 . ILE A 1 175 ? -4.046  21.176  2.290   1.00 12.45  ? 167 ILE A CG2 1 
ATOM   1423 C CD1 . ILE A 1 175 ? -3.539  18.534  0.619   1.00 15.31  ? 167 ILE A CD1 1 
ATOM   1424 N N   . LYS A 1 176 ? -6.901  21.021  4.450   1.00 12.74  ? 168 LYS A N   1 
ATOM   1425 C CA  . LYS A 1 176 ? -7.628  22.176  5.004   1.00 14.29  ? 168 LYS A CA  1 
ATOM   1426 C C   . LYS A 1 176 ? -7.524  22.172  6.544   1.00 14.49  ? 168 LYS A C   1 
ATOM   1427 O O   . LYS A 1 176 ? -7.159  23.188  7.163   1.00 13.42  ? 168 LYS A O   1 
ATOM   1428 C CB  . LYS A 1 176 ? -9.083  22.173  4.512   1.00 14.54  ? 168 LYS A CB  1 
ATOM   1429 C CG  . LYS A 1 176 ? -10.006 23.209  5.173   1.00 18.27  ? 168 LYS A CG  1 
ATOM   1430 C CD  . LYS A 1 176 ? -11.442 23.054  4.655   1.00 22.10  ? 168 LYS A CD  1 
ATOM   1431 C CE  . LYS A 1 176 ? -12.402 23.991  5.391   1.00 25.57  ? 168 LYS A CE  1 
ATOM   1432 N NZ  . LYS A 1 176 ? -13.787 23.909  4.812   1.00 28.05  ? 168 LYS A NZ  1 
ATOM   1433 N N   . ASP A 1 177 ? -7.777  21.005  7.141   1.00 15.14  ? 169 ASP A N   1 
ATOM   1434 C CA  . ASP A 1 177 ? -7.783  20.853  8.597   1.00 16.47  ? 169 ASP A CA  1 
ATOM   1435 C C   . ASP A 1 177 ? -6.415  21.074  9.220   1.00 16.43  ? 169 ASP A C   1 
ATOM   1436 O O   . ASP A 1 177 ? -6.332  21.470  10.381  1.00 16.70  ? 169 ASP A O   1 
ATOM   1437 C CB  . ASP A 1 177 ? -8.329  19.465  9.006   1.00 16.79  ? 169 ASP A CB  1 
ATOM   1438 C CG  . ASP A 1 177 ? -9.816  19.300  8.699   1.00 18.64  ? 169 ASP A CG  1 
ATOM   1439 O OD1 . ASP A 1 177 ? -10.287 18.149  8.569   1.00 20.84  ? 169 ASP A OD1 1 
ATOM   1440 O OD2 . ASP A 1 177 ? -10.519 20.318  8.569   1.00 19.80  ? 169 ASP A OD2 1 
ATOM   1441 N N   . HIS A 1 178 ? -5.345  20.817  8.462   1.00 16.29  ? 170 HIS A N   1 
ATOM   1442 C CA  . HIS A 1 178 ? -3.986  20.899  9.014   1.00 16.77  ? 170 HIS A CA  1 
ATOM   1443 C C   . HIS A 1 178 ? -3.155  22.031  8.452   1.00 16.75  ? 170 HIS A C   1 
ATOM   1444 O O   . HIS A 1 178 ? -1.927  22.017  8.560   1.00 16.52  ? 170 HIS A O   1 
ATOM   1445 C CB  . HIS A 1 178 ? -3.245  19.564  8.878   1.00 17.50  ? 170 HIS A CB  1 
ATOM   1446 C CG  . HIS A 1 178 ? -3.903  18.449  9.619   1.00 17.22  ? 170 HIS A CG  1 
ATOM   1447 N ND1 . HIS A 1 178 ? -4.976  17.757  9.108   1.00 18.42  ? 170 HIS A ND1 1 
ATOM   1448 C CD2 . HIS A 1 178 ? -3.656  17.916  10.840  1.00 19.96  ? 170 HIS A CD2 1 
ATOM   1449 C CE1 . HIS A 1 178 ? -5.372  16.848  9.984   1.00 18.22  ? 170 HIS A CE1 1 
ATOM   1450 N NE2 . HIS A 1 178 ? -4.585  16.923  11.042  1.00 19.42  ? 170 HIS A NE2 1 
ATOM   1451 N N   . ASN A 1 179 ? -3.832  23.006  7.848   1.00 16.83  ? 171 ASN A N   1 
ATOM   1452 C CA  . ASN A 1 179 ? -3.202  24.249  7.437   1.00 17.23  ? 171 ASN A CA  1 
ATOM   1453 C C   . ASN A 1 179 ? -4.188  25.381  7.708   1.00 18.41  ? 171 ASN A C   1 
ATOM   1454 O O   . ASN A 1 179 ? -4.651  26.051  6.785   1.00 18.24  ? 171 ASN A O   1 
ATOM   1455 C CB  . ASN A 1 179 ? -2.801  24.213  5.954   1.00 16.96  ? 171 ASN A CB  1 
ATOM   1456 C CG  . ASN A 1 179 ? -1.748  23.157  5.653   1.00 15.58  ? 171 ASN A CG  1 
ATOM   1457 O OD1 . ASN A 1 179 ? -2.073  22.014  5.292   1.00 17.72  ? 171 ASN A OD1 1 
ATOM   1458 N ND2 . ASN A 1 179 ? -0.491  23.525  5.802   1.00 11.46  ? 171 ASN A ND2 1 
ATOM   1459 N N   . SER A 1 180 ? -4.517  25.563  8.986   1.00 19.69  ? 172 SER A N   1 
ATOM   1460 C CA  . SER A 1 180 ? -5.408  26.639  9.423   1.00 21.81  ? 172 SER A CA  1 
ATOM   1461 C C   . SER A 1 180 ? -4.793  27.995  9.135   1.00 22.31  ? 172 SER A C   1 
ATOM   1462 O O   . SER A 1 180 ? -5.512  28.944  8.855   1.00 23.44  ? 172 SER A O   1 
ATOM   1463 C CB  . SER A 1 180 ? -5.685  26.534  10.923  1.00 21.96  ? 172 SER A CB  1 
ATOM   1464 O OG  . SER A 1 180 ? -6.363  25.327  11.213  1.00 23.68  ? 172 SER A OG  1 
ATOM   1465 O OXT . SER A 1 180 ? -3.574  28.172  9.188   1.00 23.19  ? 172 SER A OXT 1 
HETATM 1466 S S   . SO4 B 2 .   ? -1.008  -4.512  -6.494  1.00 27.42  ? 173 SO4 A S   1 
HETATM 1467 O O1  . SO4 B 2 .   ? -1.956  -4.664  -7.595  1.00 26.92  ? 173 SO4 A O1  1 
HETATM 1468 O O2  . SO4 B 2 .   ? -1.788  -4.461  -5.268  1.00 26.28  ? 173 SO4 A O2  1 
HETATM 1469 O O3  . SO4 B 2 .   ? -0.082  -5.622  -6.403  1.00 27.41  ? 173 SO4 A O3  1 
HETATM 1470 O O4  . SO4 B 2 .   ? -0.218  -3.281  -6.672  1.00 28.59  ? 173 SO4 A O4  1 
HETATM 1471 S S   . SO4 C 2 .   ? 7.030   -6.383  -5.314  1.00 95.56  ? 174 SO4 A S   1 
HETATM 1472 O O1  . SO4 C 2 .   ? 7.595   -6.515  -3.972  1.00 95.54  ? 174 SO4 A O1  1 
HETATM 1473 O O2  . SO4 C 2 .   ? 8.018   -6.843  -6.287  1.00 95.86  ? 174 SO4 A O2  1 
HETATM 1474 O O3  . SO4 C 2 .   ? 5.823   -7.202  -5.418  1.00 95.68  ? 174 SO4 A O3  1 
HETATM 1475 O O4  . SO4 C 2 .   ? 6.689   -4.988  -5.591  1.00 95.69  ? 174 SO4 A O4  1 
HETATM 1476 S S   . SO4 D 2 .   ? -13.023 -1.232  7.944   0.70 50.79  ? 175 SO4 A S   1 
HETATM 1477 O O1  . SO4 D 2 .   ? -13.799 -0.423  8.886   0.70 50.79  ? 175 SO4 A O1  1 
HETATM 1478 O O2  . SO4 D 2 .   ? -11.696 -1.456  8.519   0.70 49.30  ? 175 SO4 A O2  1 
HETATM 1479 O O3  . SO4 D 2 .   ? -13.662 -2.527  7.751   0.70 49.92  ? 175 SO4 A O3  1 
HETATM 1480 O O4  . SO4 D 2 .   ? -12.979 -0.505  6.674   0.70 47.46  ? 175 SO4 A O4  1 
HETATM 1481 S S   . SO4 E 2 .   ? -7.010  1.070   18.656  1.00 101.46 ? 176 SO4 A S   1 
HETATM 1482 O O1  . SO4 E 2 .   ? -7.208  2.440   18.190  1.00 101.41 ? 176 SO4 A O1  1 
HETATM 1483 O O2  . SO4 E 2 .   ? -5.587  0.745   18.656  1.00 101.39 ? 176 SO4 A O2  1 
HETATM 1484 O O3  . SO4 E 2 .   ? -7.525  0.938   20.017  1.00 101.76 ? 176 SO4 A O3  1 
HETATM 1485 O O4  . SO4 E 2 .   ? -7.723  0.145   17.782  1.00 101.35 ? 176 SO4 A O4  1 
HETATM 1486 S S   . SO4 F 2 .   ? -10.018 -5.166  -12.857 0.60 59.43  ? 177 SO4 A S   1 
HETATM 1487 O O1  . SO4 F 2 .   ? -11.239 -5.246  -13.654 0.60 60.16  ? 177 SO4 A O1  1 
HETATM 1488 O O2  . SO4 F 2 .   ? -10.235 -4.238  -11.757 0.60 59.19  ? 177 SO4 A O2  1 
HETATM 1489 O O3  . SO4 F 2 .   ? -9.709  -6.511  -12.366 0.60 59.53  ? 177 SO4 A O3  1 
HETATM 1490 O O4  . SO4 F 2 .   ? -8.917  -4.662  -13.674 0.60 59.30  ? 177 SO4 A O4  1 
HETATM 1491 O O   . HOH G 3 .   ? 9.789   16.763  1.148   1.00 38.17  ? 178 HOH A O   1 
HETATM 1492 O O   . HOH G 3 .   ? -14.568 -5.909  -0.391  1.00 33.38  ? 179 HOH A O   1 
HETATM 1493 O O   . HOH G 3 .   ? -13.867 -6.007  2.784   1.00 39.23  ? 180 HOH A O   1 
HETATM 1494 O O   . HOH G 3 .   ? 11.527  6.957   -4.443  1.00 38.81  ? 181 HOH A O   1 
HETATM 1495 O O   . HOH G 3 .   ? -15.988 -0.626  -15.810 1.00 39.12  ? 182 HOH A O   1 
HETATM 1496 O O   . HOH G 3 .   ? 2.376   7.069   -13.289 1.00 40.24  ? 183 HOH A O   1 
HETATM 1497 O O   . HOH G 3 .   ? -13.668 2.044   3.711   1.00 44.48  ? 184 HOH A O   1 
HETATM 1498 O O   . HOH G 3 .   ? -16.469 -7.706  -8.274  1.00 41.57  ? 185 HOH A O   1 
HETATM 1499 O O   . HOH G 3 .   ? -15.697 -13.004 -10.074 1.00 39.06  ? 186 HOH A O   1 
HETATM 1500 O O   . HOH G 3 .   ? -13.736 4.310   -14.289 1.00 36.48  ? 187 HOH A O   1 
HETATM 1501 O O   . HOH G 3 .   ? -0.542  25.624  -7.707  1.00 14.92  ? 188 HOH A O   1 
HETATM 1502 O O   . HOH G 3 .   ? -10.803 23.021  8.846   1.00 26.31  ? 189 HOH A O   1 
HETATM 1503 O O   . HOH G 3 .   ? -1.984  -13.362 9.973   1.00 40.53  ? 190 HOH A O   1 
HETATM 1504 O O   . HOH G 3 .   ? 5.242   -13.812 -12.289 1.00 37.42  ? 191 HOH A O   1 
HETATM 1505 O O   . HOH G 3 .   ? 8.075   -20.540 -12.563 1.00 35.04  ? 192 HOH A O   1 
HETATM 1506 O O   . HOH G 3 .   ? -14.440 15.437  2.828   1.00 49.99  ? 193 HOH A O   1 
HETATM 1507 O O   . HOH G 3 .   ? 12.427  3.642   -6.796  1.00 40.51  ? 194 HOH A O   1 
HETATM 1508 O O   . HOH G 3 .   ? 10.625  4.654   -5.236  1.00 50.32  ? 195 HOH A O   1 
HETATM 1509 O O   . HOH G 3 .   ? 8.440   4.044   -6.354  1.00 20.52  ? 196 HOH A O   1 
HETATM 1510 O O   . HOH G 3 .   ? 2.630   26.739  -1.395  1.00 15.69  ? 197 HOH A O   1 
HETATM 1511 O O   . HOH G 3 .   ? 0.955   24.577  -5.745  1.00 18.18  ? 198 HOH A O   1 
HETATM 1512 O O   . HOH G 3 .   ? 2.791   26.319  -4.745  1.00 25.89  ? 199 HOH A O   1 
HETATM 1513 O O   . HOH G 3 .   ? 15.529  -5.026  9.021   1.00 30.75  ? 200 HOH A O   1 
HETATM 1514 O O   . HOH G 3 .   ? 11.594  -5.591  -4.528  1.00 23.21  ? 201 HOH A O   1 
HETATM 1515 O O   . HOH G 3 .   ? 5.565   -2.721  -3.281  1.00 21.87  ? 202 HOH A O   1 
HETATM 1516 O O   . HOH G 3 .   ? -6.631  0.021   -8.106  1.00 17.08  ? 203 HOH A O   1 
HETATM 1517 O O   . HOH G 3 .   ? 8.547   -4.105  -7.318  1.00 38.40  ? 204 HOH A O   1 
HETATM 1518 O O   . HOH G 3 .   ? 2.524   -3.107  -4.827  1.00 24.00  ? 205 HOH A O   1 
HETATM 1519 O O   . HOH G 3 .   ? -8.572  -1.083  -12.651 1.00 27.38  ? 206 HOH A O   1 
HETATM 1520 O O   . HOH G 3 .   ? 4.779   -9.598  -4.729  1.00 49.93  ? 207 HOH A O   1 
HETATM 1521 O O   . HOH G 3 .   ? 2.653   -6.726  -6.218  1.00 25.47  ? 208 HOH A O   1 
HETATM 1522 O O   . HOH G 3 .   ? 1.749   8.836   -10.934 1.00 22.37  ? 209 HOH A O   1 
HETATM 1523 O O   . HOH G 3 .   ? -0.453  6.403   12.494  1.00 25.77  ? 210 HOH A O   1 
HETATM 1524 O O   . HOH G 3 .   ? 2.093   -5.653  -3.765  1.00 17.16  ? 211 HOH A O   1 
HETATM 1525 O O   . HOH G 3 .   ? -1.964  -2.279  -9.230  1.00 16.32  ? 212 HOH A O   1 
HETATM 1526 O O   . HOH G 3 .   ? -4.441  -5.338  -10.318 1.00 40.70  ? 213 HOH A O   1 
HETATM 1527 O O   . HOH G 3 .   ? -5.183  -2.975  -10.923 1.00 38.55  ? 214 HOH A O   1 
HETATM 1528 O O   . HOH G 3 .   ? -7.319  -1.975  -9.973  1.00 33.31  ? 215 HOH A O   1 
HETATM 1529 O O   . HOH G 3 .   ? -9.716  -2.519  -8.776  1.00 19.87  ? 216 HOH A O   1 
HETATM 1530 O O   . HOH G 3 .   ? 2.057   -8.902  -8.269  1.00 46.07  ? 217 HOH A O   1 
HETATM 1531 O O   . HOH G 3 .   ? 2.404   -4.137  -8.073  1.00 29.86  ? 218 HOH A O   1 
HETATM 1532 O O   . HOH G 3 .   ? -13.475 -7.368  -2.382  1.00 22.29  ? 219 HOH A O   1 
HETATM 1533 O O   . HOH G 3 .   ? 11.240  3.392   -9.436  1.00 36.87  ? 220 HOH A O   1 
HETATM 1534 O O   . HOH G 3 .   ? -4.302  -10.096 2.878   1.00 18.17  ? 221 HOH A O   1 
HETATM 1535 O O   . HOH G 3 .   ? 6.039   5.586   15.295  1.00 20.59  ? 222 HOH A O   1 
HETATM 1536 O O   . HOH G 3 .   ? -10.992 -14.937 6.536   1.00 11.10  ? 223 HOH A O   1 
HETATM 1537 O O   . HOH G 3 .   ? -5.869  -7.284  0.928   1.00 12.64  ? 224 HOH A O   1 
HETATM 1538 O O   . HOH G 3 .   ? -9.514  7.899   9.043   1.00 18.13  ? 225 HOH A O   1 
HETATM 1539 O O   . HOH G 3 .   ? -11.155 9.773   7.847   1.00 39.04  ? 226 HOH A O   1 
HETATM 1540 O O   . HOH G 3 .   ? 2.534   -23.531 -11.990 1.00 19.22  ? 227 HOH A O   1 
HETATM 1541 O O   . HOH G 3 .   ? -9.646  14.365  5.846   1.00 19.49  ? 228 HOH A O   1 
HETATM 1542 O O   . HOH G 3 .   ? 6.319   2.763   15.575  1.00 23.02  ? 229 HOH A O   1 
HETATM 1543 O O   . HOH G 3 .   ? -11.615 8.102   3.184   1.00 38.11  ? 230 HOH A O   1 
HETATM 1544 O O   . HOH G 3 .   ? 9.935   -6.786  -1.987  1.00 45.46  ? 231 HOH A O   1 
HETATM 1545 O O   . HOH G 3 .   ? -16.322 -1.151  -13.364 1.00 22.57  ? 232 HOH A O   1 
HETATM 1546 O O   . HOH G 3 .   ? -2.059  4.764   14.086  1.00 15.26  ? 233 HOH A O   1 
HETATM 1547 O O   . HOH G 3 .   ? -11.352 3.718   -13.292 1.00 30.01  ? 234 HOH A O   1 
HETATM 1548 O O   . HOH G 3 .   ? 15.689  9.033   5.139   1.00 19.28  ? 235 HOH A O   1 
HETATM 1549 O O   . HOH G 3 .   ? 13.018  8.979   0.434   1.00 30.05  ? 236 HOH A O   1 
HETATM 1550 O O   . HOH G 3 .   ? 5.098   -7.115  6.653   1.00 21.98  ? 237 HOH A O   1 
HETATM 1551 O O   . HOH G 3 .   ? -12.135 -9.067  -0.614  1.00 17.90  ? 238 HOH A O   1 
HETATM 1552 O O   . HOH G 3 .   ? -12.657 19.694  1.964   1.00 31.27  ? 239 HOH A O   1 
HETATM 1553 O O   . HOH G 3 .   ? 8.017   14.312  1.633   1.00 17.57  ? 240 HOH A O   1 
HETATM 1554 O O   . HOH G 3 .   ? -8.668  0.506   -6.274  1.00 19.73  ? 241 HOH A O   1 
HETATM 1555 O O   . HOH G 3 .   ? -2.678  4.241   -12.355 1.00 21.68  ? 242 HOH A O   1 
HETATM 1556 O O   . HOH G 3 .   ? 5.032   10.303  -7.530  1.00 19.44  ? 243 HOH A O   1 
HETATM 1557 O O   . HOH G 3 .   ? 20.805  -4.787  3.077   1.00 18.45  ? 244 HOH A O   1 
HETATM 1558 O O   . HOH G 3 .   ? 13.843  10.000  2.793   1.00 22.36  ? 245 HOH A O   1 
HETATM 1559 O O   . HOH G 3 .   ? 11.574  -2.398  -10.183 1.00 40.24  ? 246 HOH A O   1 
HETATM 1560 O O   . HOH G 3 .   ? 20.612  -16.095 2.092   1.00 10.08  ? 247 HOH A O   1 
HETATM 1561 O O   . HOH G 3 .   ? -13.598 -9.976  1.330   1.00 20.93  ? 248 HOH A O   1 
HETATM 1562 O O   . HOH G 3 .   ? -6.532  -1.267  15.857  1.00 34.32  ? 249 HOH A O   1 
HETATM 1563 O O   . HOH G 3 .   ? 4.075   17.208  -6.895  1.00 36.21  ? 250 HOH A O   1 
HETATM 1564 O O   . HOH G 3 .   ? -11.120 -12.101 -0.614  1.00 15.69  ? 251 HOH A O   1 
HETATM 1565 O O   . HOH G 3 .   ? 6.267   22.230  4.200   1.00 28.02  ? 252 HOH A O   1 
HETATM 1566 O O   . HOH G 3 .   ? 15.609  9.994   9.545   1.00 38.58  ? 253 HOH A O   1 
HETATM 1567 O O   . HOH G 3 .   ? -3.558  -22.382 -9.318  1.00 22.89  ? 254 HOH A O   1 
HETATM 1568 O O   . HOH G 3 .   ? 14.955  5.169   -6.105  1.00 36.50  ? 255 HOH A O   1 
HETATM 1569 O O   . HOH G 3 .   ? 4.401   -23.912 -8.503  1.00 27.33  ? 256 HOH A O   1 
HETATM 1570 O O   . HOH G 3 .   ? -13.361 11.000  1.452   1.00 22.91  ? 257 HOH A O   1 
HETATM 1571 O O   . HOH G 3 .   ? 4.561   13.678  8.222   1.00 20.64  ? 258 HOH A O   1 
HETATM 1572 O O   . HOH G 3 .   ? 18.545  2.868   3.512   1.00 27.83  ? 259 HOH A O   1 
HETATM 1573 O O   . HOH G 3 .   ? -5.260  4.449   -13.423 1.00 20.01  ? 260 HOH A O   1 
HETATM 1574 O O   . HOH G 3 .   ? -1.734  -10.502 9.922   1.00 15.64  ? 261 HOH A O   1 
HETATM 1575 O O   . HOH G 3 .   ? 2.786   -0.026  13.978  1.00 32.94  ? 262 HOH A O   1 
HETATM 1576 O O   . HOH G 3 .   ? -1.575  6.386   -13.421 1.00 27.27  ? 263 HOH A O   1 
HETATM 1577 O O   . HOH G 3 .   ? 5.142   15.093  -1.506  1.00 20.07  ? 264 HOH A O   1 
HETATM 1578 O O   . HOH G 3 .   ? -8.538  16.036  8.808   1.00 24.01  ? 265 HOH A O   1 
HETATM 1579 O O   . HOH G 3 .   ? 4.038   18.313  4.456   1.00 15.66  ? 266 HOH A O   1 
HETATM 1580 O O   . HOH G 3 .   ? 10.822  -9.746  2.974   1.00 21.97  ? 267 HOH A O   1 
HETATM 1581 O O   . HOH G 3 .   ? 3.674   12.821  -7.878  1.00 24.01  ? 268 HOH A O   1 
HETATM 1582 O O   . HOH G 3 .   ? -5.239  -7.622  13.841  1.00 19.54  ? 269 HOH A O   1 
HETATM 1583 O O   . HOH G 3 .   ? -5.235  -13.655 9.132   1.00 27.67  ? 270 HOH A O   1 
HETATM 1584 O O   . HOH G 3 .   ? 7.129   11.221  11.043  1.00 31.98  ? 271 HOH A O   1 
HETATM 1585 O O   . HOH G 3 .   ? 15.155  12.083  1.677   1.00 32.61  ? 272 HOH A O   1 
HETATM 1586 O O   . HOH G 3 .   ? 19.056  2.712   -8.662  1.00 25.86  ? 273 HOH A O   1 
HETATM 1587 O O   . HOH G 3 .   ? -10.756 7.855   -11.634 1.00 42.81  ? 274 HOH A O   1 
HETATM 1588 O O   . HOH G 3 .   ? -4.352  10.473  11.339  1.00 18.16  ? 275 HOH A O   1 
HETATM 1589 O O   . HOH G 3 .   ? 11.424  -4.856  10.757  1.00 23.85  ? 276 HOH A O   1 
HETATM 1590 O O   . HOH G 3 .   ? 2.734   15.635  7.368   1.00 26.13  ? 277 HOH A O   1 
HETATM 1591 O O   . HOH G 3 .   ? -7.825  25.828  6.133   1.00 36.04  ? 278 HOH A O   1 
HETATM 1592 O O   . HOH G 3 .   ? -12.945 17.186  0.511   1.00 22.01  ? 279 HOH A O   1 
HETATM 1593 O O   . HOH G 3 .   ? -1.665  0.847   17.097  1.00 32.23  ? 280 HOH A O   1 
HETATM 1594 O O   . HOH G 3 .   ? -1.604  -22.603 -11.160 1.00 15.92  ? 281 HOH A O   1 
HETATM 1595 O O   . HOH G 3 .   ? 8.161   -7.196  10.007  1.00 24.25  ? 282 HOH A O   1 
HETATM 1596 O O   . HOH G 3 .   ? -14.192 21.906  7.364   1.00 47.08  ? 283 HOH A O   1 
HETATM 1597 O O   . HOH G 3 .   ? 4.581   -9.416  -9.741  1.00 30.37  ? 284 HOH A O   1 
HETATM 1598 O O   . HOH G 3 .   ? -4.163  13.142  10.872  1.00 21.41  ? 285 HOH A O   1 
HETATM 1599 O O   . HOH G 3 .   ? 15.405  6.939   -1.917  1.00 38.54  ? 286 HOH A O   1 
HETATM 1600 O O   . HOH G 3 .   ? 12.100  -2.295  10.455  1.00 37.50  ? 287 HOH A O   1 
HETATM 1601 O O   . HOH G 3 .   ? -17.080 8.462   -6.408  1.00 39.16  ? 288 HOH A O   1 
HETATM 1602 O O   . HOH G 3 .   ? 18.318  -7.740  7.505   1.00 40.48  ? 289 HOH A O   1 
HETATM 1603 O O   . HOH G 3 .   ? -12.143 2.251   10.619  1.00 29.13  ? 290 HOH A O   1 
HETATM 1604 O O   . HOH G 3 .   ? 21.492  1.780   -6.513  1.00 27.90  ? 291 HOH A O   1 
HETATM 1605 O O   . HOH G 3 .   ? 7.845   13.786  -0.896  1.00 26.65  ? 292 HOH A O   1 
HETATM 1606 O O   . HOH G 3 .   ? -0.437  15.455  -12.781 1.00 27.51  ? 293 HOH A O   1 
HETATM 1607 O O   . HOH G 3 .   ? -9.595  5.498   -12.603 1.00 41.32  ? 294 HOH A O   1 
HETATM 1608 O O   . HOH G 3 .   ? 0.913   -10.296 9.208   1.00 18.46  ? 295 HOH A O   1 
HETATM 1609 O O   . HOH G 3 .   ? 10.657  -1.088  11.946  1.00 37.67  ? 296 HOH A O   1 
HETATM 1610 O O   . HOH G 3 .   ? 6.666   -0.239  13.471  1.00 41.43  ? 297 HOH A O   1 
HETATM 1611 O O   . HOH G 3 .   ? -6.365  19.393  12.538  1.00 24.41  ? 298 HOH A O   1 
HETATM 1612 O O   . HOH G 3 .   ? -3.643  -0.759  16.863  1.00 35.46  ? 299 HOH A O   1 
HETATM 1613 O O   . HOH G 3 .   ? 7.914   19.939  5.514   1.00 44.42  ? 300 HOH A O   1 
HETATM 1614 O O   . HOH G 3 .   ? -1.223  -9.322  12.340  1.00 29.97  ? 301 HOH A O   1 
HETATM 1615 O O   . HOH G 3 .   ? 5.803   -19.120 -12.924 1.00 48.70  ? 302 HOH A O   1 
HETATM 1616 O O   . HOH G 3 .   ? -6.625  14.575  12.401  1.00 31.83  ? 303 HOH A O   1 
HETATM 1617 O O   . HOH G 3 .   ? -12.197 -11.807 -12.855 1.00 33.62  ? 304 HOH A O   1 
HETATM 1618 O O   . HOH G 3 .   ? 8.905   -4.957  12.787  1.00 42.97  ? 305 HOH A O   1 
HETATM 1619 O O   . HOH G 3 .   ? -6.217  -8.382  3.806   1.00 15.66  ? 306 HOH A O   1 
HETATM 1620 O O   . HOH G 3 .   ? 0.012   0.096   -12.558 1.00 41.18  ? 307 HOH A O   1 
HETATM 1621 O O   . HOH G 3 .   ? 18.328  -4.547  -7.059  1.00 19.55  ? 308 HOH A O   1 
HETATM 1622 O O   . HOH G 3 .   ? -7.174  9.422   9.232   1.00 18.74  ? 309 HOH A O   1 
HETATM 1623 O O   . HOH G 3 .   ? 1.593   15.413  10.488  1.00 33.88  ? 310 HOH A O   1 
HETATM 1624 O O   . HOH G 3 .   ? -0.719  29.405  -4.986  1.00 16.18  ? 311 HOH A O   1 
HETATM 1625 O O   . HOH G 3 .   ? -15.251 -1.935  2.628   1.00 50.96  ? 312 HOH A O   1 
HETATM 1626 O O   . HOH G 3 .   ? 5.429   -9.713  8.780   1.00 30.20  ? 313 HOH A O   1 
HETATM 1627 O O   . HOH G 3 .   ? 4.552   -8.455  3.805   1.00 33.38  ? 314 HOH A O   1 
HETATM 1628 O O   . HOH G 3 .   ? 4.599   11.642  10.013  1.00 40.45  ? 315 HOH A O   1 
HETATM 1629 O O   . HOH G 3 .   ? -5.968  26.036  4.039   1.00 49.43  ? 316 HOH A O   1 
HETATM 1630 O O   . HOH G 3 .   ? 17.475  12.227  2.976   1.00 40.61  ? 317 HOH A O   1 
HETATM 1631 O O   . HOH G 3 .   ? 8.411   -7.874  3.209   1.00 29.43  ? 318 HOH A O   1 
HETATM 1632 O O   . HOH G 3 .   ? -12.739 6.376   11.230  1.00 24.13  ? 319 HOH A O   1 
HETATM 1633 O O   . HOH G 3 .   ? 17.133  8.361   1.556   1.00 33.49  ? 320 HOH A O   1 
HETATM 1634 O O   . HOH G 3 .   ? 7.147   -9.773  6.499   1.00 35.68  ? 321 HOH A O   1 
HETATM 1635 O O   . HOH G 3 .   ? -8.090  12.291  9.419   1.00 28.06  ? 322 HOH A O   1 
HETATM 1636 O O   . HOH G 3 .   ? -6.503  24.161  2.085   1.00 20.04  ? 323 HOH A O   1 
HETATM 1637 O O   . HOH G 3 .   ? 19.472  7.132   -3.655  1.00 40.46  ? 324 HOH A O   1 
HETATM 1638 O O   . HOH G 3 .   ? -18.949 3.482   -13.817 1.00 33.48  ? 325 HOH A O   1 
HETATM 1639 O O   . HOH G 3 .   ? -14.138 -13.407 -2.295  1.00 18.64  ? 326 HOH A O   1 
HETATM 1640 O O   . HOH G 3 .   ? -14.637 -14.438 -4.836  1.00 23.23  ? 327 HOH A O   1 
HETATM 1641 O O   . HOH G 3 .   ? -13.181 -15.019 -0.446  1.00 20.93  ? 328 HOH A O   1 
HETATM 1642 O O   . HOH G 3 .   ? 10.064  5.041   15.295  1.00 30.82  ? 329 HOH A O   1 
HETATM 1643 O O   . HOH G 3 .   ? -13.004 10.967  6.055   1.00 46.26  ? 330 HOH A O   1 
HETATM 1644 O O   . HOH G 3 .   ? -12.793 13.369  4.677   1.00 40.81  ? 331 HOH A O   1 
HETATM 1645 O O   . HOH G 3 .   ? -3.352  9.116   -13.655 1.00 33.23  ? 332 HOH A O   1 
HETATM 1646 O O   . HOH G 3 .   ? 11.898  8.937   -2.925  1.00 41.66  ? 333 HOH A O   1 
HETATM 1647 O O   . HOH G 3 .   ? 8.261   2.970   -8.683  1.00 27.89  ? 334 HOH A O   1 
HETATM 1648 O O   . HOH G 3 .   ? 3.763   8.218   -9.500  1.00 32.69  ? 335 HOH A O   1 
HETATM 1649 O O   . HOH G 3 .   ? 2.595   -12.093 0.210   1.00 34.92  ? 336 HOH A O   1 
HETATM 1650 O O   . HOH G 3 .   ? 5.407   -17.296 -10.574 1.00 37.23  ? 337 HOH A O   1 
HETATM 1651 O O   . HOH G 3 .   ? -1.539  28.016  -7.164  1.00 35.60  ? 338 HOH A O   1 
HETATM 1652 O O   . HOH G 3 .   ? 0.810   -7.648  13.004  1.00 30.04  ? 339 HOH A O   1 
HETATM 1653 O O   . HOH G 3 .   ? -13.828 1.991   7.448   1.00 32.92  ? 340 HOH A O   1 
HETATM 1654 O O   . HOH G 3 .   ? -10.579 -0.590  10.604  1.00 19.80  ? 341 HOH A O   1 
HETATM 1655 O O   . HOH G 3 .   ? -3.432  2.077   19.004  1.00 36.02  ? 342 HOH A O   1 
HETATM 1656 O O   . HOH G 3 .   ? -17.106 -5.259  -1.811  1.00 31.11  ? 343 HOH A O   1 
HETATM 1657 O O   . HOH G 3 .   ? -16.895 9.012   5.591   1.00 68.19  ? 344 HOH A O   1 
HETATM 1658 O O   . HOH G 3 .   ? 10.900  15.925  11.926  1.00 28.37  ? 345 HOH A O   1 
HETATM 1659 O O   . HOH G 3 .   ? 3.570   -11.922 -4.678  1.00 41.01  ? 346 HOH A O   1 
HETATM 1660 O O   . HOH G 3 .   ? -1.257  2.205   -13.668 1.00 32.35  ? 347 HOH A O   1 
HETATM 1661 O O   . HOH G 3 .   ? 1.242   12.249  -13.768 1.00 29.80  ? 348 HOH A O   1 
HETATM 1662 O O   . HOH G 3 .   ? 22.484  -3.962  -1.159  1.00 29.28  ? 349 HOH A O   1 
HETATM 1663 O O   . HOH G 3 .   ? 16.283  -8.796  5.383   1.00 36.38  ? 350 HOH A O   1 
HETATM 1664 O O   . HOH G 3 .   ? 14.411  -7.027  7.556   1.00 21.85  ? 351 HOH A O   1 
HETATM 1665 O O   . HOH G 3 .   ? 10.326  -12.037 4.362   1.00 29.99  ? 352 HOH A O   1 
HETATM 1666 O O   . HOH G 3 .   ? 6.350   -12.522 3.790   1.00 43.09  ? 353 HOH A O   1 
HETATM 1667 O O   . HOH G 3 .   ? -1.319  4.526   18.177  1.00 28.85  ? 354 HOH A O   1 
HETATM 1668 O O   . HOH G 3 .   ? -15.087 -11.105 -1.228  1.00 27.39  ? 355 HOH A O   1 
HETATM 1669 O O   . HOH G 3 .   ? -0.167  -17.618 -14.151 1.00 32.18  ? 356 HOH A O   1 
HETATM 1670 O O   . HOH G 3 .   ? 4.239   -24.883 -11.051 1.00 24.46  ? 357 HOH A O   1 
HETATM 1671 O O   . HOH G 3 .   ? -4.567  -23.451 -4.200  1.00 32.45  ? 358 HOH A O   1 
HETATM 1672 O O   . HOH G 3 .   ? -13.550 27.081  4.940   1.00 57.77  ? 359 HOH A O   1 
HETATM 1673 O O   . HOH G 3 .   ? -3.459  -9.584  14.221  1.00 25.76  ? 360 HOH A O   1 
HETATM 1674 O O   . HOH G 3 .   ? -18.576 -0.992  -3.502  1.00 36.58  ? 361 HOH A O   1 
HETATM 1675 O O   . HOH G 3 .   ? -16.119 -11.812 -7.566  1.00 36.60  ? 362 HOH A O   1 
HETATM 1676 O O   . HOH G 3 .   ? -12.472 -5.137  -15.922 1.00 42.53  ? 363 HOH A O   1 
HETATM 1677 O O   . HOH G 3 .   ? -16.230 9.401   -1.258  1.00 40.01  ? 364 HOH A O   1 
HETATM 1678 O O   . HOH G 3 .   ? -12.290 7.991   5.619   1.00 47.61  ? 365 HOH A O   1 
HETATM 1679 O O   . HOH G 3 .   ? 20.662  2.731   0.665   1.00 54.90  ? 366 HOH A O   1 
HETATM 1680 O O   . HOH G 3 .   ? 13.253  15.071  6.872   1.00 38.54  ? 367 HOH A O   1 
HETATM 1681 O O   . HOH G 3 .   ? 7.417   14.216  11.448  1.00 43.01  ? 368 HOH A O   1 
HETATM 1682 O O   . HOH G 3 .   ? 3.169   17.093  -2.971  1.00 44.18  ? 369 HOH A O   1 
HETATM 1683 O O   . HOH G 3 .   ? -9.225  6.899   -15.168 1.00 41.12  ? 370 HOH A O   1 
HETATM 1684 O O   . HOH G 3 .   ? 3.769   -14.461 2.420   1.00 28.03  ? 371 HOH A O   1 
HETATM 1685 O O   . HOH G 3 .   ? -3.365  -16.410 8.832   1.00 27.68  ? 372 HOH A O   1 
HETATM 1686 O O   . HOH G 3 .   ? -13.879 -4.203  1.271   1.00 32.02  ? 373 HOH A O   1 
HETATM 1687 O O   . HOH G 3 .   ? 19.939  4.419   -1.440  1.00 42.76  ? 374 HOH A O   1 
HETATM 1688 O O   . HOH G 3 .   ? 8.841   2.810   15.122  1.00 54.39  ? 375 HOH A O   1 
HETATM 1689 O O   . HOH G 3 .   ? -10.277 -10.293 9.526   1.00 37.37  ? 376 HOH A O   1 
# 
loop_
_pdbx_poly_seq_scheme.asym_id 
_pdbx_poly_seq_scheme.entity_id 
_pdbx_poly_seq_scheme.seq_id 
_pdbx_poly_seq_scheme.mon_id 
_pdbx_poly_seq_scheme.ndb_seq_num 
_pdbx_poly_seq_scheme.pdb_seq_num 
_pdbx_poly_seq_scheme.auth_seq_num 
_pdbx_poly_seq_scheme.pdb_mon_id 
_pdbx_poly_seq_scheme.auth_mon_id 
_pdbx_poly_seq_scheme.pdb_strand_id 
_pdbx_poly_seq_scheme.pdb_ins_code 
_pdbx_poly_seq_scheme.hetero 
A 1 1   GLY 1   -7  ?   ?   ?   A . n 
A 1 2   PRO 2   -6  ?   ?   ?   A . n 
A 1 3   LEU 3   -5  ?   ?   ?   A . n 
A 1 4   GLY 4   -4  ?   ?   ?   A . n 
A 1 5   SER 5   -3  ?   ?   ?   A . n 
A 1 6   PRO 6   -2  -2  PRO PRO A . n 
A 1 7   GLU 7   -1  -1  GLU GLU A . n 
A 1 8   PHE 8   0   0   PHE PHE A . n 
A 1 9   MET 9   1   1   MET MET A . n 
A 1 10  LEU 10  2   2   LEU LEU A . n 
A 1 11  LEU 11  3   3   LEU LEU A . n 
A 1 12  PRO 12  4   4   PRO PRO A . n 
A 1 13  ASN 13  5   5   ASN ASN A . n 
A 1 14  ILE 14  6   6   ILE ILE A . n 
A 1 15  LEU 15  7   7   LEU LEU A . n 
A 1 16  LEU 16  8   8   LEU LEU A . n 
A 1 17  THR 17  9   9   THR THR A . n 
A 1 18  GLY 18  10  10  GLY GLY A . n 
A 1 19  THR 19  11  11  THR THR A . n 
A 1 20  PRO 20  12  12  PRO PRO A . n 
A 1 21  GLY 21  13  13  GLY GLY A . n 
A 1 22  VAL 22  14  14  VAL VAL A . n 
A 1 23  GLY 23  15  15  GLY GLY A . n 
A 1 24  LYS 24  16  16  LYS LYS A . n 
A 1 25  THR 25  17  17  THR THR A . n 
A 1 26  THR 26  18  18  THR THR A . n 
A 1 27  LEU 27  19  19  LEU LEU A . n 
A 1 28  GLY 28  20  20  GLY GLY A . n 
A 1 29  LYS 29  21  21  LYS LYS A . n 
A 1 30  GLU 30  22  22  GLU GLU A . n 
A 1 31  LEU 31  23  23  LEU LEU A . n 
A 1 32  ALA 32  24  24  ALA ALA A . n 
A 1 33  SER 33  25  25  SER SER A . n 
A 1 34  LYS 34  26  26  LYS LYS A . n 
A 1 35  SER 35  27  27  SER SER A . n 
A 1 36  GLY 36  28  28  GLY GLY A . n 
A 1 37  LEU 37  29  29  LEU LEU A . n 
A 1 38  LYS 38  30  30  LYS LYS A . n 
A 1 39  TYR 39  31  31  TYR TYR A . n 
A 1 40  ILE 40  32  32  ILE ILE A . n 
A 1 41  ASN 41  33  33  ASN ASN A . n 
A 1 42  VAL 42  34  34  VAL VAL A . n 
A 1 43  GLY 43  35  35  GLY GLY A . n 
A 1 44  ASP 44  36  36  ASP ASP A . n 
A 1 45  LEU 45  37  37  LEU LEU A . n 
A 1 46  ALA 46  38  38  ALA ALA A . n 
A 1 47  ARG 47  39  39  ARG ARG A . n 
A 1 48  GLU 48  40  40  GLU GLU A . n 
A 1 49  GLU 49  41  41  GLU GLU A . n 
A 1 50  GLN 50  42  42  GLN GLN A . n 
A 1 51  LEU 51  43  43  LEU LEU A . n 
A 1 52  TYR 52  44  44  TYR TYR A . n 
A 1 53  ASP 53  45  45  ASP ASP A . n 
A 1 54  GLY 54  46  46  GLY GLY A . n 
A 1 55  TYR 55  47  47  TYR TYR A . n 
A 1 56  ASP 56  48  48  ASP ASP A . n 
A 1 57  GLU 57  49  49  GLU GLU A . n 
A 1 58  GLU 58  50  50  GLU GLU A . n 
A 1 59  TYR 59  51  51  TYR TYR A . n 
A 1 60  ASP 60  52  52  ASP ASP A . n 
A 1 61  CYS 61  53  53  CYS CYS A . n 
A 1 62  PRO 62  54  54  PRO PRO A . n 
A 1 63  ILE 63  55  55  ILE ILE A . n 
A 1 64  LEU 64  56  56  LEU LEU A . n 
A 1 65  ASP 65  57  57  ASP ASP A . n 
A 1 66  GLU 66  58  58  GLU GLU A . n 
A 1 67  ASP 67  59  59  ASP ASP A . n 
A 1 68  ARG 68  60  60  ARG ARG A . n 
A 1 69  VAL 69  61  61  VAL VAL A . n 
A 1 70  VAL 70  62  62  VAL VAL A . n 
A 1 71  ASP 71  63  63  ASP ASP A . n 
A 1 72  GLU 72  64  64  GLU GLU A . n 
A 1 73  LEU 73  65  65  LEU LEU A . n 
A 1 74  ASP 74  66  66  ASP ASP A . n 
A 1 75  ASN 75  67  67  ASN ASN A . n 
A 1 76  GLN 76  68  68  GLN GLN A . n 
A 1 77  MET 77  69  69  MET MET A . n 
A 1 78  ARG 78  70  70  ARG ARG A . n 
A 1 79  GLU 79  71  71  GLU GLU A . n 
A 1 80  GLY 80  72  72  GLY GLY A . n 
A 1 81  GLY 81  73  73  GLY GLY A . n 
A 1 82  VAL 82  74  74  VAL VAL A . n 
A 1 83  ILE 83  75  75  ILE ILE A . n 
A 1 84  VAL 84  76  76  VAL VAL A . n 
A 1 85  ASP 85  77  77  ASP ASP A . n 
A 1 86  TYR 86  78  78  TYR TYR A . n 
A 1 87  HIS 87  79  79  HIS HIS A . n 
A 1 88  GLY 88  80  80  GLY GLY A . n 
A 1 89  CYS 89  81  81  CYS CYS A . n 
A 1 90  ASP 90  82  82  ASP ASP A . n 
A 1 91  PHE 91  83  83  PHE PHE A . n 
A 1 92  PHE 92  84  84  PHE PHE A . n 
A 1 93  PRO 93  85  85  PRO PRO A . n 
A 1 94  GLU 94  86  86  GLU GLU A . n 
A 1 95  ARG 95  87  87  ARG ARG A . n 
A 1 96  TRP 96  88  88  TRP TRP A . n 
A 1 97  PHE 97  89  89  PHE PHE A . n 
A 1 98  HIS 98  90  90  HIS HIS A . n 
A 1 99  ILE 99  91  91  ILE ILE A . n 
A 1 100 VAL 100 92  92  VAL VAL A . n 
A 1 101 PHE 101 93  93  PHE PHE A . n 
A 1 102 VAL 102 94  94  VAL VAL A . n 
A 1 103 LEU 103 95  95  LEU LEU A . n 
A 1 104 ARG 104 96  96  ARG ARG A . n 
A 1 105 THR 105 97  97  THR THR A . n 
A 1 106 ASP 106 98  98  ASP ASP A . n 
A 1 107 THR 107 99  99  THR THR A . n 
A 1 108 ASN 108 100 100 ASN ASN A . n 
A 1 109 VAL 109 101 101 VAL VAL A . n 
A 1 110 LEU 110 102 102 LEU LEU A . n 
A 1 111 TYR 111 103 103 TYR TYR A . n 
A 1 112 GLU 112 104 104 GLU GLU A . n 
A 1 113 ARG 113 105 105 ARG ARG A . n 
A 1 114 LEU 114 106 106 LEU LEU A . n 
A 1 115 GLU 115 107 107 GLU GLU A . n 
A 1 116 THR 116 108 108 THR THR A . n 
A 1 117 ARG 117 109 109 ARG ARG A . n 
A 1 118 GLY 118 110 110 GLY GLY A . n 
A 1 119 TYR 119 111 111 TYR TYR A . n 
A 1 120 ASN 120 112 112 ASN ASN A . n 
A 1 121 GLU 121 113 113 GLU GLU A . n 
A 1 122 LYS 122 114 114 LYS LYS A . n 
A 1 123 LYS 123 115 115 LYS LYS A . n 
A 1 124 LEU 124 116 116 LEU LEU A . n 
A 1 125 THR 125 117 117 THR THR A . n 
A 1 126 ASP 126 118 118 ASP ASP A . n 
A 1 127 ASN 127 119 119 ASN ASN A . n 
A 1 128 ILE 128 120 120 ILE ILE A . n 
A 1 129 GLN 129 121 121 GLN GLN A . n 
A 1 130 CYS 130 122 122 CYS CYS A . n 
A 1 131 GLU 131 123 123 GLU GLU A . n 
A 1 132 ILE 132 124 124 ILE ILE A . n 
A 1 133 PHE 133 125 125 PHE PHE A . n 
A 1 134 GLN 134 126 126 GLN GLN A . n 
A 1 135 VAL 135 127 127 VAL VAL A . n 
A 1 136 LEU 136 128 128 LEU LEU A . n 
A 1 137 TYR 137 129 129 TYR TYR A . n 
A 1 138 GLU 138 130 130 GLU GLU A . n 
A 1 139 GLU 139 131 131 GLU GLU A . n 
A 1 140 ALA 140 132 132 ALA ALA A . n 
A 1 141 THR 141 133 133 THR THR A . n 
A 1 142 ALA 142 134 134 ALA ALA A . n 
A 1 143 SER 143 135 135 SER SER A . n 
A 1 144 TYR 144 136 136 TYR TYR A . n 
A 1 145 LYS 145 137 137 LYS LYS A . n 
A 1 146 GLU 146 138 138 GLU GLU A . n 
A 1 147 GLU 147 139 139 GLU GLU A . n 
A 1 148 ILE 148 140 140 ILE ILE A . n 
A 1 149 VAL 149 141 141 VAL VAL A . n 
A 1 150 HIS 150 142 142 HIS HIS A . n 
A 1 151 GLN 151 143 143 GLN GLN A . n 
A 1 152 LEU 152 144 144 LEU LEU A . n 
A 1 153 PRO 153 145 145 PRO PRO A . n 
A 1 154 SER 154 146 146 SER SER A . n 
A 1 155 ASN 155 147 147 ASN ASN A . n 
A 1 156 LYS 156 148 148 LYS LYS A . n 
A 1 157 PRO 157 149 149 PRO PRO A . n 
A 1 158 GLU 158 150 150 GLU GLU A . n 
A 1 159 GLU 159 151 151 GLU GLU A . n 
A 1 160 LEU 160 152 152 LEU LEU A . n 
A 1 161 GLU 161 153 153 GLU GLU A . n 
A 1 162 ASN 162 154 154 ASN ASN A . n 
A 1 163 ASN 163 155 155 ASN ASN A . n 
A 1 164 VAL 164 156 156 VAL VAL A . n 
A 1 165 ASP 165 157 157 ASP ASP A . n 
A 1 166 GLN 166 158 158 GLN GLN A . n 
A 1 167 ILE 167 159 159 ILE ILE A . n 
A 1 168 LEU 168 160 160 LEU LEU A . n 
A 1 169 LYS 169 161 161 LYS LYS A . n 
A 1 170 TRP 170 162 162 TRP TRP A . n 
A 1 171 ILE 171 163 163 ILE ILE A . n 
A 1 172 GLU 172 164 164 GLU GLU A . n 
A 1 173 GLN 173 165 165 GLN GLN A . n 
A 1 174 TRP 174 166 166 TRP TRP A . n 
A 1 175 ILE 175 167 167 ILE ILE A . n 
A 1 176 LYS 176 168 168 LYS LYS A . n 
A 1 177 ASP 177 169 169 ASP ASP A . n 
A 1 178 HIS 178 170 170 HIS HIS A . n 
A 1 179 ASN 179 171 171 ASN ASN A . n 
A 1 180 SER 180 172 172 SER SER A . n 
# 
loop_
_pdbx_nonpoly_scheme.asym_id 
_pdbx_nonpoly_scheme.entity_id 
_pdbx_nonpoly_scheme.mon_id 
_pdbx_nonpoly_scheme.ndb_seq_num 
_pdbx_nonpoly_scheme.pdb_seq_num 
_pdbx_nonpoly_scheme.auth_seq_num 
_pdbx_nonpoly_scheme.pdb_mon_id 
_pdbx_nonpoly_scheme.auth_mon_id 
_pdbx_nonpoly_scheme.pdb_strand_id 
_pdbx_nonpoly_scheme.pdb_ins_code 
B 2 SO4 1   173 1   SO4 SO4 A . 
C 2 SO4 1   174 2   SO4 SO4 A . 
D 2 SO4 1   175 3   SO4 SO4 A . 
E 2 SO4 1   176 4   SO4 SO4 A . 
F 2 SO4 1   177 5   SO4 SO4 A . 
G 3 HOH 1   178 178 HOH HOH A . 
G 3 HOH 2   179 179 HOH HOH A . 
G 3 HOH 3   180 180 HOH HOH A . 
G 3 HOH 4   181 181 HOH HOH A . 
G 3 HOH 5   182 182 HOH HOH A . 
G 3 HOH 6   183 183 HOH HOH A . 
G 3 HOH 7   184 184 HOH HOH A . 
G 3 HOH 8   185 185 HOH HOH A . 
G 3 HOH 9   186 186 HOH HOH A . 
G 3 HOH 10  187 187 HOH HOH A . 
G 3 HOH 11  188 188 HOH HOH A . 
G 3 HOH 12  189 189 HOH HOH A . 
G 3 HOH 13  190 190 HOH HOH A . 
G 3 HOH 14  191 191 HOH HOH A . 
G 3 HOH 15  192 192 HOH HOH A . 
G 3 HOH 16  193 193 HOH HOH A . 
G 3 HOH 17  194 194 HOH HOH A . 
G 3 HOH 18  195 195 HOH HOH A . 
G 3 HOH 19  196 196 HOH HOH A . 
G 3 HOH 20  197 197 HOH HOH A . 
G 3 HOH 21  198 198 HOH HOH A . 
G 3 HOH 22  199 199 HOH HOH A . 
G 3 HOH 23  200 200 HOH HOH A . 
G 3 HOH 24  201 1   HOH HOH A . 
G 3 HOH 25  202 2   HOH HOH A . 
G 3 HOH 26  203 3   HOH HOH A . 
G 3 HOH 27  204 4   HOH HOH A . 
G 3 HOH 28  205 5   HOH HOH A . 
G 3 HOH 29  206 6   HOH HOH A . 
G 3 HOH 30  207 7   HOH HOH A . 
G 3 HOH 31  208 8   HOH HOH A . 
G 3 HOH 32  209 9   HOH HOH A . 
G 3 HOH 33  210 10  HOH HOH A . 
G 3 HOH 34  211 11  HOH HOH A . 
G 3 HOH 35  212 12  HOH HOH A . 
G 3 HOH 36  213 13  HOH HOH A . 
G 3 HOH 37  214 14  HOH HOH A . 
G 3 HOH 38  215 15  HOH HOH A . 
G 3 HOH 39  216 16  HOH HOH A . 
G 3 HOH 40  217 17  HOH HOH A . 
G 3 HOH 41  218 18  HOH HOH A . 
G 3 HOH 42  219 19  HOH HOH A . 
G 3 HOH 43  220 20  HOH HOH A . 
G 3 HOH 44  221 21  HOH HOH A . 
G 3 HOH 45  222 22  HOH HOH A . 
G 3 HOH 46  223 23  HOH HOH A . 
G 3 HOH 47  224 24  HOH HOH A . 
G 3 HOH 48  225 25  HOH HOH A . 
G 3 HOH 49  226 26  HOH HOH A . 
G 3 HOH 50  227 27  HOH HOH A . 
G 3 HOH 51  228 28  HOH HOH A . 
G 3 HOH 52  229 29  HOH HOH A . 
G 3 HOH 53  230 30  HOH HOH A . 
G 3 HOH 54  231 31  HOH HOH A . 
G 3 HOH 55  232 32  HOH HOH A . 
G 3 HOH 56  233 33  HOH HOH A . 
G 3 HOH 57  234 34  HOH HOH A . 
G 3 HOH 58  235 35  HOH HOH A . 
G 3 HOH 59  236 36  HOH HOH A . 
G 3 HOH 60  237 37  HOH HOH A . 
G 3 HOH 61  238 38  HOH HOH A . 
G 3 HOH 62  239 39  HOH HOH A . 
G 3 HOH 63  240 40  HOH HOH A . 
G 3 HOH 64  241 41  HOH HOH A . 
G 3 HOH 65  242 42  HOH HOH A . 
G 3 HOH 66  243 43  HOH HOH A . 
G 3 HOH 67  244 44  HOH HOH A . 
G 3 HOH 68  245 45  HOH HOH A . 
G 3 HOH 69  246 46  HOH HOH A . 
G 3 HOH 70  247 47  HOH HOH A . 
G 3 HOH 71  248 48  HOH HOH A . 
G 3 HOH 72  249 49  HOH HOH A . 
G 3 HOH 73  250 50  HOH HOH A . 
G 3 HOH 74  251 51  HOH HOH A . 
G 3 HOH 75  252 52  HOH HOH A . 
G 3 HOH 76  253 53  HOH HOH A . 
G 3 HOH 77  254 54  HOH HOH A . 
G 3 HOH 78  255 55  HOH HOH A . 
G 3 HOH 79  256 56  HOH HOH A . 
G 3 HOH 80  257 57  HOH HOH A . 
G 3 HOH 81  258 58  HOH HOH A . 
G 3 HOH 82  259 59  HOH HOH A . 
G 3 HOH 83  260 60  HOH HOH A . 
G 3 HOH 84  261 61  HOH HOH A . 
G 3 HOH 85  262 62  HOH HOH A . 
G 3 HOH 86  263 63  HOH HOH A . 
G 3 HOH 87  264 64  HOH HOH A . 
G 3 HOH 88  265 65  HOH HOH A . 
G 3 HOH 89  266 66  HOH HOH A . 
G 3 HOH 90  267 67  HOH HOH A . 
G 3 HOH 91  268 68  HOH HOH A . 
G 3 HOH 92  269 69  HOH HOH A . 
G 3 HOH 93  270 70  HOH HOH A . 
G 3 HOH 94  271 71  HOH HOH A . 
G 3 HOH 95  272 72  HOH HOH A . 
G 3 HOH 96  273 73  HOH HOH A . 
G 3 HOH 97  274 74  HOH HOH A . 
G 3 HOH 98  275 75  HOH HOH A . 
G 3 HOH 99  276 76  HOH HOH A . 
G 3 HOH 100 277 77  HOH HOH A . 
G 3 HOH 101 278 78  HOH HOH A . 
G 3 HOH 102 279 79  HOH HOH A . 
G 3 HOH 103 280 80  HOH HOH A . 
G 3 HOH 104 281 81  HOH HOH A . 
G 3 HOH 105 282 82  HOH HOH A . 
G 3 HOH 106 283 83  HOH HOH A . 
G 3 HOH 107 284 84  HOH HOH A . 
G 3 HOH 108 285 85  HOH HOH A . 
G 3 HOH 109 286 86  HOH HOH A . 
G 3 HOH 110 287 87  HOH HOH A . 
G 3 HOH 111 288 88  HOH HOH A . 
G 3 HOH 112 289 89  HOH HOH A . 
G 3 HOH 113 290 90  HOH HOH A . 
G 3 HOH 114 291 91  HOH HOH A . 
G 3 HOH 115 292 92  HOH HOH A . 
G 3 HOH 116 293 93  HOH HOH A . 
G 3 HOH 117 294 94  HOH HOH A . 
G 3 HOH 118 295 95  HOH HOH A . 
G 3 HOH 119 296 96  HOH HOH A . 
G 3 HOH 120 297 97  HOH HOH A . 
G 3 HOH 121 298 98  HOH HOH A . 
G 3 HOH 122 299 99  HOH HOH A . 
G 3 HOH 123 300 100 HOH HOH A . 
G 3 HOH 124 301 101 HOH HOH A . 
G 3 HOH 125 302 102 HOH HOH A . 
G 3 HOH 126 303 103 HOH HOH A . 
G 3 HOH 127 304 104 HOH HOH A . 
G 3 HOH 128 305 105 HOH HOH A . 
G 3 HOH 129 306 106 HOH HOH A . 
G 3 HOH 130 307 107 HOH HOH A . 
G 3 HOH 131 308 108 HOH HOH A . 
G 3 HOH 132 309 109 HOH HOH A . 
G 3 HOH 133 310 110 HOH HOH A . 
G 3 HOH 134 311 111 HOH HOH A . 
G 3 HOH 135 312 112 HOH HOH A . 
G 3 HOH 136 313 113 HOH HOH A . 
G 3 HOH 137 314 114 HOH HOH A . 
G 3 HOH 138 315 115 HOH HOH A . 
G 3 HOH 139 316 116 HOH HOH A . 
G 3 HOH 140 317 117 HOH HOH A . 
G 3 HOH 141 318 118 HOH HOH A . 
G 3 HOH 142 319 119 HOH HOH A . 
G 3 HOH 143 320 120 HOH HOH A . 
G 3 HOH 144 321 121 HOH HOH A . 
G 3 HOH 145 322 122 HOH HOH A . 
G 3 HOH 146 323 123 HOH HOH A . 
G 3 HOH 147 324 124 HOH HOH A . 
G 3 HOH 148 325 125 HOH HOH A . 
G 3 HOH 149 326 126 HOH HOH A . 
G 3 HOH 150 327 127 HOH HOH A . 
G 3 HOH 151 328 128 HOH HOH A . 
G 3 HOH 152 329 129 HOH HOH A . 
G 3 HOH 153 330 130 HOH HOH A . 
G 3 HOH 154 331 131 HOH HOH A . 
G 3 HOH 155 332 132 HOH HOH A . 
G 3 HOH 156 333 133 HOH HOH A . 
G 3 HOH 157 334 134 HOH HOH A . 
G 3 HOH 158 335 135 HOH HOH A . 
G 3 HOH 159 336 136 HOH HOH A . 
G 3 HOH 160 337 137 HOH HOH A . 
G 3 HOH 161 338 138 HOH HOH A . 
G 3 HOH 162 339 139 HOH HOH A . 
G 3 HOH 163 340 140 HOH HOH A . 
G 3 HOH 164 341 141 HOH HOH A . 
G 3 HOH 165 342 142 HOH HOH A . 
G 3 HOH 166 343 143 HOH HOH A . 
G 3 HOH 167 344 144 HOH HOH A . 
G 3 HOH 168 345 145 HOH HOH A . 
G 3 HOH 169 346 146 HOH HOH A . 
G 3 HOH 170 347 147 HOH HOH A . 
G 3 HOH 171 348 148 HOH HOH A . 
G 3 HOH 172 349 149 HOH HOH A . 
G 3 HOH 173 350 150 HOH HOH A . 
G 3 HOH 174 351 151 HOH HOH A . 
G 3 HOH 175 352 152 HOH HOH A . 
G 3 HOH 176 353 153 HOH HOH A . 
G 3 HOH 177 354 154 HOH HOH A . 
G 3 HOH 178 355 155 HOH HOH A . 
G 3 HOH 179 356 156 HOH HOH A . 
G 3 HOH 180 357 157 HOH HOH A . 
G 3 HOH 181 358 158 HOH HOH A . 
G 3 HOH 182 359 159 HOH HOH A . 
G 3 HOH 183 360 160 HOH HOH A . 
G 3 HOH 184 361 161 HOH HOH A . 
G 3 HOH 185 362 162 HOH HOH A . 
G 3 HOH 186 363 163 HOH HOH A . 
G 3 HOH 187 364 164 HOH HOH A . 
G 3 HOH 188 365 165 HOH HOH A . 
G 3 HOH 189 366 166 HOH HOH A . 
G 3 HOH 190 367 168 HOH HOH A . 
G 3 HOH 191 368 169 HOH HOH A . 
G 3 HOH 192 369 170 HOH HOH A . 
G 3 HOH 193 370 171 HOH HOH A . 
G 3 HOH 194 371 172 HOH HOH A . 
G 3 HOH 195 372 173 HOH HOH A . 
G 3 HOH 196 373 174 HOH HOH A . 
G 3 HOH 197 374 175 HOH HOH A . 
G 3 HOH 198 375 176 HOH HOH A . 
G 3 HOH 199 376 177 HOH HOH A . 
# 
_pdbx_struct_assembly.id                   1 
_pdbx_struct_assembly.details              author_and_software_defined_assembly 
_pdbx_struct_assembly.method_details       PISA 
_pdbx_struct_assembly.oligomeric_details   monomeric 
_pdbx_struct_assembly.oligomeric_count     1 
# 
_pdbx_struct_assembly_gen.assembly_id       1 
_pdbx_struct_assembly_gen.oper_expression   1 
_pdbx_struct_assembly_gen.asym_id_list      A,B,C,D,E,F,G 
# 
_pdbx_struct_oper_list.id                   1 
_pdbx_struct_oper_list.type                 'identity operation' 
_pdbx_struct_oper_list.name                 1_555 
_pdbx_struct_oper_list.symmetry_operation   x,y,z 
_pdbx_struct_oper_list.matrix[1][1]         1.0000000000 
_pdbx_struct_oper_list.matrix[1][2]         0.0000000000 
_pdbx_struct_oper_list.matrix[1][3]         0.0000000000 
_pdbx_struct_oper_list.vector[1]            0.0000000000 
_pdbx_struct_oper_list.matrix[2][1]         0.0000000000 
_pdbx_struct_oper_list.matrix[2][2]         1.0000000000 
_pdbx_struct_oper_list.matrix[2][3]         0.0000000000 
_pdbx_struct_oper_list.vector[2]            0.0000000000 
_pdbx_struct_oper_list.matrix[3][1]         0.0000000000 
_pdbx_struct_oper_list.matrix[3][2]         0.0000000000 
_pdbx_struct_oper_list.matrix[3][3]         1.0000000000 
_pdbx_struct_oper_list.vector[3]            0.0000000000 
# 
loop_
_pdbx_audit_revision_history.ordinal 
_pdbx_audit_revision_history.data_content_type 
_pdbx_audit_revision_history.major_revision 
_pdbx_audit_revision_history.minor_revision 
_pdbx_audit_revision_history.revision_date 
1 'Structure model' 1 0 2010-10-06 
2 'Structure model' 1 1 2011-07-13 
3 'Structure model' 1 2 2011-10-05 
4 'Structure model' 1 3 2011-11-23 
5 'Structure model' 1 4 2012-01-18 
6 'Structure model' 1 5 2023-09-06 
# 
_pdbx_audit_revision_details.ordinal             1 
_pdbx_audit_revision_details.revision_ordinal    1 
_pdbx_audit_revision_details.data_content_type   'Structure model' 
_pdbx_audit_revision_details.provider            repository 
_pdbx_audit_revision_details.type                'Initial release' 
_pdbx_audit_revision_details.description         ? 
_pdbx_audit_revision_details.details             ? 
# 
loop_
_pdbx_audit_revision_group.ordinal 
_pdbx_audit_revision_group.revision_ordinal 
_pdbx_audit_revision_group.data_content_type 
_pdbx_audit_revision_group.group 
1 2 'Structure model' 'Version format compliance' 
2 3 'Structure model' Advisory                    
3 3 'Structure model' 'Database references'       
4 4 'Structure model' 'Database references'       
5 5 'Structure model' 'Database references'       
6 6 'Structure model' 'Data collection'           
7 6 'Structure model' 'Database references'       
8 6 'Structure model' 'Derived calculations'      
9 6 'Structure model' 'Refinement description'    
# 
loop_
_pdbx_audit_revision_category.ordinal 
_pdbx_audit_revision_category.revision_ordinal 
_pdbx_audit_revision_category.data_content_type 
_pdbx_audit_revision_category.category 
1 6 'Structure model' chem_comp_atom                
2 6 'Structure model' chem_comp_bond                
3 6 'Structure model' database_2                    
4 6 'Structure model' pdbx_initial_refinement_model 
5 6 'Structure model' struct_ref_seq_dif            
6 6 'Structure model' struct_site                   
# 
loop_
_pdbx_audit_revision_item.ordinal 
_pdbx_audit_revision_item.revision_ordinal 
_pdbx_audit_revision_item.data_content_type 
_pdbx_audit_revision_item.item 
1 6 'Structure model' '_database_2.pdbx_DOI'                
2 6 'Structure model' '_database_2.pdbx_database_accession' 
3 6 'Structure model' '_struct_ref_seq_dif.details'         
4 6 'Structure model' '_struct_site.pdbx_auth_asym_id'      
5 6 'Structure model' '_struct_site.pdbx_auth_comp_id'      
6 6 'Structure model' '_struct_site.pdbx_auth_seq_id'       
# 
loop_
_pdbx_refine_tls.pdbx_refine_id 
_pdbx_refine_tls.id 
_pdbx_refine_tls.details 
_pdbx_refine_tls.method 
_pdbx_refine_tls.origin_x 
_pdbx_refine_tls.origin_y 
_pdbx_refine_tls.origin_z 
_pdbx_refine_tls.T[1][1] 
_pdbx_refine_tls.T[2][2] 
_pdbx_refine_tls.T[3][3] 
_pdbx_refine_tls.T[1][2] 
_pdbx_refine_tls.T[1][3] 
_pdbx_refine_tls.T[2][3] 
_pdbx_refine_tls.L[1][1] 
_pdbx_refine_tls.L[2][2] 
_pdbx_refine_tls.L[3][3] 
_pdbx_refine_tls.L[1][2] 
_pdbx_refine_tls.L[1][3] 
_pdbx_refine_tls.L[2][3] 
_pdbx_refine_tls.S[1][1] 
_pdbx_refine_tls.S[1][2] 
_pdbx_refine_tls.S[1][3] 
_pdbx_refine_tls.S[2][1] 
_pdbx_refine_tls.S[2][2] 
_pdbx_refine_tls.S[2][3] 
_pdbx_refine_tls.S[3][1] 
_pdbx_refine_tls.S[3][2] 
_pdbx_refine_tls.S[3][3] 
'X-RAY DIFFRACTION' 1  ? refined 3.9194   23.7768  1.7187   0.4010 0.7438 0.4295 -0.2005 0.1035  0.0980  12.9147 7.8749 13.0653 4.0527  -5.1099 -3.5506 -0.1051 1.0861  0.6633  -1.0616 0.2548  -1.0529 -0.7999 1.6049  -0.1497 
'X-RAY DIFFRACTION' 2  ? refined -0.8341  5.3171   -4.0605  0.1596 0.1401 0.1330 -0.0127 0.0090  0.0200  0.9539  1.9659 0.9765  -0.2196 -0.0396 0.0764  -0.0767 0.1466  0.0516  -0.3097 0.0551  -0.0144 -0.1157 0.0176  0.0216  
'X-RAY DIFFRACTION' 3  ? refined 14.4451  -2.0365  -3.5539  0.2061 0.1226 0.2457 -0.0083 0.1093  -0.0162 6.2522  2.0639 3.5331  -3.4338 1.1415  0.0684  0.3071  0.3810  -0.1490 -0.1673 -0.1662 -0.0295 0.3150  0.2614  -0.1408 
'X-RAY DIFFRACTION' 4  ? refined 12.9385  -16.7182 -0.3395  0.6143 0.7198 0.7507 -0.4914 -0.0424 -0.0768 10.0532 2.8155 3.7876  3.1431  -2.9706 -1.4564 -0.2462 0.2469  -0.8957 -0.5520 -0.0989 0.3533  1.3209  -1.3631 0.3450  
'X-RAY DIFFRACTION' 5  ? refined 13.1559  4.7008   5.4784   0.1123 0.1820 0.1775 -0.0084 0.0112  -0.0119 5.7603  9.3257 2.0237  -2.2431 -0.6081 1.0056  -0.2017 -0.1978 0.0737  0.1376  0.1338  -0.6003 -0.0807 0.3260  0.0680  
'X-RAY DIFFRACTION' 6  ? refined 1.1097   2.0079   4.8090   0.1443 0.1302 0.1400 0.0082  0.0189  0.0055  1.5305  1.3340 0.7407  0.1262  0.0810  0.1002  -0.0518 -0.0820 -0.0912 0.0763  0.0782  -0.0763 0.0265  0.0752  -0.0265 
'X-RAY DIFFRACTION' 7  ? refined -6.4697  -13.0888 -10.0164 0.1977 0.1605 0.1487 -0.0422 0.0198  -0.0099 6.6632  5.5171 2.1383  -0.0291 -0.8730 1.8512  -0.1493 0.5773  -0.0732 -0.6782 0.2258  -0.1579 -0.0201 0.1251  -0.0765 
'X-RAY DIFFRACTION' 8  ? refined 0.6916   -18.5162 -5.3700  0.3385 0.1826 0.3126 0.0264  0.0950  0.0174  7.2421  1.2904 10.4342 0.8932  -2.4333 1.1570  -0.0277 0.5601  -0.3705 -0.4212 0.0878  -0.4581 0.4396  0.5274  -0.0601 
'X-RAY DIFFRACTION' 9  ? refined -5.2308  -10.2308 6.7099   0.1694 0.1533 0.2512 0.0217  0.0691  0.0445  1.9250  5.4467 5.2064  3.1374  2.3638  3.7057  0.0632  -0.0787 -0.0505 0.2403  -0.0258 0.1783  0.0999  -0.0855 -0.0375 
'X-RAY DIFFRACTION' 10 ? refined -5.8062  3.2309   13.1583  0.1827 0.1495 0.1547 -0.0090 0.0067  -0.0018 16.1253 6.6427 12.3330 -4.6488 -2.2434 -1.5167 -0.1357 -0.5222 -0.2155 0.5208  0.0727  0.4870  0.0566  -0.5516 0.0630  
'X-RAY DIFFRACTION' 11 ? refined -12.5535 1.0855   -4.5216  0.1272 0.1343 0.2104 -0.0056 -0.0331 0.0102  2.7038  4.5001 3.8941  0.3271  0.1174  0.9349  -0.0376 0.2215  -0.0675 -0.4646 0.0099  0.5476  -0.0094 -0.4006 0.0277  
'X-RAY DIFFRACTION' 12 ? refined -8.0328  16.4628  2.9908   0.1504 0.1358 0.1605 0.0302  0.0111  0.0198  3.4783  3.9494 4.5308  1.2677  1.2855  0.7816  -0.0380 -0.1566 0.1478  0.0912  -0.0112 0.2912  -0.1337 -0.1784 0.0492  
# 
loop_
_pdbx_refine_tls_group.pdbx_refine_id 
_pdbx_refine_tls_group.id 
_pdbx_refine_tls_group.refine_tls_id 
_pdbx_refine_tls_group.beg_auth_asym_id 
_pdbx_refine_tls_group.beg_auth_seq_id 
_pdbx_refine_tls_group.end_auth_asym_id 
_pdbx_refine_tls_group.end_auth_seq_id 
_pdbx_refine_tls_group.selection_details 
_pdbx_refine_tls_group.beg_label_asym_id 
_pdbx_refine_tls_group.beg_label_seq_id 
_pdbx_refine_tls_group.end_label_asym_id 
_pdbx_refine_tls_group.end_label_seq_id 
_pdbx_refine_tls_group.selection 
'X-RAY DIFFRACTION' 1  1  A -2  A 2   ? . . . . ? 
'X-RAY DIFFRACTION' 2  2  A 3   A 32  ? . . . . ? 
'X-RAY DIFFRACTION' 3  3  A 33  A 45  ? . . . . ? 
'X-RAY DIFFRACTION' 4  4  A 46  A 55  ? . . . . ? 
'X-RAY DIFFRACTION' 5  5  A 56  A 71  ? . . . . ? 
'X-RAY DIFFRACTION' 6  6  A 72  A 97  ? . . . . ? 
'X-RAY DIFFRACTION' 7  7  A 98  A 110 ? . . . . ? 
'X-RAY DIFFRACTION' 8  8  A 111 A 120 ? . . . . ? 
'X-RAY DIFFRACTION' 9  9  A 121 A 135 ? . . . . ? 
'X-RAY DIFFRACTION' 10 10 A 136 A 140 ? . . . . ? 
'X-RAY DIFFRACTION' 11 11 A 141 A 156 ? . . . . ? 
'X-RAY DIFFRACTION' 12 12 A 157 A 172 ? . . . . ? 
# 
loop_
_software.name 
_software.classification 
_software.version 
_software.citation_id 
_software.pdbx_ordinal 
MOLREP phasing          .        ? 1 
REFMAC refinement       5.5.0072 ? 2 
MOSFLM 'data reduction' .        ? 3 
SCALA  'data scaling'   .        ? 4 
# 
loop_
_pdbx_validate_torsion.id 
_pdbx_validate_torsion.PDB_model_num 
_pdbx_validate_torsion.auth_comp_id 
_pdbx_validate_torsion.auth_asym_id 
_pdbx_validate_torsion.auth_seq_id 
_pdbx_validate_torsion.PDB_ins_code 
_pdbx_validate_torsion.label_alt_id 
_pdbx_validate_torsion.phi 
_pdbx_validate_torsion.psi 
1 1 ASP A 52 ? ? 55.07   75.12 
2 1 HIS A 79 ? ? -89.54  42.56 
3 1 CYS A 81 ? ? -153.45 -7.32 
# 
loop_
_pdbx_unobs_or_zero_occ_residues.id 
_pdbx_unobs_or_zero_occ_residues.PDB_model_num 
_pdbx_unobs_or_zero_occ_residues.polymer_flag 
_pdbx_unobs_or_zero_occ_residues.occupancy_flag 
_pdbx_unobs_or_zero_occ_residues.auth_asym_id 
_pdbx_unobs_or_zero_occ_residues.auth_comp_id 
_pdbx_unobs_or_zero_occ_residues.auth_seq_id 
_pdbx_unobs_or_zero_occ_residues.PDB_ins_code 
_pdbx_unobs_or_zero_occ_residues.label_asym_id 
_pdbx_unobs_or_zero_occ_residues.label_comp_id 
_pdbx_unobs_or_zero_occ_residues.label_seq_id 
1 1 Y 1 A GLY -7 ? A GLY 1 
2 1 Y 1 A PRO -6 ? A PRO 2 
3 1 Y 1 A LEU -5 ? A LEU 3 
4 1 Y 1 A GLY -4 ? A GLY 4 
5 1 Y 1 A SER -3 ? A SER 5 
# 
loop_
_chem_comp_atom.comp_id 
_chem_comp_atom.atom_id 
_chem_comp_atom.type_symbol 
_chem_comp_atom.pdbx_aromatic_flag 
_chem_comp_atom.pdbx_stereo_config 
_chem_comp_atom.pdbx_ordinal 
ALA N    N N N 1   
ALA CA   C N S 2   
ALA C    C N N 3   
ALA O    O N N 4   
ALA CB   C N N 5   
ALA OXT  O N N 6   
ALA H    H N N 7   
ALA H2   H N N 8   
ALA HA   H N N 9   
ALA HB1  H N N 10  
ALA HB2  H N N 11  
ALA HB3  H N N 12  
ALA HXT  H N N 13  
ARG N    N N N 14  
ARG CA   C N S 15  
ARG C    C N N 16  
ARG O    O N N 17  
ARG CB   C N N 18  
ARG CG   C N N 19  
ARG CD   C N N 20  
ARG NE   N N N 21  
ARG CZ   C N N 22  
ARG NH1  N N N 23  
ARG NH2  N N N 24  
ARG OXT  O N N 25  
ARG H    H N N 26  
ARG H2   H N N 27  
ARG HA   H N N 28  
ARG HB2  H N N 29  
ARG HB3  H N N 30  
ARG HG2  H N N 31  
ARG HG3  H N N 32  
ARG HD2  H N N 33  
ARG HD3  H N N 34  
ARG HE   H N N 35  
ARG HH11 H N N 36  
ARG HH12 H N N 37  
ARG HH21 H N N 38  
ARG HH22 H N N 39  
ARG HXT  H N N 40  
ASN N    N N N 41  
ASN CA   C N S 42  
ASN C    C N N 43  
ASN O    O N N 44  
ASN CB   C N N 45  
ASN CG   C N N 46  
ASN OD1  O N N 47  
ASN ND2  N N N 48  
ASN OXT  O N N 49  
ASN H    H N N 50  
ASN H2   H N N 51  
ASN HA   H N N 52  
ASN HB2  H N N 53  
ASN HB3  H N N 54  
ASN HD21 H N N 55  
ASN HD22 H N N 56  
ASN HXT  H N N 57  
ASP N    N N N 58  
ASP CA   C N S 59  
ASP C    C N N 60  
ASP O    O N N 61  
ASP CB   C N N 62  
ASP CG   C N N 63  
ASP OD1  O N N 64  
ASP OD2  O N N 65  
ASP OXT  O N N 66  
ASP H    H N N 67  
ASP H2   H N N 68  
ASP HA   H N N 69  
ASP HB2  H N N 70  
ASP HB3  H N N 71  
ASP HD2  H N N 72  
ASP HXT  H N N 73  
CYS N    N N N 74  
CYS CA   C N R 75  
CYS C    C N N 76  
CYS O    O N N 77  
CYS CB   C N N 78  
CYS SG   S N N 79  
CYS OXT  O N N 80  
CYS H    H N N 81  
CYS H2   H N N 82  
CYS HA   H N N 83  
CYS HB2  H N N 84  
CYS HB3  H N N 85  
CYS HG   H N N 86  
CYS HXT  H N N 87  
GLN N    N N N 88  
GLN CA   C N S 89  
GLN C    C N N 90  
GLN O    O N N 91  
GLN CB   C N N 92  
GLN CG   C N N 93  
GLN CD   C N N 94  
GLN OE1  O N N 95  
GLN NE2  N N N 96  
GLN OXT  O N N 97  
GLN H    H N N 98  
GLN H2   H N N 99  
GLN HA   H N N 100 
GLN HB2  H N N 101 
GLN HB3  H N N 102 
GLN HG2  H N N 103 
GLN HG3  H N N 104 
GLN HE21 H N N 105 
GLN HE22 H N N 106 
GLN HXT  H N N 107 
GLU N    N N N 108 
GLU CA   C N S 109 
GLU C    C N N 110 
GLU O    O N N 111 
GLU CB   C N N 112 
GLU CG   C N N 113 
GLU CD   C N N 114 
GLU OE1  O N N 115 
GLU OE2  O N N 116 
GLU OXT  O N N 117 
GLU H    H N N 118 
GLU H2   H N N 119 
GLU HA   H N N 120 
GLU HB2  H N N 121 
GLU HB3  H N N 122 
GLU HG2  H N N 123 
GLU HG3  H N N 124 
GLU HE2  H N N 125 
GLU HXT  H N N 126 
GLY N    N N N 127 
GLY CA   C N N 128 
GLY C    C N N 129 
GLY O    O N N 130 
GLY OXT  O N N 131 
GLY H    H N N 132 
GLY H2   H N N 133 
GLY HA2  H N N 134 
GLY HA3  H N N 135 
GLY HXT  H N N 136 
HIS N    N N N 137 
HIS CA   C N S 138 
HIS C    C N N 139 
HIS O    O N N 140 
HIS CB   C N N 141 
HIS CG   C Y N 142 
HIS ND1  N Y N 143 
HIS CD2  C Y N 144 
HIS CE1  C Y N 145 
HIS NE2  N Y N 146 
HIS OXT  O N N 147 
HIS H    H N N 148 
HIS H2   H N N 149 
HIS HA   H N N 150 
HIS HB2  H N N 151 
HIS HB3  H N N 152 
HIS HD1  H N N 153 
HIS HD2  H N N 154 
HIS HE1  H N N 155 
HIS HE2  H N N 156 
HIS HXT  H N N 157 
HOH O    O N N 158 
HOH H1   H N N 159 
HOH H2   H N N 160 
ILE N    N N N 161 
ILE CA   C N S 162 
ILE C    C N N 163 
ILE O    O N N 164 
ILE CB   C N S 165 
ILE CG1  C N N 166 
ILE CG2  C N N 167 
ILE CD1  C N N 168 
ILE OXT  O N N 169 
ILE H    H N N 170 
ILE H2   H N N 171 
ILE HA   H N N 172 
ILE HB   H N N 173 
ILE HG12 H N N 174 
ILE HG13 H N N 175 
ILE HG21 H N N 176 
ILE HG22 H N N 177 
ILE HG23 H N N 178 
ILE HD11 H N N 179 
ILE HD12 H N N 180 
ILE HD13 H N N 181 
ILE HXT  H N N 182 
LEU N    N N N 183 
LEU CA   C N S 184 
LEU C    C N N 185 
LEU O    O N N 186 
LEU CB   C N N 187 
LEU CG   C N N 188 
LEU CD1  C N N 189 
LEU CD2  C N N 190 
LEU OXT  O N N 191 
LEU H    H N N 192 
LEU H2   H N N 193 
LEU HA   H N N 194 
LEU HB2  H N N 195 
LEU HB3  H N N 196 
LEU HG   H N N 197 
LEU HD11 H N N 198 
LEU HD12 H N N 199 
LEU HD13 H N N 200 
LEU HD21 H N N 201 
LEU HD22 H N N 202 
LEU HD23 H N N 203 
LEU HXT  H N N 204 
LYS N    N N N 205 
LYS CA   C N S 206 
LYS C    C N N 207 
LYS O    O N N 208 
LYS CB   C N N 209 
LYS CG   C N N 210 
LYS CD   C N N 211 
LYS CE   C N N 212 
LYS NZ   N N N 213 
LYS OXT  O N N 214 
LYS H    H N N 215 
LYS H2   H N N 216 
LYS HA   H N N 217 
LYS HB2  H N N 218 
LYS HB3  H N N 219 
LYS HG2  H N N 220 
LYS HG3  H N N 221 
LYS HD2  H N N 222 
LYS HD3  H N N 223 
LYS HE2  H N N 224 
LYS HE3  H N N 225 
LYS HZ1  H N N 226 
LYS HZ2  H N N 227 
LYS HZ3  H N N 228 
LYS HXT  H N N 229 
MET N    N N N 230 
MET CA   C N S 231 
MET C    C N N 232 
MET O    O N N 233 
MET CB   C N N 234 
MET CG   C N N 235 
MET SD   S N N 236 
MET CE   C N N 237 
MET OXT  O N N 238 
MET H    H N N 239 
MET H2   H N N 240 
MET HA   H N N 241 
MET HB2  H N N 242 
MET HB3  H N N 243 
MET HG2  H N N 244 
MET HG3  H N N 245 
MET HE1  H N N 246 
MET HE2  H N N 247 
MET HE3  H N N 248 
MET HXT  H N N 249 
PHE N    N N N 250 
PHE CA   C N S 251 
PHE C    C N N 252 
PHE O    O N N 253 
PHE CB   C N N 254 
PHE CG   C Y N 255 
PHE CD1  C Y N 256 
PHE CD2  C Y N 257 
PHE CE1  C Y N 258 
PHE CE2  C Y N 259 
PHE CZ   C Y N 260 
PHE OXT  O N N 261 
PHE H    H N N 262 
PHE H2   H N N 263 
PHE HA   H N N 264 
PHE HB2  H N N 265 
PHE HB3  H N N 266 
PHE HD1  H N N 267 
PHE HD2  H N N 268 
PHE HE1  H N N 269 
PHE HE2  H N N 270 
PHE HZ   H N N 271 
PHE HXT  H N N 272 
PRO N    N N N 273 
PRO CA   C N S 274 
PRO C    C N N 275 
PRO O    O N N 276 
PRO CB   C N N 277 
PRO CG   C N N 278 
PRO CD   C N N 279 
PRO OXT  O N N 280 
PRO H    H N N 281 
PRO HA   H N N 282 
PRO HB2  H N N 283 
PRO HB3  H N N 284 
PRO HG2  H N N 285 
PRO HG3  H N N 286 
PRO HD2  H N N 287 
PRO HD3  H N N 288 
PRO HXT  H N N 289 
SER N    N N N 290 
SER CA   C N S 291 
SER C    C N N 292 
SER O    O N N 293 
SER CB   C N N 294 
SER OG   O N N 295 
SER OXT  O N N 296 
SER H    H N N 297 
SER H2   H N N 298 
SER HA   H N N 299 
SER HB2  H N N 300 
SER HB3  H N N 301 
SER HG   H N N 302 
SER HXT  H N N 303 
SO4 S    S N N 304 
SO4 O1   O N N 305 
SO4 O2   O N N 306 
SO4 O3   O N N 307 
SO4 O4   O N N 308 
THR N    N N N 309 
THR CA   C N S 310 
THR C    C N N 311 
THR O    O N N 312 
THR CB   C N R 313 
THR OG1  O N N 314 
THR CG2  C N N 315 
THR OXT  O N N 316 
THR H    H N N 317 
THR H2   H N N 318 
THR HA   H N N 319 
THR HB   H N N 320 
THR HG1  H N N 321 
THR HG21 H N N 322 
THR HG22 H N N 323 
THR HG23 H N N 324 
THR HXT  H N N 325 
TRP N    N N N 326 
TRP CA   C N S 327 
TRP C    C N N 328 
TRP O    O N N 329 
TRP CB   C N N 330 
TRP CG   C Y N 331 
TRP CD1  C Y N 332 
TRP CD2  C Y N 333 
TRP NE1  N Y N 334 
TRP CE2  C Y N 335 
TRP CE3  C Y N 336 
TRP CZ2  C Y N 337 
TRP CZ3  C Y N 338 
TRP CH2  C Y N 339 
TRP OXT  O N N 340 
TRP H    H N N 341 
TRP H2   H N N 342 
TRP HA   H N N 343 
TRP HB2  H N N 344 
TRP HB3  H N N 345 
TRP HD1  H N N 346 
TRP HE1  H N N 347 
TRP HE3  H N N 348 
TRP HZ2  H N N 349 
TRP HZ3  H N N 350 
TRP HH2  H N N 351 
TRP HXT  H N N 352 
TYR N    N N N 353 
TYR CA   C N S 354 
TYR C    C N N 355 
TYR O    O N N 356 
TYR CB   C N N 357 
TYR CG   C Y N 358 
TYR CD1  C Y N 359 
TYR CD2  C Y N 360 
TYR CE1  C Y N 361 
TYR CE2  C Y N 362 
TYR CZ   C Y N 363 
TYR OH   O N N 364 
TYR OXT  O N N 365 
TYR H    H N N 366 
TYR H2   H N N 367 
TYR HA   H N N 368 
TYR HB2  H N N 369 
TYR HB3  H N N 370 
TYR HD1  H N N 371 
TYR HD2  H N N 372 
TYR HE1  H N N 373 
TYR HE2  H N N 374 
TYR HH   H N N 375 
TYR HXT  H N N 376 
VAL N    N N N 377 
VAL CA   C N S 378 
VAL C    C N N 379 
VAL O    O N N 380 
VAL CB   C N N 381 
VAL CG1  C N N 382 
VAL CG2  C N N 383 
VAL OXT  O N N 384 
VAL H    H N N 385 
VAL H2   H N N 386 
VAL HA   H N N 387 
VAL HB   H N N 388 
VAL HG11 H N N 389 
VAL HG12 H N N 390 
VAL HG13 H N N 391 
VAL HG21 H N N 392 
VAL HG22 H N N 393 
VAL HG23 H N N 394 
VAL HXT  H N N 395 
# 
loop_
_chem_comp_bond.comp_id 
_chem_comp_bond.atom_id_1 
_chem_comp_bond.atom_id_2 
_chem_comp_bond.value_order 
_chem_comp_bond.pdbx_aromatic_flag 
_chem_comp_bond.pdbx_stereo_config 
_chem_comp_bond.pdbx_ordinal 
ALA N   CA   sing N N 1   
ALA N   H    sing N N 2   
ALA N   H2   sing N N 3   
ALA CA  C    sing N N 4   
ALA CA  CB   sing N N 5   
ALA CA  HA   sing N N 6   
ALA C   O    doub N N 7   
ALA C   OXT  sing N N 8   
ALA CB  HB1  sing N N 9   
ALA CB  HB2  sing N N 10  
ALA CB  HB3  sing N N 11  
ALA OXT HXT  sing N N 12  
ARG N   CA   sing N N 13  
ARG N   H    sing N N 14  
ARG N   H2   sing N N 15  
ARG CA  C    sing N N 16  
ARG CA  CB   sing N N 17  
ARG CA  HA   sing N N 18  
ARG C   O    doub N N 19  
ARG C   OXT  sing N N 20  
ARG CB  CG   sing N N 21  
ARG CB  HB2  sing N N 22  
ARG CB  HB3  sing N N 23  
ARG CG  CD   sing N N 24  
ARG CG  HG2  sing N N 25  
ARG CG  HG3  sing N N 26  
ARG CD  NE   sing N N 27  
ARG CD  HD2  sing N N 28  
ARG CD  HD3  sing N N 29  
ARG NE  CZ   sing N N 30  
ARG NE  HE   sing N N 31  
ARG CZ  NH1  sing N N 32  
ARG CZ  NH2  doub N N 33  
ARG NH1 HH11 sing N N 34  
ARG NH1 HH12 sing N N 35  
ARG NH2 HH21 sing N N 36  
ARG NH2 HH22 sing N N 37  
ARG OXT HXT  sing N N 38  
ASN N   CA   sing N N 39  
ASN N   H    sing N N 40  
ASN N   H2   sing N N 41  
ASN CA  C    sing N N 42  
ASN CA  CB   sing N N 43  
ASN CA  HA   sing N N 44  
ASN C   O    doub N N 45  
ASN C   OXT  sing N N 46  
ASN CB  CG   sing N N 47  
ASN CB  HB2  sing N N 48  
ASN CB  HB3  sing N N 49  
ASN CG  OD1  doub N N 50  
ASN CG  ND2  sing N N 51  
ASN ND2 HD21 sing N N 52  
ASN ND2 HD22 sing N N 53  
ASN OXT HXT  sing N N 54  
ASP N   CA   sing N N 55  
ASP N   H    sing N N 56  
ASP N   H2   sing N N 57  
ASP CA  C    sing N N 58  
ASP CA  CB   sing N N 59  
ASP CA  HA   sing N N 60  
ASP C   O    doub N N 61  
ASP C   OXT  sing N N 62  
ASP CB  CG   sing N N 63  
ASP CB  HB2  sing N N 64  
ASP CB  HB3  sing N N 65  
ASP CG  OD1  doub N N 66  
ASP CG  OD2  sing N N 67  
ASP OD2 HD2  sing N N 68  
ASP OXT HXT  sing N N 69  
CYS N   CA   sing N N 70  
CYS N   H    sing N N 71  
CYS N   H2   sing N N 72  
CYS CA  C    sing N N 73  
CYS CA  CB   sing N N 74  
CYS CA  HA   sing N N 75  
CYS C   O    doub N N 76  
CYS C   OXT  sing N N 77  
CYS CB  SG   sing N N 78  
CYS CB  HB2  sing N N 79  
CYS CB  HB3  sing N N 80  
CYS SG  HG   sing N N 81  
CYS OXT HXT  sing N N 82  
GLN N   CA   sing N N 83  
GLN N   H    sing N N 84  
GLN N   H2   sing N N 85  
GLN CA  C    sing N N 86  
GLN CA  CB   sing N N 87  
GLN CA  HA   sing N N 88  
GLN C   O    doub N N 89  
GLN C   OXT  sing N N 90  
GLN CB  CG   sing N N 91  
GLN CB  HB2  sing N N 92  
GLN CB  HB3  sing N N 93  
GLN CG  CD   sing N N 94  
GLN CG  HG2  sing N N 95  
GLN CG  HG3  sing N N 96  
GLN CD  OE1  doub N N 97  
GLN CD  NE2  sing N N 98  
GLN NE2 HE21 sing N N 99  
GLN NE2 HE22 sing N N 100 
GLN OXT HXT  sing N N 101 
GLU N   CA   sing N N 102 
GLU N   H    sing N N 103 
GLU N   H2   sing N N 104 
GLU CA  C    sing N N 105 
GLU CA  CB   sing N N 106 
GLU CA  HA   sing N N 107 
GLU C   O    doub N N 108 
GLU C   OXT  sing N N 109 
GLU CB  CG   sing N N 110 
GLU CB  HB2  sing N N 111 
GLU CB  HB3  sing N N 112 
GLU CG  CD   sing N N 113 
GLU CG  HG2  sing N N 114 
GLU CG  HG3  sing N N 115 
GLU CD  OE1  doub N N 116 
GLU CD  OE2  sing N N 117 
GLU OE2 HE2  sing N N 118 
GLU OXT HXT  sing N N 119 
GLY N   CA   sing N N 120 
GLY N   H    sing N N 121 
GLY N   H2   sing N N 122 
GLY CA  C    sing N N 123 
GLY CA  HA2  sing N N 124 
GLY CA  HA3  sing N N 125 
GLY C   O    doub N N 126 
GLY C   OXT  sing N N 127 
GLY OXT HXT  sing N N 128 
HIS N   CA   sing N N 129 
HIS N   H    sing N N 130 
HIS N   H2   sing N N 131 
HIS CA  C    sing N N 132 
HIS CA  CB   sing N N 133 
HIS CA  HA   sing N N 134 
HIS C   O    doub N N 135 
HIS C   OXT  sing N N 136 
HIS CB  CG   sing N N 137 
HIS CB  HB2  sing N N 138 
HIS CB  HB3  sing N N 139 
HIS CG  ND1  sing Y N 140 
HIS CG  CD2  doub Y N 141 
HIS ND1 CE1  doub Y N 142 
HIS ND1 HD1  sing N N 143 
HIS CD2 NE2  sing Y N 144 
HIS CD2 HD2  sing N N 145 
HIS CE1 NE2  sing Y N 146 
HIS CE1 HE1  sing N N 147 
HIS NE2 HE2  sing N N 148 
HIS OXT HXT  sing N N 149 
HOH O   H1   sing N N 150 
HOH O   H2   sing N N 151 
ILE N   CA   sing N N 152 
ILE N   H    sing N N 153 
ILE N   H2   sing N N 154 
ILE CA  C    sing N N 155 
ILE CA  CB   sing N N 156 
ILE CA  HA   sing N N 157 
ILE C   O    doub N N 158 
ILE C   OXT  sing N N 159 
ILE CB  CG1  sing N N 160 
ILE CB  CG2  sing N N 161 
ILE CB  HB   sing N N 162 
ILE CG1 CD1  sing N N 163 
ILE CG1 HG12 sing N N 164 
ILE CG1 HG13 sing N N 165 
ILE CG2 HG21 sing N N 166 
ILE CG2 HG22 sing N N 167 
ILE CG2 HG23 sing N N 168 
ILE CD1 HD11 sing N N 169 
ILE CD1 HD12 sing N N 170 
ILE CD1 HD13 sing N N 171 
ILE OXT HXT  sing N N 172 
LEU N   CA   sing N N 173 
LEU N   H    sing N N 174 
LEU N   H2   sing N N 175 
LEU CA  C    sing N N 176 
LEU CA  CB   sing N N 177 
LEU CA  HA   sing N N 178 
LEU C   O    doub N N 179 
LEU C   OXT  sing N N 180 
LEU CB  CG   sing N N 181 
LEU CB  HB2  sing N N 182 
LEU CB  HB3  sing N N 183 
LEU CG  CD1  sing N N 184 
LEU CG  CD2  sing N N 185 
LEU CG  HG   sing N N 186 
LEU CD1 HD11 sing N N 187 
LEU CD1 HD12 sing N N 188 
LEU CD1 HD13 sing N N 189 
LEU CD2 HD21 sing N N 190 
LEU CD2 HD22 sing N N 191 
LEU CD2 HD23 sing N N 192 
LEU OXT HXT  sing N N 193 
LYS N   CA   sing N N 194 
LYS N   H    sing N N 195 
LYS N   H2   sing N N 196 
LYS CA  C    sing N N 197 
LYS CA  CB   sing N N 198 
LYS CA  HA   sing N N 199 
LYS C   O    doub N N 200 
LYS C   OXT  sing N N 201 
LYS CB  CG   sing N N 202 
LYS CB  HB2  sing N N 203 
LYS CB  HB3  sing N N 204 
LYS CG  CD   sing N N 205 
LYS CG  HG2  sing N N 206 
LYS CG  HG3  sing N N 207 
LYS CD  CE   sing N N 208 
LYS CD  HD2  sing N N 209 
LYS CD  HD3  sing N N 210 
LYS CE  NZ   sing N N 211 
LYS CE  HE2  sing N N 212 
LYS CE  HE3  sing N N 213 
LYS NZ  HZ1  sing N N 214 
LYS NZ  HZ2  sing N N 215 
LYS NZ  HZ3  sing N N 216 
LYS OXT HXT  sing N N 217 
MET N   CA   sing N N 218 
MET N   H    sing N N 219 
MET N   H2   sing N N 220 
MET CA  C    sing N N 221 
MET CA  CB   sing N N 222 
MET CA  HA   sing N N 223 
MET C   O    doub N N 224 
MET C   OXT  sing N N 225 
MET CB  CG   sing N N 226 
MET CB  HB2  sing N N 227 
MET CB  HB3  sing N N 228 
MET CG  SD   sing N N 229 
MET CG  HG2  sing N N 230 
MET CG  HG3  sing N N 231 
MET SD  CE   sing N N 232 
MET CE  HE1  sing N N 233 
MET CE  HE2  sing N N 234 
MET CE  HE3  sing N N 235 
MET OXT HXT  sing N N 236 
PHE N   CA   sing N N 237 
PHE N   H    sing N N 238 
PHE N   H2   sing N N 239 
PHE CA  C    sing N N 240 
PHE CA  CB   sing N N 241 
PHE CA  HA   sing N N 242 
PHE C   O    doub N N 243 
PHE C   OXT  sing N N 244 
PHE CB  CG   sing N N 245 
PHE CB  HB2  sing N N 246 
PHE CB  HB3  sing N N 247 
PHE CG  CD1  doub Y N 248 
PHE CG  CD2  sing Y N 249 
PHE CD1 CE1  sing Y N 250 
PHE CD1 HD1  sing N N 251 
PHE CD2 CE2  doub Y N 252 
PHE CD2 HD2  sing N N 253 
PHE CE1 CZ   doub Y N 254 
PHE CE1 HE1  sing N N 255 
PHE CE2 CZ   sing Y N 256 
PHE CE2 HE2  sing N N 257 
PHE CZ  HZ   sing N N 258 
PHE OXT HXT  sing N N 259 
PRO N   CA   sing N N 260 
PRO N   CD   sing N N 261 
PRO N   H    sing N N 262 
PRO CA  C    sing N N 263 
PRO CA  CB   sing N N 264 
PRO CA  HA   sing N N 265 
PRO C   O    doub N N 266 
PRO C   OXT  sing N N 267 
PRO CB  CG   sing N N 268 
PRO CB  HB2  sing N N 269 
PRO CB  HB3  sing N N 270 
PRO CG  CD   sing N N 271 
PRO CG  HG2  sing N N 272 
PRO CG  HG3  sing N N 273 
PRO CD  HD2  sing N N 274 
PRO CD  HD3  sing N N 275 
PRO OXT HXT  sing N N 276 
SER N   CA   sing N N 277 
SER N   H    sing N N 278 
SER N   H2   sing N N 279 
SER CA  C    sing N N 280 
SER CA  CB   sing N N 281 
SER CA  HA   sing N N 282 
SER C   O    doub N N 283 
SER C   OXT  sing N N 284 
SER CB  OG   sing N N 285 
SER CB  HB2  sing N N 286 
SER CB  HB3  sing N N 287 
SER OG  HG   sing N N 288 
SER OXT HXT  sing N N 289 
SO4 S   O1   doub N N 290 
SO4 S   O2   doub N N 291 
SO4 S   O3   sing N N 292 
SO4 S   O4   sing N N 293 
THR N   CA   sing N N 294 
THR N   H    sing N N 295 
THR N   H2   sing N N 296 
THR CA  C    sing N N 297 
THR CA  CB   sing N N 298 
THR CA  HA   sing N N 299 
THR C   O    doub N N 300 
THR C   OXT  sing N N 301 
THR CB  OG1  sing N N 302 
THR CB  CG2  sing N N 303 
THR CB  HB   sing N N 304 
THR OG1 HG1  sing N N 305 
THR CG2 HG21 sing N N 306 
THR CG2 HG22 sing N N 307 
THR CG2 HG23 sing N N 308 
THR OXT HXT  sing N N 309 
TRP N   CA   sing N N 310 
TRP N   H    sing N N 311 
TRP N   H2   sing N N 312 
TRP CA  C    sing N N 313 
TRP CA  CB   sing N N 314 
TRP CA  HA   sing N N 315 
TRP C   O    doub N N 316 
TRP C   OXT  sing N N 317 
TRP CB  CG   sing N N 318 
TRP CB  HB2  sing N N 319 
TRP CB  HB3  sing N N 320 
TRP CG  CD1  doub Y N 321 
TRP CG  CD2  sing Y N 322 
TRP CD1 NE1  sing Y N 323 
TRP CD1 HD1  sing N N 324 
TRP CD2 CE2  doub Y N 325 
TRP CD2 CE3  sing Y N 326 
TRP NE1 CE2  sing Y N 327 
TRP NE1 HE1  sing N N 328 
TRP CE2 CZ2  sing Y N 329 
TRP CE3 CZ3  doub Y N 330 
TRP CE3 HE3  sing N N 331 
TRP CZ2 CH2  doub Y N 332 
TRP CZ2 HZ2  sing N N 333 
TRP CZ3 CH2  sing Y N 334 
TRP CZ3 HZ3  sing N N 335 
TRP CH2 HH2  sing N N 336 
TRP OXT HXT  sing N N 337 
TYR N   CA   sing N N 338 
TYR N   H    sing N N 339 
TYR N   H2   sing N N 340 
TYR CA  C    sing N N 341 
TYR CA  CB   sing N N 342 
TYR CA  HA   sing N N 343 
TYR C   O    doub N N 344 
TYR C   OXT  sing N N 345 
TYR CB  CG   sing N N 346 
TYR CB  HB2  sing N N 347 
TYR CB  HB3  sing N N 348 
TYR CG  CD1  doub Y N 349 
TYR CG  CD2  sing Y N 350 
TYR CD1 CE1  sing Y N 351 
TYR CD1 HD1  sing N N 352 
TYR CD2 CE2  doub Y N 353 
TYR CD2 HD2  sing N N 354 
TYR CE1 CZ   doub Y N 355 
TYR CE1 HE1  sing N N 356 
TYR CE2 CZ   sing Y N 357 
TYR CE2 HE2  sing N N 358 
TYR CZ  OH   sing N N 359 
TYR OH  HH   sing N N 360 
TYR OXT HXT  sing N N 361 
VAL N   CA   sing N N 362 
VAL N   H    sing N N 363 
VAL N   H2   sing N N 364 
VAL CA  C    sing N N 365 
VAL CA  CB   sing N N 366 
VAL CA  HA   sing N N 367 
VAL C   O    doub N N 368 
VAL C   OXT  sing N N 369 
VAL CB  CG1  sing N N 370 
VAL CB  CG2  sing N N 371 
VAL CB  HB   sing N N 372 
VAL CG1 HG11 sing N N 373 
VAL CG1 HG12 sing N N 374 
VAL CG1 HG13 sing N N 375 
VAL CG2 HG21 sing N N 376 
VAL CG2 HG22 sing N N 377 
VAL CG2 HG23 sing N N 378 
VAL OXT HXT  sing N N 379 
# 
loop_
_pdbx_entity_nonpoly.entity_id 
_pdbx_entity_nonpoly.name 
_pdbx_entity_nonpoly.comp_id 
2 'SULFATE ION' SO4 
3 water         HOH 
# 
_pdbx_initial_refinement_model.id               1 
_pdbx_initial_refinement_model.entity_id_list   ? 
_pdbx_initial_refinement_model.type             'experimental model' 
_pdbx_initial_refinement_model.source_name      PDB 
_pdbx_initial_refinement_model.accession_code   1RKB 
_pdbx_initial_refinement_model.details          ? 
# 
